data_8UZN
#
_entry.id   8UZN
#
_cell.length_a   83.883
_cell.length_b   100.503
_cell.length_c   123.717
_cell.angle_alpha   90.00
_cell.angle_beta   95.87
_cell.angle_gamma   90.00
#
_symmetry.space_group_name_H-M   'P 1 21 1'
#
loop_
_entity.id
_entity.type
_entity.pdbx_description
1 polymer 'Betaine aldehyde dehydrogenase'
2 non-polymer 'ADENOSINE MONOPHOSPHATE'
3 non-polymer 'SODIUM ION'
4 water water
#
_entity_poly.entity_id   1
_entity_poly.type   'polypeptide(L)'
_entity_poly.pdbx_seq_one_letter_code
;MAHHHHHHHMSRMAEQQLYIHGKFVAATSGKTFETINPATGEVLATVQAAGREDVDRAVKSAQQGQKVWAAMSAMARSRI
LRKAVDILRERNDELARLETLDTGKPLSETAAVDIVTGADVLEYYAGLIPALEGSQIPLRDSSFVYTRREPLGVVAGIGA
WNYPIQIALWKSAPALAAGNAMIFKPSEVTPLTALKLAEIYREAGLPDGVFNVLPGIGAETGQYLTEHPDIAKISFTGGV
ASGKKVMANSAASSLKEVTMELGGKSPLIIAEDANLDLAADIAMMANFYSSGQVCTNGTRVFVPAKFKAEFEHKILERVG
RIRAGDLFADDTNFGPLVSFPHRQNVLRYIESGKSEGARLLCGGDVLKGEGFDNGAWVAPTVFTDCTDDMTIVREEIFGP
VMSILSYDDEAEVIRRANATEYGLAAGVVTPDLNRAHRIIHQLEAGICWINSWGESPAEMPVGGYKHSGIGRENGVMTLQ
SYTQVKSIQVEMGPFQSIF
;
_entity_poly.pdbx_strand_id   A,B,C,D
#
# COMPACT_ATOMS: atom_id res chain seq x y z
N ARG A 12 -20.71 -37.97 28.83
CA ARG A 12 -20.38 -36.67 29.46
C ARG A 12 -18.87 -36.52 29.53
N MET A 13 -18.38 -35.30 29.53
CA MET A 13 -16.94 -35.06 29.54
C MET A 13 -16.44 -34.79 30.95
N ALA A 14 -15.12 -34.89 31.10
CA ALA A 14 -14.46 -34.48 32.34
C ALA A 14 -14.62 -32.97 32.53
N GLU A 15 -14.51 -32.55 33.80
CA GLU A 15 -14.57 -31.13 34.10
C GLU A 15 -13.51 -30.37 33.32
N GLN A 16 -13.90 -29.23 32.77
CA GLN A 16 -13.05 -28.41 31.92
C GLN A 16 -12.47 -27.28 32.77
N GLN A 17 -11.16 -27.09 32.67
CA GLN A 17 -10.46 -26.13 33.50
C GLN A 17 -10.09 -24.89 32.68
N LEU A 18 -9.46 -23.93 33.35
CA LEU A 18 -8.90 -22.79 32.63
C LEU A 18 -7.63 -23.22 31.93
N TYR A 19 -7.30 -22.49 30.84
CA TYR A 19 -6.03 -22.73 30.11
C TYR A 19 -5.20 -21.46 30.22
N ILE A 20 -4.20 -21.45 31.09
CA ILE A 20 -3.31 -20.31 31.32
C ILE A 20 -1.87 -20.78 31.20
N HIS A 21 -1.11 -20.15 30.31
CA HIS A 21 0.35 -20.34 30.22
C HIS A 21 0.71 -21.78 29.86
N GLY A 22 0.05 -22.31 28.84
CA GLY A 22 0.44 -23.57 28.25
C GLY A 22 -0.04 -24.83 28.95
N LYS A 23 -0.92 -24.73 29.94
CA LYS A 23 -1.39 -25.93 30.61
C LYS A 23 -2.79 -25.60 31.15
N PHE A 24 -3.63 -26.63 31.25
CA PHE A 24 -4.87 -26.46 31.99
C PHE A 24 -4.57 -26.26 33.46
N VAL A 25 -5.37 -25.41 34.10
CA VAL A 25 -5.17 -25.04 35.50
C VAL A 25 -6.51 -24.73 36.13
N ALA A 26 -6.63 -25.11 37.40
CA ALA A 26 -7.85 -24.88 38.16
C ALA A 26 -8.10 -23.39 38.34
N ALA A 27 -9.37 -23.00 38.27
CA ALA A 27 -9.76 -21.65 38.64
C ALA A 27 -9.70 -21.47 40.15
N THR A 28 -9.36 -20.26 40.57
CA THR A 28 -9.32 -19.91 41.98
C THR A 28 -10.58 -19.18 42.42
N SER A 29 -11.57 -19.07 41.54
CA SER A 29 -12.85 -18.46 41.90
C SER A 29 -13.73 -19.36 42.73
N GLY A 30 -13.51 -20.68 42.67
CA GLY A 30 -14.40 -21.64 43.30
C GLY A 30 -15.69 -21.89 42.54
N LYS A 31 -15.95 -21.15 41.47
CA LYS A 31 -17.22 -21.20 40.76
C LYS A 31 -17.10 -22.05 39.51
N THR A 32 -18.24 -22.59 39.08
CA THR A 32 -18.33 -23.41 37.88
C THR A 32 -19.66 -23.13 37.17
N PHE A 33 -19.74 -23.59 35.93
CA PHE A 33 -21.01 -23.56 35.20
C PHE A 33 -21.05 -24.78 34.29
N GLU A 34 -22.23 -25.05 33.74
CA GLU A 34 -22.46 -26.18 32.85
C GLU A 34 -22.80 -25.71 31.44
N THR A 35 -22.28 -26.43 30.44
CA THR A 35 -22.73 -26.26 29.06
C THR A 35 -23.55 -27.48 28.63
N ILE A 36 -24.67 -27.21 27.98
CA ILE A 36 -25.65 -28.22 27.61
C ILE A 36 -25.50 -28.58 26.14
N ASN A 37 -25.95 -29.78 25.78
CA ASN A 37 -26.17 -30.14 24.39
C ASN A 37 -27.57 -29.67 24.01
N PRO A 38 -27.72 -28.64 23.18
CA PRO A 38 -29.07 -28.11 22.91
C PRO A 38 -29.97 -29.06 22.15
N ALA A 39 -29.43 -30.15 21.59
CA ALA A 39 -30.27 -31.17 20.97
C ALA A 39 -30.93 -32.07 21.99
N THR A 40 -30.30 -32.27 23.16
CA THR A 40 -30.77 -33.26 24.11
C THR A 40 -31.03 -32.71 25.51
N GLY A 41 -30.54 -31.51 25.83
CA GLY A 41 -30.67 -30.97 27.15
C GLY A 41 -29.72 -31.55 28.17
N GLU A 42 -28.89 -32.51 27.78
CA GLU A 42 -27.96 -33.16 28.68
C GLU A 42 -26.76 -32.27 28.94
N VAL A 43 -26.21 -32.40 30.15
CA VAL A 43 -25.01 -31.64 30.51
C VAL A 43 -23.86 -32.21 29.69
N LEU A 44 -23.22 -31.35 28.90
CA LEU A 44 -22.08 -31.79 28.11
C LEU A 44 -20.83 -31.86 28.98
N ALA A 45 -20.64 -30.87 29.85
CA ALA A 45 -19.51 -30.81 30.75
C ALA A 45 -19.77 -29.73 31.78
N THR A 46 -19.21 -29.91 32.97
CA THR A 46 -19.08 -28.85 33.95
C THR A 46 -17.81 -28.07 33.64
N VAL A 47 -17.91 -26.74 33.71
CA VAL A 47 -16.82 -25.87 33.27
C VAL A 47 -16.51 -24.90 34.39
N GLN A 48 -15.21 -24.75 34.70
CA GLN A 48 -14.76 -23.82 35.71
C GLN A 48 -14.79 -22.40 35.20
N ALA A 49 -15.17 -21.46 36.07
CA ALA A 49 -15.26 -20.06 35.73
C ALA A 49 -14.08 -19.28 36.29
N ALA A 50 -13.51 -18.40 35.46
CA ALA A 50 -12.32 -17.66 35.82
C ALA A 50 -12.71 -16.45 36.67
N GLY A 51 -12.07 -16.30 37.83
CA GLY A 51 -12.32 -15.15 38.67
C GLY A 51 -11.41 -13.99 38.35
N ARG A 52 -11.54 -12.92 39.15
CA ARG A 52 -10.77 -11.71 38.90
C ARG A 52 -9.28 -11.94 39.07
N GLU A 53 -8.88 -12.74 40.06
CA GLU A 53 -7.47 -13.07 40.23
C GLU A 53 -6.97 -13.98 39.12
N ASP A 54 -7.85 -14.84 38.58
CA ASP A 54 -7.45 -15.69 37.47
C ASP A 54 -7.14 -14.85 36.24
N VAL A 55 -7.92 -13.80 36.00
CA VAL A 55 -7.67 -12.91 34.88
C VAL A 55 -6.33 -12.22 35.05
N ASP A 56 -6.01 -11.78 36.27
CA ASP A 56 -4.73 -11.14 36.50
C ASP A 56 -3.58 -12.10 36.22
N ARG A 57 -3.76 -13.35 36.61
CA ARG A 57 -2.74 -14.38 36.32
C ARG A 57 -2.59 -14.54 34.81
N ALA A 58 -3.71 -14.54 34.09
CA ALA A 58 -3.67 -14.70 32.64
C ALA A 58 -2.98 -13.53 31.96
N VAL A 59 -3.22 -12.32 32.46
CA VAL A 59 -2.57 -11.14 31.87
C VAL A 59 -1.06 -11.20 32.08
N LYS A 60 -0.62 -11.58 33.28
CA LYS A 60 0.81 -11.66 33.54
C LYS A 60 1.44 -12.80 32.75
N SER A 61 0.71 -13.91 32.58
CA SER A 61 1.16 -14.95 31.66
C SER A 61 1.25 -14.40 30.25
N ALA A 62 0.20 -13.71 29.80
CA ALA A 62 0.17 -13.18 28.43
C ALA A 62 1.29 -12.18 28.20
N GLN A 63 1.56 -11.32 29.19
CA GLN A 63 2.63 -10.34 29.03
C GLN A 63 3.98 -11.05 28.85
N GLN A 64 4.23 -12.08 29.64
CA GLN A 64 5.49 -12.81 29.53
C GLN A 64 5.58 -13.54 28.20
N GLY A 65 4.50 -14.21 27.79
CA GLY A 65 4.52 -14.89 26.51
C GLY A 65 4.68 -13.94 25.34
N GLN A 66 4.03 -12.78 25.41
CA GLN A 66 4.05 -11.85 24.28
C GLN A 66 5.46 -11.40 23.96
N LYS A 67 6.29 -11.18 24.99
CA LYS A 67 7.65 -10.73 24.74
C LYS A 67 8.45 -11.78 24.00
N VAL A 68 8.30 -13.05 24.40
CA VAL A 68 8.94 -14.15 23.68
C VAL A 68 8.43 -14.21 22.24
N TRP A 69 7.10 -14.16 22.08
CA TRP A 69 6.48 -14.22 20.76
C TRP A 69 7.00 -13.10 19.88
N ALA A 70 7.00 -11.87 20.39
CA ALA A 70 7.38 -10.72 19.58
C ALA A 70 8.86 -10.74 19.23
N ALA A 71 9.69 -11.35 20.07
CA ALA A 71 11.13 -11.37 19.82
C ALA A 71 11.54 -12.40 18.77
N MET A 72 10.66 -13.36 18.46
CA MET A 72 10.94 -14.30 17.39
C MET A 72 10.92 -13.59 16.03
N SER A 73 11.55 -14.22 15.04
CA SER A 73 11.48 -13.72 13.68
C SER A 73 10.07 -13.86 13.12
N ALA A 74 9.76 -13.03 12.12
CA ALA A 74 8.45 -13.07 11.51
C ALA A 74 8.14 -14.46 10.97
N MET A 75 9.11 -15.08 10.29
CA MET A 75 8.86 -16.40 9.71
C MET A 75 8.75 -17.48 10.78
N ALA A 76 9.47 -17.31 11.89
CA ALA A 76 9.30 -18.24 13.02
C ALA A 76 7.86 -18.19 13.54
N ARG A 77 7.28 -17.00 13.64
CA ARG A 77 5.87 -16.89 14.01
C ARG A 77 4.98 -17.52 12.95
N SER A 78 5.29 -17.29 11.67
CA SER A 78 4.47 -17.84 10.60
CA SER A 78 4.47 -17.84 10.60
C SER A 78 4.47 -19.37 10.64
N ARG A 79 5.62 -19.98 10.87
CA ARG A 79 5.71 -21.43 10.86
C ARG A 79 4.89 -22.05 11.98
N ILE A 80 4.88 -21.42 13.16
CA ILE A 80 4.11 -21.95 14.27
C ILE A 80 2.61 -21.90 13.96
N LEU A 81 2.13 -20.79 13.40
CA LEU A 81 0.71 -20.69 13.11
C LEU A 81 0.29 -21.64 12.00
N ARG A 82 1.17 -21.87 11.02
CA ARG A 82 0.86 -22.83 9.96
C ARG A 82 0.83 -24.26 10.49
N LYS A 83 1.64 -24.57 11.50
CA LYS A 83 1.54 -25.87 12.15
C LYS A 83 0.19 -26.04 12.84
N ALA A 84 -0.32 -24.97 13.45
CA ALA A 84 -1.65 -25.02 14.03
C ALA A 84 -2.69 -25.26 12.94
N VAL A 85 -2.53 -24.62 11.80
CA VAL A 85 -3.45 -24.85 10.67
C VAL A 85 -3.46 -26.33 10.32
N ASP A 86 -2.28 -26.93 10.18
CA ASP A 86 -2.21 -28.34 9.80
C ASP A 86 -2.93 -29.21 10.81
N ILE A 87 -2.80 -28.91 12.10
CA ILE A 87 -3.51 -29.68 13.11
C ILE A 87 -5.02 -29.48 12.93
N LEU A 88 -5.45 -28.25 12.67
CA LEU A 88 -6.87 -27.98 12.50
C LEU A 88 -7.44 -28.72 11.29
N ARG A 89 -6.67 -28.79 10.20
CA ARG A 89 -7.12 -29.55 9.04
C ARG A 89 -7.29 -31.03 9.38
N GLU A 90 -6.35 -31.60 10.15
CA GLU A 90 -6.40 -33.01 10.48
C GLU A 90 -7.59 -33.33 11.38
N ARG A 91 -7.89 -32.44 12.33
CA ARG A 91 -8.95 -32.73 13.33
C ARG A 91 -10.26 -32.02 12.97
N ASN A 92 -10.46 -31.68 11.70
CA ASN A 92 -11.64 -30.92 11.31
C ASN A 92 -12.92 -31.63 11.76
N ASP A 93 -13.01 -32.94 11.52
CA ASP A 93 -14.27 -33.64 11.76
C ASP A 93 -14.50 -33.82 13.26
N GLU A 94 -13.46 -34.14 14.03
CA GLU A 94 -13.60 -34.27 15.47
C GLU A 94 -14.00 -32.94 16.10
N LEU A 95 -13.35 -31.85 15.69
CA LEU A 95 -13.70 -30.54 16.24
C LEU A 95 -15.11 -30.13 15.84
N ALA A 96 -15.51 -30.45 14.60
CA ALA A 96 -16.87 -30.13 14.16
C ALA A 96 -17.89 -30.88 15.00
N ARG A 97 -17.62 -32.15 15.33
CA ARG A 97 -18.56 -32.90 16.15
C ARG A 97 -18.71 -32.29 17.54
N LEU A 98 -17.60 -31.85 18.15
CA LEU A 98 -17.71 -31.18 19.44
C LEU A 98 -18.51 -29.89 19.30
N GLU A 99 -18.27 -29.14 18.23
CA GLU A 99 -19.02 -27.92 17.98
C GLU A 99 -20.51 -28.21 17.81
N THR A 100 -20.85 -29.27 17.07
CA THR A 100 -22.24 -29.66 16.91
C THR A 100 -22.86 -30.00 18.26
N LEU A 101 -22.13 -30.72 19.10
CA LEU A 101 -22.64 -31.07 20.43
C LEU A 101 -22.92 -29.81 21.24
N ASP A 102 -21.99 -28.86 21.21
CA ASP A 102 -22.07 -27.68 22.06
C ASP A 102 -23.05 -26.63 21.54
N THR A 103 -23.22 -26.54 20.21
CA THR A 103 -24.04 -25.48 19.62
C THR A 103 -25.38 -25.95 19.11
N GLY A 104 -25.52 -27.22 18.76
CA GLY A 104 -26.71 -27.70 18.09
C GLY A 104 -26.74 -27.46 16.60
N LYS A 105 -25.66 -27.03 16.01
CA LYS A 105 -25.63 -26.84 14.57
C LYS A 105 -25.36 -28.17 13.87
N PRO A 106 -25.99 -28.43 12.72
CA PRO A 106 -25.77 -29.71 12.05
C PRO A 106 -24.31 -29.93 11.71
N LEU A 107 -23.88 -31.19 11.78
CA LEU A 107 -22.51 -31.54 11.40
C LEU A 107 -22.24 -31.20 9.94
N SER A 108 -23.27 -31.26 9.10
CA SER A 108 -23.12 -30.86 7.70
C SER A 108 -22.65 -29.41 7.59
N GLU A 109 -22.96 -28.57 8.57
CA GLU A 109 -22.43 -27.22 8.62
C GLU A 109 -21.04 -27.17 9.25
N THR A 110 -20.92 -27.70 10.48
CA THR A 110 -19.70 -27.50 11.25
C THR A 110 -18.48 -28.13 10.58
N ALA A 111 -18.65 -29.25 9.90
CA ALA A 111 -17.52 -29.93 9.28
C ALA A 111 -17.10 -29.31 7.95
N ALA A 112 -17.95 -28.45 7.35
CA ALA A 112 -17.64 -27.81 6.09
C ALA A 112 -17.30 -26.34 6.20
N VAL A 113 -17.68 -25.67 7.29
CA VAL A 113 -17.50 -24.22 7.40
C VAL A 113 -16.66 -23.83 8.60
N ASP A 114 -17.07 -24.26 9.79
CA ASP A 114 -16.60 -23.62 11.02
C ASP A 114 -15.07 -23.69 11.13
N ILE A 115 -14.51 -24.90 11.15
CA ILE A 115 -13.06 -25.01 11.25
C ILE A 115 -12.40 -24.67 9.92
N VAL A 116 -13.04 -25.04 8.80
CA VAL A 116 -12.45 -24.79 7.49
C VAL A 116 -12.17 -23.30 7.31
N THR A 117 -13.19 -22.47 7.56
CA THR A 117 -13.02 -21.03 7.36
C THR A 117 -12.27 -20.37 8.52
N GLY A 118 -12.24 -21.00 9.70
CA GLY A 118 -11.40 -20.49 10.77
C GLY A 118 -9.93 -20.71 10.50
N ALA A 119 -9.59 -21.93 10.06
CA ALA A 119 -8.20 -22.22 9.69
C ALA A 119 -7.77 -21.43 8.45
N ASP A 120 -8.68 -21.21 7.51
CA ASP A 120 -8.35 -20.38 6.35
C ASP A 120 -7.81 -19.02 6.78
N VAL A 121 -8.45 -18.39 7.77
CA VAL A 121 -8.02 -17.07 8.22
C VAL A 121 -6.68 -17.16 8.94
N LEU A 122 -6.50 -18.18 9.78
CA LEU A 122 -5.20 -18.38 10.42
C LEU A 122 -4.12 -18.61 9.38
N GLU A 123 -4.40 -19.47 8.39
CA GLU A 123 -3.44 -19.71 7.31
C GLU A 123 -3.14 -18.41 6.57
N TYR A 124 -4.18 -17.63 6.26
CA TYR A 124 -4.00 -16.37 5.56
C TYR A 124 -3.06 -15.44 6.32
N TYR A 125 -3.31 -15.22 7.62
CA TYR A 125 -2.50 -14.27 8.35
C TYR A 125 -1.10 -14.80 8.63
N ALA A 126 -0.95 -16.12 8.82
CA ALA A 126 0.39 -16.69 9.01
C ALA A 126 1.34 -16.26 7.91
N GLY A 127 0.85 -16.23 6.66
CA GLY A 127 1.69 -15.89 5.54
C GLY A 127 1.95 -14.41 5.36
N LEU A 128 1.09 -13.57 5.93
CA LEU A 128 1.27 -12.12 5.85
C LEU A 128 2.20 -11.55 6.91
N ILE A 129 2.55 -12.30 7.95
CA ILE A 129 3.40 -11.76 9.01
C ILE A 129 4.65 -11.09 8.42
N PRO A 130 5.39 -11.71 7.50
CA PRO A 130 6.61 -11.06 6.99
C PRO A 130 6.36 -9.81 6.19
N ALA A 131 5.13 -9.58 5.74
CA ALA A 131 4.79 -8.39 4.97
C ALA A 131 4.35 -7.22 5.83
N LEU A 132 4.23 -7.41 7.15
CA LEU A 132 3.87 -6.31 8.03
C LEU A 132 5.04 -5.34 8.10
N GLU A 133 4.84 -4.14 7.57
CA GLU A 133 5.92 -3.19 7.35
C GLU A 133 5.50 -1.82 7.85
N GLY A 134 6.49 -1.06 8.32
CA GLY A 134 6.32 0.36 8.54
C GLY A 134 6.65 1.15 7.28
N SER A 135 6.83 2.45 7.46
CA SER A 135 7.09 3.37 6.36
CA SER A 135 7.09 3.37 6.36
C SER A 135 8.26 4.27 6.71
N GLN A 136 8.88 4.81 5.67
CA GLN A 136 9.96 5.80 5.79
C GLN A 136 9.56 7.01 4.97
N ILE A 137 9.78 8.19 5.52
CA ILE A 137 9.27 9.44 4.96
C ILE A 137 10.41 10.44 4.99
N PRO A 138 11.01 10.79 3.86
CA PRO A 138 12.04 11.85 3.89
C PRO A 138 11.40 13.21 4.11
N LEU A 139 11.95 13.96 5.05
CA LEU A 139 11.55 15.34 5.29
C LEU A 139 12.47 16.33 4.59
N ARG A 140 13.77 16.08 4.67
CA ARG A 140 14.82 16.92 4.12
C ARG A 140 16.11 16.12 4.18
N ASP A 141 17.17 16.67 3.62
CA ASP A 141 18.45 15.95 3.62
C ASP A 141 18.88 15.63 5.04
N SER A 142 18.56 16.49 6.00
CA SER A 142 19.07 16.37 7.36
C SER A 142 18.09 15.71 8.32
N SER A 143 16.96 15.23 7.83
CA SER A 143 15.99 14.61 8.72
C SER A 143 15.08 13.68 7.94
N PHE A 144 14.67 12.59 8.60
CA PHE A 144 13.73 11.66 8.00
C PHE A 144 12.93 11.00 9.11
N VAL A 145 11.79 10.45 8.74
CA VAL A 145 10.89 9.76 9.66
C VAL A 145 10.78 8.31 9.20
N TYR A 146 10.75 7.38 10.15
CA TYR A 146 10.34 6.01 9.86
C TYR A 146 9.34 5.59 10.92
N THR A 147 8.46 4.66 10.55
CA THR A 147 7.42 4.19 11.45
C THR A 147 7.59 2.70 11.71
N ARG A 148 7.19 2.30 12.92
CA ARG A 148 7.11 0.90 13.28
C ARG A 148 5.66 0.52 13.54
N ARG A 149 5.28 -0.68 13.12
CA ARG A 149 3.99 -1.28 13.47
C ARG A 149 4.26 -2.24 14.61
N GLU A 150 4.08 -1.75 15.83
CA GLU A 150 4.42 -2.50 17.02
C GLU A 150 3.20 -3.23 17.57
N PRO A 151 3.41 -4.36 18.24
CA PRO A 151 2.28 -5.04 18.89
C PRO A 151 1.60 -4.14 19.91
N LEU A 152 0.30 -4.34 20.08
CA LEU A 152 -0.42 -3.67 21.17
C LEU A 152 -0.01 -4.22 22.52
N GLY A 153 0.40 -5.48 22.58
CA GLY A 153 0.74 -6.12 23.83
C GLY A 153 -0.18 -7.29 24.14
N VAL A 154 -1.04 -7.11 25.14
CA VAL A 154 -2.04 -8.12 25.49
C VAL A 154 -3.40 -7.60 25.05
N VAL A 155 -4.11 -8.40 24.27
CA VAL A 155 -5.44 -8.06 23.82
C VAL A 155 -6.39 -9.14 24.31
N ALA A 156 -7.67 -8.81 24.36
CA ALA A 156 -8.71 -9.72 24.80
C ALA A 156 -9.77 -9.87 23.71
N GLY A 157 -10.21 -11.09 23.51
CA GLY A 157 -11.31 -11.38 22.60
C GLY A 157 -12.46 -12.00 23.38
N ILE A 158 -13.68 -11.53 23.10
CA ILE A 158 -14.90 -12.01 23.74
C ILE A 158 -15.76 -12.61 22.63
N GLY A 159 -15.97 -13.93 22.68
CA GLY A 159 -16.62 -14.64 21.61
C GLY A 159 -18.11 -14.77 21.78
N ALA A 160 -18.77 -15.19 20.71
CA ALA A 160 -20.20 -15.45 20.69
C ALA A 160 -20.41 -16.95 20.49
N TRP A 161 -21.66 -17.37 20.62
CA TRP A 161 -21.97 -18.79 20.70
C TRP A 161 -22.38 -19.40 19.37
N ASN A 162 -22.62 -18.61 18.32
CA ASN A 162 -23.15 -19.19 17.10
C ASN A 162 -22.05 -19.82 16.25
N TYR A 163 -20.85 -19.24 16.24
CA TYR A 163 -19.69 -19.79 15.54
C TYR A 163 -18.49 -19.79 16.48
N PRO A 164 -18.48 -20.69 17.47
CA PRO A 164 -17.52 -20.54 18.58
C PRO A 164 -16.06 -20.61 18.14
N ILE A 165 -15.66 -21.68 17.43
CA ILE A 165 -14.25 -21.80 17.11
C ILE A 165 -13.87 -20.89 15.94
N GLN A 166 -14.80 -20.63 15.02
CA GLN A 166 -14.50 -19.69 13.94
C GLN A 166 -14.20 -18.30 14.48
N ILE A 167 -15.00 -17.84 15.44
CA ILE A 167 -14.74 -16.54 16.06
C ILE A 167 -13.40 -16.55 16.79
N ALA A 168 -13.14 -17.61 17.56
CA ALA A 168 -11.86 -17.69 18.26
C ALA A 168 -10.69 -17.60 17.28
N LEU A 169 -10.81 -18.23 16.12
CA LEU A 169 -9.74 -18.17 15.13
C LEU A 169 -9.69 -16.82 14.43
N TRP A 170 -10.84 -16.24 14.12
CA TRP A 170 -10.86 -14.96 13.42
C TRP A 170 -10.34 -13.82 14.30
N LYS A 171 -10.46 -13.94 15.62
CA LYS A 171 -9.89 -12.95 16.51
C LYS A 171 -8.43 -13.24 16.84
N SER A 172 -8.12 -14.50 17.17
CA SER A 172 -6.76 -14.82 17.60
C SER A 172 -5.77 -14.80 16.46
N ALA A 173 -6.19 -15.14 15.24
CA ALA A 173 -5.24 -15.22 14.14
C ALA A 173 -4.58 -13.89 13.83
N PRO A 174 -5.32 -12.78 13.65
CA PRO A 174 -4.62 -11.51 13.39
C PRO A 174 -3.91 -10.98 14.62
N ALA A 175 -4.47 -11.19 15.81
CA ALA A 175 -3.82 -10.75 17.04
C ALA A 175 -2.45 -11.39 17.20
N LEU A 176 -2.39 -12.72 17.08
CA LEU A 176 -1.10 -13.40 17.19
C LEU A 176 -0.18 -13.07 16.02
N ALA A 177 -0.74 -12.97 14.81
CA ALA A 177 0.09 -12.63 13.65
C ALA A 177 0.71 -11.26 13.82
N ALA A 178 0.02 -10.33 14.47
CA ALA A 178 0.54 -8.99 14.71
C ALA A 178 1.53 -8.93 15.85
N GLY A 179 1.81 -10.05 16.51
CA GLY A 179 2.77 -10.09 17.58
C GLY A 179 2.20 -9.96 18.98
N ASN A 180 0.88 -9.97 19.12
CA ASN A 180 0.26 -9.85 20.43
C ASN A 180 0.00 -11.23 21.06
N ALA A 181 -0.24 -11.20 22.36
CA ALA A 181 -0.89 -12.28 23.08
C ALA A 181 -2.37 -11.95 23.23
N MET A 182 -3.21 -12.97 23.10
CA MET A 182 -4.65 -12.80 23.28
C MET A 182 -5.16 -13.66 24.43
N ILE A 183 -5.99 -13.06 25.28
CA ILE A 183 -6.80 -13.79 26.25
C ILE A 183 -8.20 -13.86 25.68
N PHE A 184 -8.73 -15.06 25.53
CA PHE A 184 -10.01 -15.26 24.88
C PHE A 184 -11.00 -15.77 25.91
N LYS A 185 -12.16 -15.12 25.97
CA LYS A 185 -13.24 -15.57 26.86
C LYS A 185 -14.38 -16.08 25.96
N PRO A 186 -14.56 -17.40 25.81
CA PRO A 186 -15.66 -17.90 24.97
C PRO A 186 -17.00 -17.65 25.65
N SER A 187 -18.06 -17.75 24.85
CA SER A 187 -19.39 -17.66 25.42
C SER A 187 -19.61 -18.82 26.37
N GLU A 188 -20.34 -18.55 27.46
CA GLU A 188 -20.61 -19.59 28.44
C GLU A 188 -21.52 -20.66 27.85
N VAL A 189 -22.22 -20.36 26.76
CA VAL A 189 -23.05 -21.36 26.09
C VAL A 189 -22.20 -22.37 25.35
N THR A 190 -20.99 -21.99 24.92
CA THR A 190 -20.24 -22.79 23.96
C THR A 190 -18.74 -22.64 24.22
N PRO A 191 -18.24 -23.09 25.37
CA PRO A 191 -16.82 -22.88 25.70
C PRO A 191 -15.87 -23.97 25.25
N LEU A 192 -16.37 -25.09 24.74
CA LEU A 192 -15.54 -26.29 24.67
C LEU A 192 -14.51 -26.22 23.55
N THR A 193 -14.87 -25.66 22.39
CA THR A 193 -13.92 -25.70 21.29
C THR A 193 -12.79 -24.70 21.49
N ALA A 194 -13.04 -23.62 22.25
CA ALA A 194 -11.97 -22.67 22.52
C ALA A 194 -10.86 -23.31 23.35
N LEU A 195 -11.23 -24.21 24.27
CA LEU A 195 -10.21 -24.90 25.07
C LEU A 195 -9.39 -25.85 24.20
N LYS A 196 -10.04 -26.55 23.27
CA LYS A 196 -9.29 -27.40 22.35
C LYS A 196 -8.31 -26.59 21.50
N LEU A 197 -8.74 -25.41 21.03
CA LEU A 197 -7.85 -24.59 20.20
C LEU A 197 -6.60 -24.18 20.97
N ALA A 198 -6.76 -23.81 22.24
CA ALA A 198 -5.61 -23.44 23.05
C ALA A 198 -4.61 -24.59 23.12
N GLU A 199 -5.11 -25.83 23.26
CA GLU A 199 -4.25 -26.99 23.25
C GLU A 199 -3.53 -27.13 21.92
N ILE A 200 -4.25 -26.89 20.82
CA ILE A 200 -3.68 -27.02 19.48
C ILE A 200 -2.55 -26.03 19.28
N TYR A 201 -2.76 -24.78 19.71
CA TYR A 201 -1.71 -23.76 19.57
C TYR A 201 -0.41 -24.18 20.26
N ARG A 202 -0.51 -24.68 21.49
CA ARG A 202 0.71 -25.11 22.19
C ARG A 202 1.38 -26.27 21.45
N GLU A 203 0.58 -27.24 20.98
CA GLU A 203 1.14 -28.34 20.22
C GLU A 203 1.86 -27.85 18.97
N ALA A 204 1.41 -26.73 18.41
CA ALA A 204 2.05 -26.16 17.23
C ALA A 204 3.30 -25.35 17.56
N GLY A 205 3.59 -25.14 18.84
CA GLY A 205 4.76 -24.41 19.24
C GLY A 205 4.53 -22.98 19.72
N LEU A 206 3.28 -22.57 19.88
CA LEU A 206 3.00 -21.24 20.38
C LEU A 206 3.58 -21.08 21.79
N PRO A 207 4.32 -20.01 22.07
CA PRO A 207 4.88 -19.86 23.42
C PRO A 207 3.78 -19.80 24.47
N ASP A 208 4.09 -20.37 25.64
CA ASP A 208 3.16 -20.36 26.75
C ASP A 208 2.71 -18.94 27.08
N GLY A 209 1.41 -18.77 27.27
CA GLY A 209 0.85 -17.48 27.58
C GLY A 209 0.35 -16.67 26.39
N VAL A 210 0.72 -17.04 25.17
CA VAL A 210 0.37 -16.19 24.03
C VAL A 210 -1.11 -16.31 23.71
N PHE A 211 -1.72 -17.46 24.00
CA PHE A 211 -3.16 -17.62 23.85
C PHE A 211 -3.68 -18.36 25.08
N ASN A 212 -4.34 -17.62 25.96
CA ASN A 212 -4.98 -18.15 27.15
C ASN A 212 -6.49 -18.07 26.98
N VAL A 213 -7.19 -19.05 27.53
CA VAL A 213 -8.64 -19.14 27.42
C VAL A 213 -9.22 -19.19 28.83
N LEU A 214 -10.16 -18.28 29.10
CA LEU A 214 -10.77 -18.12 30.42
C LEU A 214 -12.28 -18.27 30.23
N PRO A 215 -12.83 -19.48 30.34
CA PRO A 215 -14.29 -19.61 30.34
C PRO A 215 -14.88 -18.88 31.54
N GLY A 216 -16.12 -18.45 31.39
CA GLY A 216 -16.81 -17.78 32.48
C GLY A 216 -18.10 -17.16 32.00
N ILE A 217 -18.80 -16.54 32.94
CA ILE A 217 -19.99 -15.75 32.63
C ILE A 217 -19.55 -14.36 32.21
N GLY A 218 -20.36 -13.73 31.35
CA GLY A 218 -20.05 -12.37 30.93
C GLY A 218 -20.07 -11.38 32.07
N ALA A 219 -21.05 -11.51 32.97
CA ALA A 219 -21.18 -10.55 34.05
C ALA A 219 -19.93 -10.51 34.92
N GLU A 220 -19.18 -11.62 34.99
CA GLU A 220 -18.02 -11.69 35.86
C GLU A 220 -16.72 -11.81 35.08
N THR A 221 -16.49 -12.93 34.37
CA THR A 221 -15.20 -13.10 33.73
C THR A 221 -15.00 -12.06 32.63
N GLY A 222 -16.04 -11.84 31.82
CA GLY A 222 -15.97 -10.82 30.80
C GLY A 222 -15.70 -9.44 31.36
N GLN A 223 -16.37 -9.11 32.46
CA GLN A 223 -16.21 -7.78 33.04
C GLN A 223 -14.81 -7.61 33.62
N TYR A 224 -14.26 -8.66 34.21
CA TYR A 224 -12.90 -8.57 34.72
C TYR A 224 -11.88 -8.34 33.60
N LEU A 225 -12.14 -8.90 32.41
CA LEU A 225 -11.23 -8.65 31.29
C LEU A 225 -11.35 -7.22 30.79
N THR A 226 -12.59 -6.72 30.61
CA THR A 226 -12.77 -5.37 30.10
C THR A 226 -12.23 -4.33 31.06
N GLU A 227 -12.22 -4.64 32.36
CA GLU A 227 -11.77 -3.68 33.36
C GLU A 227 -10.27 -3.73 33.62
N HIS A 228 -9.59 -4.78 33.19
CA HIS A 228 -8.19 -4.97 33.59
C HIS A 228 -7.35 -3.87 32.94
N PRO A 229 -6.45 -3.22 33.69
CA PRO A 229 -5.74 -2.05 33.15
C PRO A 229 -4.63 -2.38 32.15
N ASP A 230 -4.16 -3.62 32.09
CA ASP A 230 -3.06 -3.98 31.21
C ASP A 230 -3.50 -4.63 29.91
N ILE A 231 -4.78 -4.57 29.58
CA ILE A 231 -5.29 -5.07 28.30
C ILE A 231 -5.45 -3.88 27.37
N ALA A 232 -4.83 -3.94 26.19
CA ALA A 232 -4.77 -2.78 25.31
C ALA A 232 -5.88 -2.74 24.29
N LYS A 233 -6.58 -3.85 24.04
CA LYS A 233 -7.61 -3.87 23.02
C LYS A 233 -8.62 -4.97 23.35
N ILE A 234 -9.89 -4.69 23.08
CA ILE A 234 -10.96 -5.67 23.22
C ILE A 234 -11.59 -5.87 21.84
N SER A 235 -11.78 -7.13 21.45
CA SER A 235 -12.52 -7.44 20.24
C SER A 235 -13.70 -8.33 20.61
N PHE A 236 -14.91 -7.85 20.32
CA PHE A 236 -16.13 -8.47 20.80
C PHE A 236 -17.08 -8.81 19.65
N THR A 237 -17.61 -10.03 19.67
CA THR A 237 -18.68 -10.43 18.77
C THR A 237 -19.81 -10.94 19.66
N GLY A 238 -21.02 -10.45 19.43
CA GLY A 238 -22.13 -10.85 20.29
C GLY A 238 -23.34 -9.97 20.06
N GLY A 239 -24.22 -9.96 21.07
CA GLY A 239 -25.42 -9.17 20.99
C GLY A 239 -25.16 -7.72 21.30
N VAL A 240 -26.06 -6.86 20.83
CA VAL A 240 -25.89 -5.42 20.99
C VAL A 240 -25.83 -5.04 22.46
N ALA A 241 -26.68 -5.66 23.30
CA ALA A 241 -26.69 -5.29 24.71
C ALA A 241 -25.38 -5.64 25.39
N SER A 242 -24.90 -6.88 25.24
CA SER A 242 -23.63 -7.20 25.87
C SER A 242 -22.51 -6.31 25.34
N GLY A 243 -22.60 -5.85 24.09
CA GLY A 243 -21.58 -4.95 23.57
C GLY A 243 -21.54 -3.62 24.30
N LYS A 244 -22.72 -3.02 24.48
CA LYS A 244 -22.82 -1.73 25.17
C LYS A 244 -22.24 -1.82 26.58
N LYS A 245 -22.42 -2.95 27.25
CA LYS A 245 -21.84 -3.11 28.58
C LYS A 245 -20.32 -3.18 28.46
N VAL A 246 -19.82 -3.97 27.51
CA VAL A 246 -18.37 -4.07 27.36
C VAL A 246 -17.82 -2.68 27.08
N MET A 247 -18.48 -1.92 26.19
CA MET A 247 -17.94 -0.61 25.84
C MET A 247 -17.98 0.37 27.01
N ALA A 248 -18.96 0.21 27.92
CA ALA A 248 -19.04 1.13 29.05
C ALA A 248 -17.95 0.85 30.06
N ASN A 249 -17.76 -0.43 30.39
CA ASN A 249 -16.77 -0.84 31.38
C ASN A 249 -15.37 -0.70 30.85
N SER A 250 -15.20 -0.73 29.52
CA SER A 250 -13.88 -0.54 28.92
C SER A 250 -13.56 0.94 28.81
N ALA A 251 -14.59 1.76 28.55
CA ALA A 251 -14.46 3.20 28.66
C ALA A 251 -14.16 3.62 30.09
N ALA A 252 -14.91 3.07 31.06
CA ALA A 252 -14.72 3.53 32.43
C ALA A 252 -13.30 3.21 32.87
N SER A 253 -12.80 2.04 32.46
CA SER A 253 -11.49 1.54 32.82
C SER A 253 -10.46 2.13 31.87
N SER A 254 -9.27 1.52 31.88
CA SER A 254 -8.17 1.89 31.00
C SER A 254 -8.61 2.04 29.54
N LEU A 255 -8.02 3.02 28.85
CA LEU A 255 -8.46 3.43 27.52
C LEU A 255 -8.03 2.38 26.51
N LYS A 256 -9.00 1.58 26.07
CA LYS A 256 -8.77 0.45 25.19
C LYS A 256 -9.37 0.77 23.82
N GLU A 257 -8.71 0.28 22.77
CA GLU A 257 -9.36 0.18 21.48
C GLU A 257 -10.31 -1.01 21.51
N VAL A 258 -11.54 -0.80 21.09
CA VAL A 258 -12.58 -1.82 21.09
C VAL A 258 -12.97 -2.06 19.64
N THR A 259 -13.17 -3.33 19.29
CA THR A 259 -13.72 -3.71 18.00
C THR A 259 -14.94 -4.58 18.28
N MET A 260 -16.02 -4.23 17.58
CA MET A 260 -17.29 -4.89 17.87
C MET A 260 -17.88 -5.40 16.58
N GLU A 261 -18.30 -6.67 16.58
N GLU A 261 -18.29 -6.66 16.58
CA GLU A 261 -19.07 -7.20 15.45
CA GLU A 261 -19.08 -7.19 15.44
C GLU A 261 -20.45 -7.54 16.04
C GLU A 261 -20.45 -7.54 16.04
N LEU A 262 -21.49 -6.82 15.64
CA LEU A 262 -22.83 -7.05 16.20
C LEU A 262 -23.76 -7.59 15.10
N GLY A 263 -25.06 -7.58 15.36
CA GLY A 263 -26.02 -8.13 14.44
C GLY A 263 -26.43 -7.13 13.37
N GLY A 264 -27.43 -7.52 12.60
CA GLY A 264 -27.97 -6.66 11.56
C GLY A 264 -29.38 -7.07 11.21
N LYS A 265 -29.98 -6.29 10.32
CA LYS A 265 -31.24 -6.65 9.67
C LYS A 265 -30.99 -6.37 8.18
N SER A 266 -30.27 -7.30 7.55
CA SER A 266 -29.64 -7.02 6.27
C SER A 266 -30.64 -7.19 5.13
N PRO A 267 -30.65 -6.28 4.16
CA PRO A 267 -31.60 -6.41 3.04
C PRO A 267 -31.05 -7.27 1.90
N LEU A 268 -31.94 -8.09 1.35
CA LEU A 268 -31.68 -8.82 0.12
C LEU A 268 -32.65 -8.29 -0.94
N ILE A 269 -32.10 -7.66 -1.98
CA ILE A 269 -32.91 -6.97 -2.97
C ILE A 269 -32.97 -7.83 -4.22
N ILE A 270 -34.16 -8.29 -4.57
N ILE A 270 -34.16 -8.30 -4.57
CA ILE A 270 -34.38 -9.09 -5.78
CA ILE A 270 -34.39 -9.08 -5.77
C ILE A 270 -34.83 -8.15 -6.89
C ILE A 270 -34.81 -8.12 -6.88
N ALA A 271 -34.04 -8.06 -7.95
CA ALA A 271 -34.36 -7.16 -9.05
C ALA A 271 -35.46 -7.76 -9.93
N GLU A 272 -36.04 -6.92 -10.78
CA GLU A 272 -37.16 -7.34 -11.66
C GLU A 272 -36.66 -8.22 -12.81
N ASP A 273 -35.38 -8.22 -13.09
CA ASP A 273 -34.82 -9.06 -14.15
C ASP A 273 -34.20 -10.34 -13.61
N ALA A 274 -34.32 -10.58 -12.31
CA ALA A 274 -33.67 -11.71 -11.65
C ALA A 274 -34.42 -13.02 -11.88
N ASN A 275 -33.65 -14.10 -12.08
CA ASN A 275 -34.19 -15.44 -12.04
C ASN A 275 -34.69 -15.77 -10.64
N LEU A 276 -35.95 -16.14 -10.50
CA LEU A 276 -36.54 -16.29 -9.18
C LEU A 276 -36.12 -17.59 -8.50
N ASP A 277 -35.72 -18.60 -9.26
CA ASP A 277 -35.11 -19.79 -8.66
C ASP A 277 -33.79 -19.44 -7.99
N LEU A 278 -32.96 -18.65 -8.66
CA LEU A 278 -31.72 -18.18 -8.03
C LEU A 278 -32.04 -17.32 -6.82
N ALA A 279 -33.00 -16.40 -6.97
CA ALA A 279 -33.34 -15.51 -5.87
C ALA A 279 -33.86 -16.28 -4.66
N ALA A 280 -34.71 -17.28 -4.90
CA ALA A 280 -35.21 -18.10 -3.80
C ALA A 280 -34.10 -18.90 -3.14
N ASP A 281 -33.21 -19.48 -3.93
CA ASP A 281 -32.08 -20.19 -3.36
C ASP A 281 -31.22 -19.27 -2.50
N ILE A 282 -30.95 -18.06 -2.99
CA ILE A 282 -30.15 -17.11 -2.20
C ILE A 282 -30.90 -16.74 -0.92
N ALA A 283 -32.20 -16.48 -1.02
CA ALA A 283 -32.97 -16.11 0.16
C ALA A 283 -32.97 -17.22 1.19
N MET A 284 -33.13 -18.46 0.73
CA MET A 284 -33.06 -19.61 1.64
C MET A 284 -31.74 -19.64 2.38
N MET A 285 -30.63 -19.54 1.64
CA MET A 285 -29.31 -19.60 2.27
C MET A 285 -29.05 -18.38 3.15
N ALA A 286 -29.72 -17.26 2.88
CA ALA A 286 -29.53 -16.04 3.65
C ALA A 286 -30.38 -15.98 4.92
N ASN A 287 -31.26 -16.97 5.15
CA ASN A 287 -32.15 -16.90 6.30
C ASN A 287 -32.14 -18.14 7.19
N PHE A 288 -31.87 -19.31 6.62
CA PHE A 288 -32.09 -20.57 7.33
C PHE A 288 -30.84 -21.38 7.58
N TYR A 289 -29.67 -20.90 7.18
CA TYR A 289 -28.43 -21.55 7.59
C TYR A 289 -28.19 -21.33 9.08
N SER A 290 -27.61 -22.35 9.72
CA SER A 290 -27.42 -22.33 11.17
C SER A 290 -28.73 -21.99 11.87
N SER A 291 -29.85 -22.42 11.29
CA SER A 291 -31.20 -22.16 11.80
C SER A 291 -31.47 -20.69 12.04
N GLY A 292 -30.96 -19.84 11.15
CA GLY A 292 -31.18 -18.41 11.16
C GLY A 292 -30.38 -17.59 12.15
N GLN A 293 -29.51 -18.27 12.91
CA GLN A 293 -28.69 -17.65 14.00
C GLN A 293 -27.35 -17.18 13.43
N VAL A 294 -27.39 -16.19 12.55
CA VAL A 294 -26.21 -15.70 11.84
C VAL A 294 -26.41 -14.20 11.63
N CYS A 295 -25.42 -13.41 12.06
CA CYS A 295 -25.56 -11.95 12.05
C CYS A 295 -25.75 -11.37 10.65
N THR A 296 -25.12 -11.97 9.63
CA THR A 296 -25.18 -11.44 8.28
C THR A 296 -26.43 -11.86 7.50
N ASN A 297 -27.36 -12.55 8.15
CA ASN A 297 -28.51 -13.09 7.42
C ASN A 297 -29.34 -11.99 6.77
N GLY A 298 -29.85 -12.29 5.58
CA GLY A 298 -30.68 -11.39 4.80
C GLY A 298 -32.14 -11.54 5.17
N THR A 299 -32.53 -11.00 6.32
CA THR A 299 -33.84 -11.25 6.89
C THR A 299 -34.93 -10.33 6.37
N ARG A 300 -34.57 -9.28 5.63
CA ARG A 300 -35.54 -8.48 4.89
C ARG A 300 -35.33 -8.78 3.41
N VAL A 301 -36.24 -9.55 2.82
CA VAL A 301 -36.17 -9.93 1.42
C VAL A 301 -37.13 -9.05 0.65
N PHE A 302 -36.60 -8.16 -0.17
CA PHE A 302 -37.40 -7.22 -0.96
C PHE A 302 -37.60 -7.82 -2.35
N VAL A 303 -38.86 -8.02 -2.73
CA VAL A 303 -39.18 -8.66 -4.00
C VAL A 303 -40.12 -7.78 -4.81
N PRO A 304 -39.93 -7.66 -6.12
CA PRO A 304 -40.85 -6.86 -6.94
C PRO A 304 -42.29 -7.36 -6.83
N ALA A 305 -43.23 -6.41 -6.77
CA ALA A 305 -44.63 -6.78 -6.60
C ALA A 305 -45.06 -7.78 -7.67
N LYS A 306 -44.60 -7.58 -8.92
CA LYS A 306 -45.06 -8.43 -10.01
C LYS A 306 -44.61 -9.87 -9.83
N PHE A 307 -43.61 -10.11 -8.99
CA PHE A 307 -43.08 -11.49 -8.85
C PHE A 307 -43.26 -11.97 -7.43
N LYS A 308 -43.97 -11.21 -6.60
CA LYS A 308 -44.00 -11.56 -5.19
C LYS A 308 -44.66 -12.92 -4.98
N ALA A 309 -45.80 -13.14 -5.64
CA ALA A 309 -46.54 -14.37 -5.47
C ALA A 309 -45.74 -15.57 -5.94
N GLU A 310 -45.11 -15.46 -7.11
CA GLU A 310 -44.31 -16.58 -7.60
C GLU A 310 -43.15 -16.86 -6.67
N PHE A 311 -42.51 -15.80 -6.16
CA PHE A 311 -41.40 -15.99 -5.22
C PHE A 311 -41.88 -16.65 -3.93
N GLU A 312 -43.08 -16.30 -3.47
CA GLU A 312 -43.60 -16.92 -2.25
C GLU A 312 -43.77 -18.43 -2.43
N HIS A 313 -44.30 -18.85 -3.58
N HIS A 313 -44.29 -18.85 -3.57
CA HIS A 313 -44.43 -20.27 -3.85
CA HIS A 313 -44.43 -20.28 -3.83
C HIS A 313 -43.07 -20.95 -3.88
C HIS A 313 -43.06 -20.96 -3.88
N LYS A 314 -42.08 -20.32 -4.53
CA LYS A 314 -40.76 -20.91 -4.62
C LYS A 314 -40.12 -21.06 -3.23
N ILE A 315 -40.38 -20.12 -2.33
CA ILE A 315 -39.88 -20.25 -0.97
C ILE A 315 -40.56 -21.42 -0.29
N LEU A 316 -41.89 -21.49 -0.41
CA LEU A 316 -42.64 -22.59 0.21
C LEU A 316 -42.11 -23.94 -0.27
N GLU A 317 -41.83 -24.06 -1.57
CA GLU A 317 -41.28 -25.32 -2.08
C GLU A 317 -39.95 -25.65 -1.44
N ARG A 318 -39.09 -24.65 -1.25
CA ARG A 318 -37.76 -24.89 -0.68
C ARG A 318 -37.83 -25.12 0.82
N VAL A 319 -38.74 -24.44 1.52
CA VAL A 319 -38.85 -24.61 2.96
C VAL A 319 -39.30 -26.03 3.29
N GLY A 320 -40.17 -26.60 2.46
CA GLY A 320 -40.55 -27.99 2.63
C GLY A 320 -39.40 -28.97 2.54
N ARG A 321 -38.29 -28.56 1.94
CA ARG A 321 -37.11 -29.41 1.82
C ARG A 321 -36.21 -29.38 3.06
N ILE A 322 -36.46 -28.49 4.01
CA ILE A 322 -35.59 -28.39 5.16
C ILE A 322 -35.74 -29.64 6.01
N ARG A 323 -34.60 -30.23 6.40
CA ARG A 323 -34.59 -31.54 7.03
C ARG A 323 -34.03 -31.41 8.45
N ALA A 324 -34.92 -31.27 9.42
CA ALA A 324 -34.54 -31.35 10.83
C ALA A 324 -34.38 -32.81 11.24
N GLY A 325 -33.44 -33.06 12.13
CA GLY A 325 -33.26 -34.41 12.64
C GLY A 325 -31.91 -34.58 13.33
N ASP A 326 -31.44 -35.81 13.34
CA ASP A 326 -30.14 -36.16 13.92
C ASP A 326 -29.06 -35.23 13.38
N LEU A 327 -28.43 -34.48 14.28
CA LEU A 327 -27.47 -33.45 13.88
C LEU A 327 -26.22 -34.04 13.25
N PHE A 328 -25.92 -35.31 13.50
CA PHE A 328 -24.77 -35.96 12.90
C PHE A 328 -25.12 -36.72 11.62
N ALA A 329 -26.40 -36.78 11.27
CA ALA A 329 -26.80 -37.40 10.02
C ALA A 329 -26.47 -36.51 8.84
N ASP A 330 -26.05 -37.13 7.73
CA ASP A 330 -25.54 -36.37 6.60
C ASP A 330 -26.62 -35.48 5.99
N ASP A 331 -27.87 -35.92 5.98
CA ASP A 331 -28.93 -35.16 5.33
C ASP A 331 -29.63 -34.17 6.24
N THR A 332 -29.31 -34.13 7.54
CA THR A 332 -29.81 -33.06 8.39
C THR A 332 -29.20 -31.73 7.96
N ASN A 333 -30.04 -30.75 7.65
CA ASN A 333 -29.56 -29.42 7.31
C ASN A 333 -30.18 -28.34 8.19
N PHE A 334 -30.84 -28.71 9.28
CA PHE A 334 -31.50 -27.75 10.15
C PHE A 334 -31.41 -28.25 11.59
N GLY A 335 -30.98 -27.38 12.50
CA GLY A 335 -30.78 -27.76 13.87
C GLY A 335 -31.67 -26.98 14.83
N PRO A 336 -31.65 -27.35 16.10
CA PRO A 336 -32.35 -26.55 17.10
C PRO A 336 -31.63 -25.24 17.36
N LEU A 337 -32.35 -24.29 17.95
CA LEU A 337 -31.70 -23.10 18.46
C LEU A 337 -30.82 -23.45 19.66
N VAL A 338 -29.90 -22.55 19.99
CA VAL A 338 -28.84 -22.88 20.93
C VAL A 338 -29.38 -23.09 22.34
N SER A 339 -30.56 -22.56 22.67
CA SER A 339 -31.08 -22.66 24.03
C SER A 339 -32.57 -22.34 24.01
N PHE A 340 -33.24 -22.78 25.08
CA PHE A 340 -34.68 -22.56 25.23
C PHE A 340 -35.01 -21.08 25.46
N PRO A 341 -34.20 -20.35 26.22
CA PRO A 341 -34.46 -18.90 26.33
C PRO A 341 -34.33 -18.17 24.99
N HIS A 342 -33.36 -18.55 24.16
CA HIS A 342 -33.24 -17.91 22.86
C HIS A 342 -34.46 -18.20 22.00
N ARG A 343 -34.94 -19.45 22.01
CA ARG A 343 -36.15 -19.78 21.25
C ARG A 343 -37.35 -18.99 21.73
N GLN A 344 -37.43 -18.75 23.04
CA GLN A 344 -38.55 -17.97 23.57
C GLN A 344 -38.59 -16.59 22.96
N ASN A 345 -37.43 -15.96 22.79
CA ASN A 345 -37.38 -14.64 22.17
C ASN A 345 -37.80 -14.71 20.70
N VAL A 346 -37.36 -15.75 19.99
CA VAL A 346 -37.76 -15.92 18.59
C VAL A 346 -39.26 -16.13 18.51
N LEU A 347 -39.81 -16.92 19.43
CA LEU A 347 -41.26 -17.17 19.43
C LEU A 347 -42.04 -15.90 19.72
N ARG A 348 -41.51 -15.02 20.56
CA ARG A 348 -42.17 -13.75 20.82
C ARG A 348 -42.21 -12.87 19.57
N TYR A 349 -41.12 -12.86 18.80
CA TYR A 349 -41.13 -12.10 17.54
C TYR A 349 -42.14 -12.68 16.56
N ILE A 350 -42.21 -14.01 16.46
CA ILE A 350 -43.18 -14.63 15.56
C ILE A 350 -44.59 -14.20 15.92
N GLU A 351 -44.92 -14.20 17.22
CA GLU A 351 -46.25 -13.81 17.66
C GLU A 351 -46.52 -12.34 17.36
N SER A 352 -45.50 -11.48 17.50
CA SER A 352 -45.67 -10.09 17.14
C SER A 352 -45.94 -9.93 15.64
N GLY A 353 -45.34 -10.79 14.82
CA GLY A 353 -45.64 -10.78 13.40
C GLY A 353 -47.10 -11.09 13.14
N LYS A 354 -47.63 -12.12 13.80
CA LYS A 354 -49.04 -12.46 13.66
C LYS A 354 -49.94 -11.34 14.15
N SER A 355 -49.61 -10.74 15.29
CA SER A 355 -50.48 -9.74 15.87
C SER A 355 -50.46 -8.43 15.08
N GLU A 356 -49.33 -8.12 14.43
CA GLU A 356 -49.18 -6.88 13.69
C GLU A 356 -49.70 -6.97 12.27
N GLY A 357 -50.27 -8.10 11.87
CA GLY A 357 -50.94 -8.24 10.59
C GLY A 357 -50.10 -8.81 9.46
N ALA A 358 -48.88 -9.27 9.74
CA ALA A 358 -48.11 -10.00 8.76
C ALA A 358 -48.77 -11.34 8.45
N ARG A 359 -48.61 -11.79 7.21
CA ARG A 359 -49.20 -13.06 6.78
C ARG A 359 -48.19 -14.18 6.99
N LEU A 360 -48.55 -15.15 7.84
CA LEU A 360 -47.67 -16.29 8.06
C LEU A 360 -47.77 -17.20 6.84
N LEU A 361 -46.66 -17.38 6.13
CA LEU A 361 -46.62 -18.21 4.94
C LEU A 361 -46.33 -19.66 5.31
N CYS A 362 -45.48 -19.88 6.32
CA CYS A 362 -45.24 -21.23 6.81
C CYS A 362 -44.55 -21.13 8.17
N GLY A 363 -44.56 -22.24 8.89
CA GLY A 363 -43.89 -22.33 10.17
C GLY A 363 -44.65 -21.60 11.28
N GLY A 364 -43.90 -21.07 12.23
CA GLY A 364 -44.44 -20.25 13.30
C GLY A 364 -44.63 -20.93 14.64
N ASP A 365 -44.27 -22.21 14.77
CA ASP A 365 -44.52 -22.94 16.00
C ASP A 365 -43.28 -23.74 16.37
N VAL A 366 -43.19 -24.11 17.66
CA VAL A 366 -42.17 -25.07 18.07
C VAL A 366 -42.40 -26.40 17.35
N LEU A 367 -41.34 -27.19 17.24
CA LEU A 367 -41.43 -28.55 16.76
C LEU A 367 -41.64 -29.52 17.90
N LYS A 368 -42.43 -30.57 17.65
CA LYS A 368 -42.81 -31.55 18.65
C LYS A 368 -42.57 -32.96 18.11
N GLY A 369 -42.43 -33.89 19.04
CA GLY A 369 -42.23 -35.30 18.73
C GLY A 369 -40.90 -35.80 19.24
N GLU A 370 -40.73 -37.12 19.16
CA GLU A 370 -39.50 -37.74 19.63
C GLU A 370 -38.31 -37.15 18.88
N GLY A 371 -37.30 -36.73 19.63
CA GLY A 371 -36.13 -36.10 19.09
C GLY A 371 -36.19 -34.59 19.08
N PHE A 372 -37.38 -34.00 19.23
CA PHE A 372 -37.53 -32.55 19.30
C PHE A 372 -37.99 -32.03 20.64
N ASP A 373 -38.67 -32.86 21.44
CA ASP A 373 -39.24 -32.37 22.69
C ASP A 373 -38.16 -31.96 23.69
N ASN A 374 -36.91 -32.39 23.49
CA ASN A 374 -35.83 -32.09 24.42
C ASN A 374 -34.93 -30.96 23.95
N GLY A 375 -35.09 -30.50 22.71
CA GLY A 375 -34.32 -29.41 22.18
C GLY A 375 -35.20 -28.21 21.85
N ALA A 376 -34.54 -27.08 21.59
CA ALA A 376 -35.24 -25.81 21.40
C ALA A 376 -35.41 -25.58 19.90
N TRP A 377 -36.25 -26.41 19.30
CA TRP A 377 -36.51 -26.38 17.87
C TRP A 377 -37.60 -25.37 17.54
N VAL A 378 -37.40 -24.62 16.47
CA VAL A 378 -38.44 -23.79 15.87
C VAL A 378 -38.55 -24.16 14.40
N ALA A 379 -39.78 -24.27 13.92
CA ALA A 379 -39.99 -24.56 12.50
C ALA A 379 -39.46 -23.40 11.68
N PRO A 380 -38.85 -23.65 10.52
CA PRO A 380 -38.48 -22.53 9.64
C PRO A 380 -39.72 -21.72 9.28
N THR A 381 -39.62 -20.40 9.45
CA THR A 381 -40.78 -19.53 9.40
C THR A 381 -40.58 -18.44 8.37
N VAL A 382 -41.64 -18.15 7.62
CA VAL A 382 -41.63 -17.09 6.62
C VAL A 382 -42.88 -16.25 6.80
N PHE A 383 -42.69 -14.94 6.93
CA PHE A 383 -43.78 -13.97 6.90
C PHE A 383 -43.74 -13.23 5.58
N THR A 384 -44.92 -12.89 5.07
CA THR A 384 -45.04 -12.04 3.89
C THR A 384 -46.09 -10.98 4.15
N ASP A 385 -46.33 -10.13 3.15
CA ASP A 385 -47.20 -8.96 3.33
C ASP A 385 -46.69 -8.09 4.48
N CYS A 386 -45.38 -8.02 4.62
CA CYS A 386 -44.75 -7.30 5.72
C CYS A 386 -44.60 -5.82 5.37
N THR A 387 -44.57 -4.99 6.40
CA THR A 387 -44.42 -3.55 6.22
C THR A 387 -43.27 -3.06 7.09
N ASP A 388 -42.70 -1.92 6.68
CA ASP A 388 -41.45 -1.46 7.27
C ASP A 388 -41.60 -1.16 8.76
N ASP A 389 -42.81 -0.91 9.22
CA ASP A 389 -43.04 -0.56 10.62
C ASP A 389 -43.22 -1.77 11.52
N MET A 390 -43.33 -2.98 10.97
CA MET A 390 -43.54 -4.15 11.81
C MET A 390 -42.29 -4.49 12.59
N THR A 391 -42.49 -5.02 13.80
CA THR A 391 -41.39 -5.36 14.68
C THR A 391 -40.47 -6.40 14.04
N ILE A 392 -41.04 -7.40 13.37
CA ILE A 392 -40.23 -8.44 12.77
C ILE A 392 -39.38 -7.91 11.62
N VAL A 393 -39.78 -6.80 11.00
CA VAL A 393 -38.98 -6.21 9.95
C VAL A 393 -37.89 -5.30 10.51
N ARG A 394 -38.15 -4.67 11.65
CA ARG A 394 -37.25 -3.65 12.17
C ARG A 394 -36.15 -4.19 13.07
N GLU A 395 -36.35 -5.34 13.71
CA GLU A 395 -35.44 -5.82 14.73
C GLU A 395 -34.84 -7.16 14.35
N GLU A 396 -33.58 -7.35 14.73
CA GLU A 396 -32.91 -8.63 14.50
C GLU A 396 -33.52 -9.71 15.40
N ILE A 397 -33.91 -10.82 14.80
CA ILE A 397 -34.53 -11.92 15.51
C ILE A 397 -33.51 -12.99 15.88
N PHE A 398 -32.55 -13.24 14.99
CA PHE A 398 -31.52 -14.26 15.22
C PHE A 398 -32.16 -15.64 15.33
N GLY A 399 -33.14 -15.88 14.45
CA GLY A 399 -33.82 -17.15 14.37
C GLY A 399 -34.31 -17.37 12.96
N PRO A 400 -34.93 -18.52 12.70
CA PRO A 400 -35.31 -18.85 11.31
C PRO A 400 -36.62 -18.20 10.89
N VAL A 401 -36.56 -16.89 10.66
CA VAL A 401 -37.75 -16.08 10.36
C VAL A 401 -37.42 -15.14 9.22
N MET A 402 -37.97 -15.40 8.04
CA MET A 402 -37.80 -14.55 6.87
C MET A 402 -38.99 -13.61 6.75
N SER A 403 -38.70 -12.34 6.44
CA SER A 403 -39.72 -11.34 6.14
C SER A 403 -39.64 -10.96 4.68
N ILE A 404 -40.74 -11.15 3.95
CA ILE A 404 -40.81 -10.83 2.52
C ILE A 404 -41.54 -9.51 2.38
N LEU A 405 -40.90 -8.54 1.74
CA LEU A 405 -41.46 -7.21 1.53
C LEU A 405 -41.55 -6.90 0.04
N SER A 406 -42.61 -6.21 -0.35
CA SER A 406 -42.84 -5.83 -1.74
CA SER A 406 -42.83 -5.83 -1.73
C SER A 406 -42.37 -4.40 -1.98
N TYR A 407 -41.91 -4.15 -3.20
CA TYR A 407 -41.46 -2.83 -3.63
C TYR A 407 -41.83 -2.63 -5.10
N ASP A 408 -41.83 -1.36 -5.51
CA ASP A 408 -42.23 -0.98 -6.86
C ASP A 408 -41.09 -0.46 -7.73
N ASP A 409 -40.15 0.31 -7.18
CA ASP A 409 -39.11 0.92 -7.99
C ASP A 409 -37.79 0.93 -7.22
N GLU A 410 -36.71 1.15 -7.98
CA GLU A 410 -35.36 0.98 -7.46
C GLU A 410 -35.04 2.02 -6.39
N ALA A 411 -35.42 3.28 -6.60
CA ALA A 411 -35.16 4.30 -5.59
C ALA A 411 -35.86 3.96 -4.28
N GLU A 412 -37.09 3.45 -4.36
CA GLU A 412 -37.81 3.07 -3.14
C GLU A 412 -37.08 1.98 -2.37
N VAL A 413 -36.64 0.93 -3.06
CA VAL A 413 -36.04 -0.19 -2.34
C VAL A 413 -34.70 0.19 -1.75
N ILE A 414 -33.95 1.06 -2.42
CA ILE A 414 -32.69 1.56 -1.87
C ILE A 414 -32.95 2.35 -0.60
N ARG A 415 -33.96 3.23 -0.65
N ARG A 415 -33.96 3.23 -0.64
CA ARG A 415 -34.31 4.03 0.52
CA ARG A 415 -34.29 4.03 0.54
C ARG A 415 -34.73 3.15 1.69
C ARG A 415 -34.73 3.15 1.69
N ARG A 416 -35.57 2.15 1.41
CA ARG A 416 -36.07 1.29 2.48
C ARG A 416 -35.02 0.32 2.97
N ALA A 417 -34.14 -0.15 2.08
CA ALA A 417 -33.04 -1.01 2.50
C ALA A 417 -32.11 -0.27 3.44
N ASN A 418 -31.89 1.02 3.20
CA ASN A 418 -31.01 1.84 4.01
C ASN A 418 -31.69 2.44 5.23
N ALA A 419 -33.02 2.35 5.34
CA ALA A 419 -33.75 3.04 6.39
C ALA A 419 -33.76 2.18 7.66
N THR A 420 -32.61 2.17 8.33
CA THR A 420 -32.36 1.28 9.45
C THR A 420 -31.08 1.75 10.12
N GLU A 421 -30.98 1.53 11.43
CA GLU A 421 -29.75 1.83 12.15
C GLU A 421 -28.73 0.70 12.01
N TYR A 422 -29.16 -0.48 11.58
CA TYR A 422 -28.25 -1.58 11.31
C TYR A 422 -27.53 -1.35 9.98
N GLY A 423 -26.38 -2.00 9.82
CA GLY A 423 -25.56 -1.78 8.63
C GLY A 423 -24.61 -2.90 8.24
N LEU A 424 -24.93 -4.15 8.60
CA LEU A 424 -23.91 -5.19 8.51
C LEU A 424 -23.73 -5.68 7.06
N ALA A 425 -24.78 -6.25 6.47
CA ALA A 425 -24.66 -6.88 5.16
C ALA A 425 -25.80 -6.43 4.26
N ALA A 426 -25.65 -6.74 2.97
CA ALA A 426 -26.67 -6.46 1.97
C ALA A 426 -26.39 -7.30 0.73
N GLY A 427 -27.38 -7.43 -0.13
CA GLY A 427 -27.20 -8.16 -1.37
C GLY A 427 -28.22 -7.78 -2.41
N VAL A 428 -27.87 -8.04 -3.67
CA VAL A 428 -28.76 -7.81 -4.80
C VAL A 428 -28.67 -9.00 -5.75
N VAL A 429 -29.81 -9.38 -6.32
CA VAL A 429 -29.87 -10.43 -7.34
C VAL A 429 -30.32 -9.77 -8.64
N THR A 430 -29.45 -9.82 -9.65
CA THR A 430 -29.75 -9.23 -10.96
C THR A 430 -28.68 -9.66 -11.96
N PRO A 431 -29.06 -10.00 -13.19
CA PRO A 431 -28.05 -10.25 -14.22
C PRO A 431 -27.53 -9.01 -14.91
N ASP A 432 -28.02 -7.83 -14.55
CA ASP A 432 -27.70 -6.61 -15.26
C ASP A 432 -26.47 -5.94 -14.66
N LEU A 433 -25.50 -5.63 -15.52
CA LEU A 433 -24.23 -5.06 -15.06
C LEU A 433 -24.47 -3.75 -14.31
N ASN A 434 -25.17 -2.82 -14.95
CA ASN A 434 -25.36 -1.50 -14.35
C ASN A 434 -26.17 -1.59 -13.05
N ARG A 435 -27.26 -2.36 -13.07
CA ARG A 435 -28.12 -2.44 -11.90
C ARG A 435 -27.35 -2.97 -10.69
N ALA A 436 -26.56 -4.03 -10.88
CA ALA A 436 -25.87 -4.65 -9.76
C ALA A 436 -24.95 -3.66 -9.05
N HIS A 437 -24.06 -3.02 -9.81
CA HIS A 437 -23.10 -2.10 -9.21
C HIS A 437 -23.78 -0.82 -8.74
N ARG A 438 -24.71 -0.30 -9.52
CA ARG A 438 -25.41 0.93 -9.17
C ARG A 438 -26.12 0.79 -7.83
N ILE A 439 -26.88 -0.29 -7.64
CA ILE A 439 -27.60 -0.46 -6.39
C ILE A 439 -26.65 -0.72 -5.22
N ILE A 440 -25.66 -1.59 -5.42
CA ILE A 440 -24.79 -1.97 -4.31
C ILE A 440 -24.01 -0.76 -3.81
N HIS A 441 -23.60 0.11 -4.72
CA HIS A 441 -22.83 1.30 -4.33
C HIS A 441 -23.66 2.26 -3.47
N GLN A 442 -24.98 2.14 -3.50
CA GLN A 442 -25.86 3.08 -2.75
C GLN A 442 -26.33 2.46 -1.42
N LEU A 443 -25.98 1.22 -1.15
CA LEU A 443 -26.44 0.57 0.07
C LEU A 443 -25.45 0.85 1.20
N GLU A 444 -25.99 1.09 2.40
CA GLU A 444 -25.19 1.43 3.57
C GLU A 444 -24.91 0.17 4.37
N ALA A 445 -23.95 -0.63 3.87
CA ALA A 445 -23.60 -1.88 4.50
C ALA A 445 -22.16 -2.23 4.19
N GLY A 446 -21.49 -2.89 5.13
CA GLY A 446 -20.08 -3.22 4.99
C GLY A 446 -19.79 -4.46 4.17
N ILE A 447 -20.77 -5.36 4.05
CA ILE A 447 -20.59 -6.64 3.37
C ILE A 447 -21.70 -6.75 2.33
N CYS A 448 -21.34 -6.77 1.06
CA CYS A 448 -22.30 -6.74 -0.03
C CYS A 448 -22.06 -7.90 -0.99
N TRP A 449 -23.11 -8.68 -1.25
CA TRP A 449 -23.03 -9.85 -2.11
C TRP A 449 -23.89 -9.60 -3.35
N ILE A 450 -23.33 -9.87 -4.51
CA ILE A 450 -24.06 -9.79 -5.78
C ILE A 450 -24.27 -11.22 -6.28
N ASN A 451 -25.54 -11.63 -6.35
CA ASN A 451 -25.92 -12.93 -6.90
C ASN A 451 -25.35 -14.08 -6.07
N SER A 452 -25.28 -13.87 -4.76
CA SER A 452 -24.78 -14.88 -3.83
CA SER A 452 -24.80 -14.89 -3.83
C SER A 452 -25.11 -14.40 -2.41
N TRP A 453 -24.67 -15.18 -1.43
CA TRP A 453 -24.81 -14.78 -0.03
C TRP A 453 -23.88 -15.63 0.82
N GLY A 454 -23.27 -15.00 1.82
CA GLY A 454 -22.69 -15.69 2.94
C GLY A 454 -21.20 -15.97 2.84
N GLU A 455 -20.61 -15.88 1.66
CA GLU A 455 -19.20 -16.24 1.53
C GLU A 455 -18.35 -15.10 2.08
N SER A 456 -17.34 -15.44 2.88
CA SER A 456 -16.57 -14.46 3.65
C SER A 456 -15.09 -14.80 3.56
N PRO A 457 -14.48 -14.59 2.39
CA PRO A 457 -13.07 -14.99 2.22
C PRO A 457 -12.15 -14.28 3.19
N ALA A 458 -11.07 -14.98 3.56
CA ALA A 458 -10.08 -14.40 4.47
C ALA A 458 -9.54 -13.08 3.96
N GLU A 459 -9.50 -12.90 2.64
CA GLU A 459 -8.98 -11.67 2.05
C GLU A 459 -9.93 -10.50 2.21
N MET A 460 -11.19 -10.76 2.51
CA MET A 460 -12.24 -9.77 2.40
C MET A 460 -12.54 -9.16 3.76
N PRO A 461 -12.23 -7.87 3.98
CA PRO A 461 -12.61 -7.25 5.25
C PRO A 461 -14.13 -7.26 5.41
N VAL A 462 -14.57 -7.64 6.61
CA VAL A 462 -16.00 -7.74 6.90
C VAL A 462 -16.29 -7.06 8.22
N GLY A 463 -17.42 -6.35 8.26
CA GLY A 463 -17.84 -5.63 9.44
C GLY A 463 -18.97 -4.71 9.07
N GLY A 464 -19.49 -4.02 10.09
CA GLY A 464 -20.76 -3.34 9.96
C GLY A 464 -20.66 -1.83 9.80
N TYR A 465 -21.62 -1.28 9.08
CA TYR A 465 -21.90 0.14 9.11
C TYR A 465 -22.75 0.47 10.33
N LYS A 466 -22.74 1.75 10.69
CA LYS A 466 -23.60 2.29 11.76
C LYS A 466 -23.58 1.47 13.04
N HIS A 467 -24.74 1.02 13.49
CA HIS A 467 -24.84 0.36 14.78
C HIS A 467 -24.50 -1.12 14.72
N SER A 468 -24.12 -1.65 13.57
CA SER A 468 -23.84 -3.07 13.43
C SER A 468 -22.40 -3.44 13.75
N GLY A 469 -21.53 -2.46 13.94
CA GLY A 469 -20.21 -2.79 14.48
C GLY A 469 -19.27 -1.62 14.46
N ILE A 470 -18.09 -1.87 15.01
N ILE A 470 -18.10 -1.86 15.03
CA ILE A 470 -16.96 -0.94 14.99
CA ILE A 470 -16.97 -0.93 14.98
C ILE A 470 -15.76 -1.71 14.49
C ILE A 470 -15.78 -1.72 14.46
N GLY A 471 -15.08 -1.17 13.47
CA GLY A 471 -13.93 -1.84 12.91
C GLY A 471 -14.31 -2.97 11.97
N ARG A 472 -13.31 -3.80 11.67
CA ARG A 472 -13.44 -4.84 10.66
C ARG A 472 -12.67 -6.07 11.12
N GLU A 473 -13.04 -7.21 10.54
CA GLU A 473 -12.27 -8.44 10.65
C GLU A 473 -11.86 -8.93 9.28
N ASN A 474 -10.81 -9.76 9.27
CA ASN A 474 -10.25 -10.33 8.05
C ASN A 474 -9.65 -9.26 7.15
N GLY A 475 -8.98 -9.68 6.07
CA GLY A 475 -8.25 -8.76 5.23
C GLY A 475 -6.95 -8.31 5.84
N VAL A 476 -6.13 -7.67 4.99
CA VAL A 476 -4.84 -7.15 5.44
CA VAL A 476 -4.84 -7.17 5.47
C VAL A 476 -5.04 -6.07 6.50
N MET A 477 -6.09 -5.27 6.36
CA MET A 477 -6.29 -4.15 7.28
C MET A 477 -6.49 -4.62 8.71
N THR A 478 -7.04 -5.82 8.91
CA THR A 478 -7.25 -6.28 10.27
C THR A 478 -5.95 -6.70 10.94
N LEU A 479 -5.00 -7.22 10.16
CA LEU A 479 -3.66 -7.46 10.71
C LEU A 479 -3.06 -6.15 11.22
N GLN A 480 -3.17 -5.09 10.42
CA GLN A 480 -2.63 -3.79 10.80
C GLN A 480 -3.35 -3.23 12.02
N SER A 481 -4.65 -3.46 12.13
CA SER A 481 -5.44 -2.94 13.24
C SER A 481 -5.08 -3.59 14.57
N TYR A 482 -4.37 -4.71 14.57
CA TYR A 482 -3.84 -5.30 15.80
C TYR A 482 -2.41 -4.87 16.06
N THR A 483 -1.94 -3.84 15.37
CA THR A 483 -0.70 -3.15 15.69
C THR A 483 -0.99 -1.69 16.00
N GLN A 484 -0.01 -1.03 16.58
CA GLN A 484 -0.06 0.41 16.80
C GLN A 484 1.16 1.04 16.15
N VAL A 485 0.98 2.24 15.61
CA VAL A 485 2.01 2.93 14.87
C VAL A 485 2.86 3.75 15.85
N LYS A 486 4.17 3.62 15.74
CA LYS A 486 5.11 4.51 16.40
C LYS A 486 5.85 5.27 15.31
N SER A 487 5.77 6.60 15.36
CA SER A 487 6.51 7.45 14.44
C SER A 487 7.78 7.95 15.10
N ILE A 488 8.89 7.84 14.38
CA ILE A 488 10.23 8.14 14.90
C ILE A 488 10.86 9.13 13.94
N GLN A 489 11.19 10.32 14.43
CA GLN A 489 11.91 11.31 13.64
C GLN A 489 13.38 11.28 14.00
N VAL A 490 14.23 11.07 13.00
CA VAL A 490 15.68 11.18 13.12
C VAL A 490 16.08 12.56 12.63
N GLU A 491 16.46 13.43 13.57
CA GLU A 491 16.94 14.79 13.21
C GLU A 491 18.47 14.77 13.20
N MET A 492 19.06 14.86 12.02
CA MET A 492 20.50 14.84 11.88
C MET A 492 21.10 16.23 11.80
N GLY A 493 20.28 17.25 11.59
CA GLY A 493 20.74 18.61 11.62
C GLY A 493 20.84 19.14 13.03
N PRO A 494 21.44 20.33 13.16
CA PRO A 494 21.52 20.99 14.48
C PRO A 494 20.18 21.52 14.95
N PHE A 495 19.75 21.07 16.13
CA PHE A 495 18.49 21.54 16.70
C PHE A 495 18.58 23.00 17.12
N GLN A 496 17.54 23.77 16.81
CA GLN A 496 17.46 25.19 17.13
C GLN A 496 16.36 25.42 18.16
N SER A 497 16.72 26.05 19.28
CA SER A 497 15.75 26.47 20.30
C SER A 497 15.51 27.98 20.22
N ILE A 498 14.26 28.39 20.41
CA ILE A 498 13.94 29.82 20.44
C ILE A 498 14.08 30.44 21.83
N PHE A 499 14.49 29.67 22.84
CA PHE A 499 14.69 30.20 24.18
C PHE A 499 16.17 30.46 24.46
N ARG B 12 3.39 33.38 -40.15
CA ARG B 12 4.61 32.57 -40.05
C ARG B 12 5.31 32.84 -38.72
N MET B 13 5.68 31.76 -38.04
CA MET B 13 6.31 31.86 -36.73
CA MET B 13 6.30 31.86 -36.73
C MET B 13 7.81 32.08 -36.88
N ALA B 14 8.41 32.61 -35.81
CA ALA B 14 9.85 32.75 -35.82
C ALA B 14 10.50 31.39 -35.66
N GLU B 15 11.74 31.29 -36.11
CA GLU B 15 12.48 30.04 -35.97
C GLU B 15 12.58 29.63 -34.51
N GLN B 16 12.28 28.36 -34.23
CA GLN B 16 12.22 27.84 -32.86
C GLN B 16 13.58 27.28 -32.51
N GLN B 17 14.05 27.63 -31.31
CA GLN B 17 15.38 27.26 -30.84
C GLN B 17 15.26 26.09 -29.88
N LEU B 18 16.41 25.59 -29.43
CA LEU B 18 16.37 24.61 -28.36
C LEU B 18 16.07 25.34 -27.04
N TYR B 19 15.49 24.60 -26.09
CA TYR B 19 15.21 25.16 -24.74
C TYR B 19 16.03 24.38 -23.73
N ILE B 20 17.13 24.96 -23.25
CA ILE B 20 18.05 24.32 -22.32
C ILE B 20 18.32 25.28 -21.17
N HIS B 21 18.14 24.80 -19.93
CA HIS B 21 18.44 25.59 -18.73
C HIS B 21 17.68 26.91 -18.69
N GLY B 22 16.37 26.83 -18.86
CA GLY B 22 15.51 27.97 -18.64
C GLY B 22 15.52 29.07 -19.67
N LYS B 23 16.05 28.83 -20.87
CA LYS B 23 16.01 29.87 -21.90
C LYS B 23 16.13 29.17 -23.24
N PHE B 24 15.66 29.85 -24.28
CA PHE B 24 15.87 29.37 -25.65
C PHE B 24 17.31 29.65 -26.08
N VAL B 25 17.89 28.69 -26.79
CA VAL B 25 19.30 28.75 -27.18
C VAL B 25 19.46 28.10 -28.53
N ALA B 26 20.37 28.65 -29.33
CA ALA B 26 20.61 28.17 -30.67
C ALA B 26 21.29 26.80 -30.67
N ALA B 27 20.81 25.90 -31.52
CA ALA B 27 21.52 24.65 -31.74
C ALA B 27 22.89 24.93 -32.34
N THR B 28 23.83 24.02 -32.08
CA THR B 28 25.15 24.06 -32.69
C THR B 28 25.30 23.01 -33.79
N SER B 29 24.22 22.31 -34.14
CA SER B 29 24.30 21.32 -35.21
C SER B 29 24.51 21.96 -36.57
N GLY B 30 24.03 23.19 -36.76
CA GLY B 30 23.99 23.73 -38.10
C GLY B 30 22.90 23.13 -38.96
N LYS B 31 21.99 22.37 -38.38
CA LYS B 31 20.94 21.67 -39.11
C LYS B 31 19.60 22.16 -38.59
N THR B 32 18.62 22.21 -39.49
CA THR B 32 17.27 22.64 -39.15
C THR B 32 16.26 21.72 -39.82
N PHE B 33 15.00 21.87 -39.43
CA PHE B 33 13.91 21.17 -40.09
C PHE B 33 12.67 22.05 -40.03
N GLU B 34 11.70 21.71 -40.87
CA GLU B 34 10.44 22.44 -40.96
C GLU B 34 9.29 21.58 -40.45
N THR B 35 8.33 22.22 -39.79
CA THR B 35 7.07 21.57 -39.47
C THR B 35 5.96 22.17 -40.33
N ILE B 36 5.08 21.30 -40.81
CA ILE B 36 4.06 21.66 -41.80
C ILE B 36 2.70 21.73 -41.12
N ASN B 37 1.87 22.66 -41.56
CA ASN B 37 0.46 22.68 -41.22
C ASN B 37 -0.22 21.64 -42.09
N PRO B 38 -0.74 20.55 -41.54
CA PRO B 38 -1.23 19.46 -42.40
C PRO B 38 -2.53 19.79 -43.11
N ALA B 39 -3.20 20.88 -42.72
CA ALA B 39 -4.41 21.30 -43.40
C ALA B 39 -4.13 22.12 -44.65
N THR B 40 -2.93 22.68 -44.79
CA THR B 40 -2.62 23.56 -45.90
C THR B 40 -1.36 23.21 -46.66
N GLY B 41 -0.42 22.47 -46.06
CA GLY B 41 0.86 22.21 -46.67
C GLY B 41 1.92 23.25 -46.41
N GLU B 42 1.54 24.38 -45.81
CA GLU B 42 2.47 25.48 -45.58
C GLU B 42 3.43 25.16 -44.44
N VAL B 43 4.60 25.80 -44.47
CA VAL B 43 5.59 25.65 -43.43
C VAL B 43 5.11 26.45 -42.23
N LEU B 44 4.86 25.79 -41.10
CA LEU B 44 4.41 26.53 -39.89
C LEU B 44 5.60 27.27 -39.27
N ALA B 45 6.76 26.62 -39.23
CA ALA B 45 7.95 27.22 -38.63
C ALA B 45 9.15 26.37 -39.02
N THR B 46 10.33 27.00 -39.01
CA THR B 46 11.58 26.28 -39.07
C THR B 46 12.10 26.04 -37.66
N VAL B 47 12.59 24.84 -37.41
CA VAL B 47 12.95 24.39 -36.06
C VAL B 47 14.37 23.88 -36.08
N GLN B 48 15.19 24.36 -35.15
CA GLN B 48 16.57 23.92 -35.01
C GLN B 48 16.66 22.52 -34.44
N ALA B 49 17.62 21.74 -34.92
CA ALA B 49 17.82 20.36 -34.49
C ALA B 49 19.02 20.26 -33.56
N ALA B 50 18.86 19.52 -32.47
CA ALA B 50 19.90 19.37 -31.47
C ALA B 50 20.90 18.30 -31.87
N GLY B 51 22.19 18.66 -31.90
CA GLY B 51 23.25 17.70 -32.16
C GLY B 51 23.79 17.08 -30.88
N ARG B 52 24.85 16.28 -31.03
CA ARG B 52 25.38 15.56 -29.88
C ARG B 52 25.82 16.52 -28.79
N GLU B 53 26.47 17.62 -29.17
CA GLU B 53 26.95 18.57 -28.16
C GLU B 53 25.78 19.26 -27.50
N ASP B 54 24.69 19.51 -28.24
CA ASP B 54 23.50 20.08 -27.64
C ASP B 54 22.93 19.13 -26.61
N VAL B 55 22.92 17.83 -26.92
CA VAL B 55 22.42 16.84 -25.98
C VAL B 55 23.32 16.80 -24.75
N ASP B 56 24.63 16.87 -24.96
CA ASP B 56 25.55 16.87 -23.82
C ASP B 56 25.29 18.07 -22.92
N ARG B 57 25.14 19.25 -23.52
CA ARG B 57 24.84 20.44 -22.73
C ARG B 57 23.53 20.29 -21.97
N ALA B 58 22.52 19.69 -22.62
CA ALA B 58 21.25 19.48 -21.95
C ALA B 58 21.40 18.58 -20.73
N VAL B 59 22.25 17.54 -20.83
CA VAL B 59 22.43 16.63 -19.71
C VAL B 59 23.11 17.34 -18.55
N LYS B 60 24.13 18.14 -18.84
CA LYS B 60 24.84 18.87 -17.76
C LYS B 60 23.86 19.84 -17.13
N SER B 61 23.05 20.54 -17.93
CA SER B 61 22.01 21.40 -17.38
C SER B 61 21.05 20.58 -16.53
N ALA B 62 20.60 19.43 -17.03
CA ALA B 62 19.65 18.61 -16.30
C ALA B 62 20.25 18.12 -14.98
N GLN B 63 21.52 17.73 -15.00
CA GLN B 63 22.16 17.22 -13.79
C GLN B 63 22.18 18.29 -12.71
N GLN B 64 22.50 19.53 -13.08
CA GLN B 64 22.50 20.63 -12.11
C GLN B 64 21.11 20.89 -11.57
N GLY B 65 20.13 21.05 -12.45
CA GLY B 65 18.78 21.34 -12.00
C GLY B 65 18.16 20.25 -11.14
N GLN B 66 18.44 18.99 -11.46
CA GLN B 66 17.84 17.91 -10.67
C GLN B 66 18.23 18.01 -9.20
N LYS B 67 19.49 18.38 -8.92
CA LYS B 67 19.92 18.48 -7.53
C LYS B 67 19.16 19.58 -6.80
N VAL B 68 18.96 20.72 -7.45
CA VAL B 68 18.18 21.79 -6.84
C VAL B 68 16.75 21.31 -6.60
N TRP B 69 16.15 20.71 -7.64
CA TRP B 69 14.75 20.29 -7.58
C TRP B 69 14.55 19.27 -6.48
N ALA B 70 15.46 18.29 -6.37
CA ALA B 70 15.30 17.24 -5.37
C ALA B 70 15.61 17.72 -3.96
N ALA B 71 16.47 18.74 -3.82
CA ALA B 71 16.75 19.28 -2.50
C ALA B 71 15.56 20.05 -1.92
N MET B 72 14.64 20.50 -2.76
CA MET B 72 13.43 21.16 -2.29
C MET B 72 12.56 20.18 -1.50
N SER B 73 11.69 20.75 -0.67
CA SER B 73 10.69 19.95 0.04
C SER B 73 9.69 19.36 -0.94
N ALA B 74 9.06 18.27 -0.52
CA ALA B 74 8.03 17.64 -1.35
C ALA B 74 6.90 18.63 -1.66
N MET B 75 6.45 19.39 -0.67
CA MET B 75 5.36 20.32 -0.91
C MET B 75 5.79 21.51 -1.77
N ALA B 76 7.06 21.91 -1.68
CA ALA B 76 7.56 22.96 -2.57
C ALA B 76 7.51 22.50 -4.02
N ARG B 77 7.89 21.25 -4.28
CA ARG B 77 7.76 20.70 -5.63
C ARG B 77 6.29 20.64 -6.04
N SER B 78 5.42 20.24 -5.12
CA SER B 78 4.01 20.12 -5.44
CA SER B 78 4.01 20.13 -5.44
C SER B 78 3.42 21.48 -5.84
N ARG B 79 3.76 22.53 -5.09
CA ARG B 79 3.19 23.85 -5.38
C ARG B 79 3.64 24.37 -6.75
N ILE B 80 4.88 24.08 -7.13
CA ILE B 80 5.38 24.55 -8.42
C ILE B 80 4.62 23.89 -9.56
N LEU B 81 4.40 22.57 -9.46
CA LEU B 81 3.66 21.87 -10.50
C LEU B 81 2.20 22.31 -10.56
N ARG B 82 1.59 22.62 -9.40
CA ARG B 82 0.21 23.10 -9.44
C ARG B 82 0.13 24.49 -10.05
N LYS B 83 1.16 25.31 -9.87
CA LYS B 83 1.20 26.60 -10.56
C LYS B 83 1.25 26.41 -12.07
N ALA B 84 2.01 25.40 -12.53
CA ALA B 84 2.04 25.09 -13.95
C ALA B 84 0.67 24.66 -14.44
N VAL B 85 -0.04 23.87 -13.63
CA VAL B 85 -1.40 23.46 -13.96
C VAL B 85 -2.28 24.69 -14.17
N ASP B 86 -2.19 25.66 -13.26
CA ASP B 86 -3.03 26.85 -13.39
C ASP B 86 -2.76 27.59 -14.69
N ILE B 87 -1.49 27.69 -15.09
CA ILE B 87 -1.18 28.37 -16.34
C ILE B 87 -1.72 27.58 -17.52
N LEU B 88 -1.62 26.25 -17.46
CA LEU B 88 -2.12 25.41 -18.54
C LEU B 88 -3.64 25.54 -18.71
N ARG B 89 -4.37 25.62 -17.59
CA ARG B 89 -5.81 25.82 -17.69
C ARG B 89 -6.11 27.17 -18.33
N GLU B 90 -5.37 28.22 -17.93
CA GLU B 90 -5.61 29.55 -18.47
C GLU B 90 -5.28 29.63 -19.95
N ARG B 91 -4.26 28.89 -20.40
N ARG B 91 -4.26 28.89 -20.40
CA ARG B 91 -3.80 28.92 -21.78
CA ARG B 91 -3.79 28.92 -21.78
C ARG B 91 -4.30 27.73 -22.59
C ARG B 91 -4.30 27.73 -22.59
N ASN B 92 -5.35 27.06 -22.12
CA ASN B 92 -5.85 25.87 -22.82
C ASN B 92 -6.19 26.17 -24.27
N ASP B 93 -6.98 27.22 -24.52
CA ASP B 93 -7.42 27.51 -25.88
C ASP B 93 -6.24 27.87 -26.78
N GLU B 94 -5.33 28.71 -26.28
CA GLU B 94 -4.17 29.10 -27.09
C GLU B 94 -3.30 27.90 -27.42
N LEU B 95 -3.04 27.04 -26.43
CA LEU B 95 -2.24 25.84 -26.67
C LEU B 95 -2.94 24.90 -27.64
N ALA B 96 -4.27 24.75 -27.50
CA ALA B 96 -5.00 23.84 -28.39
C ALA B 96 -4.94 24.31 -29.83
N ARG B 97 -5.07 25.63 -30.06
CA ARG B 97 -5.01 26.15 -31.42
C ARG B 97 -3.66 25.87 -32.06
N LEU B 98 -2.58 26.04 -31.29
CA LEU B 98 -1.26 25.69 -31.80
C LEU B 98 -1.17 24.20 -32.11
N GLU B 99 -1.71 23.36 -31.22
CA GLU B 99 -1.71 21.93 -31.47
C GLU B 99 -2.52 21.58 -32.71
N THR B 100 -3.65 22.26 -32.92
CA THR B 100 -4.43 22.02 -34.12
C THR B 100 -3.64 22.39 -35.37
N LEU B 101 -2.88 23.49 -35.31
CA LEU B 101 -2.09 23.91 -36.45
C LEU B 101 -0.98 22.91 -36.75
N ASP B 102 -0.37 22.35 -35.70
CA ASP B 102 0.79 21.48 -35.85
C ASP B 102 0.39 20.06 -36.21
N THR B 103 -0.76 19.59 -35.72
CA THR B 103 -1.15 18.20 -35.86
C THR B 103 -2.27 17.98 -36.87
N GLY B 104 -3.09 18.99 -37.14
CA GLY B 104 -4.27 18.83 -37.96
C GLY B 104 -5.48 18.29 -37.23
N LYS B 105 -5.42 18.14 -35.92
CA LYS B 105 -6.59 17.66 -35.22
C LYS B 105 -7.58 18.81 -35.00
N PRO B 106 -8.88 18.55 -35.10
CA PRO B 106 -9.85 19.64 -34.91
C PRO B 106 -9.73 20.29 -33.54
N LEU B 107 -9.94 21.60 -33.52
CA LEU B 107 -9.97 22.33 -32.25
C LEU B 107 -11.02 21.75 -31.31
N SER B 108 -12.11 21.20 -31.86
CA SER B 108 -13.11 20.55 -31.03
C SER B 108 -12.53 19.40 -30.22
N GLU B 109 -11.42 18.82 -30.66
CA GLU B 109 -10.70 17.84 -29.85
C GLU B 109 -9.66 18.52 -28.96
N THR B 110 -8.75 19.29 -29.56
CA THR B 110 -7.57 19.75 -28.85
C THR B 110 -7.93 20.62 -27.66
N ALA B 111 -8.97 21.45 -27.78
CA ALA B 111 -9.35 22.33 -26.69
C ALA B 111 -10.11 21.61 -25.58
N ALA B 112 -10.59 20.39 -25.83
CA ALA B 112 -11.37 19.65 -24.85
C ALA B 112 -10.63 18.48 -24.24
N VAL B 113 -9.55 18.01 -24.85
CA VAL B 113 -8.89 16.78 -24.44
C VAL B 113 -7.41 17.01 -24.16
N ASP B 114 -6.68 17.51 -25.16
CA ASP B 114 -5.22 17.38 -25.17
C ASP B 114 -4.61 18.03 -23.94
N ILE B 115 -4.88 19.32 -23.74
CA ILE B 115 -4.30 20.00 -22.58
C ILE B 115 -5.11 19.68 -21.31
N VAL B 116 -6.42 19.50 -21.46
CA VAL B 116 -7.26 19.21 -20.30
C VAL B 116 -6.76 17.95 -19.58
N THR B 117 -6.56 16.87 -20.34
CA THR B 117 -6.12 15.62 -19.74
C THR B 117 -4.61 15.60 -19.51
N GLY B 118 -3.84 16.40 -20.24
CA GLY B 118 -2.44 16.56 -19.89
C GLY B 118 -2.28 17.22 -18.54
N ALA B 119 -2.97 18.35 -18.34
CA ALA B 119 -2.93 19.03 -17.06
C ALA B 119 -3.54 18.20 -15.94
N ASP B 120 -4.53 17.35 -16.25
CA ASP B 120 -5.09 16.49 -15.22
C ASP B 120 -4.03 15.59 -14.61
N VAL B 121 -3.14 15.06 -15.44
CA VAL B 121 -2.12 14.13 -14.93
C VAL B 121 -1.08 14.88 -14.12
N LEU B 122 -0.66 16.05 -14.58
CA LEU B 122 0.26 16.88 -13.80
C LEU B 122 -0.36 17.28 -12.48
N GLU B 123 -1.63 17.66 -12.49
CA GLU B 123 -2.33 18.03 -11.25
C GLU B 123 -2.39 16.83 -10.31
N TYR B 124 -2.67 15.65 -10.85
CA TYR B 124 -2.74 14.43 -10.07
C TYR B 124 -1.41 14.11 -9.39
N TYR B 125 -0.32 14.09 -10.16
CA TYR B 125 0.98 13.78 -9.57
C TYR B 125 1.49 14.86 -8.63
N ALA B 126 1.15 16.13 -8.88
CA ALA B 126 1.59 17.19 -7.98
C ALA B 126 1.12 16.92 -6.55
N GLY B 127 -0.12 16.46 -6.39
CA GLY B 127 -0.64 16.19 -5.06
C GLY B 127 -0.09 14.94 -4.41
N LEU B 128 0.43 14.01 -5.19
CA LEU B 128 0.94 12.75 -4.65
C LEU B 128 2.39 12.81 -4.18
N ILE B 129 3.12 13.87 -4.51
CA ILE B 129 4.54 13.93 -4.18
C ILE B 129 4.74 13.67 -2.69
N PRO B 130 3.94 14.25 -1.80
CA PRO B 130 4.19 14.03 -0.37
C PRO B 130 3.88 12.62 0.11
N ALA B 131 3.13 11.84 -0.66
CA ALA B 131 2.84 10.45 -0.29
C ALA B 131 3.85 9.46 -0.84
N LEU B 132 4.85 9.92 -1.58
CA LEU B 132 5.93 9.04 -2.03
C LEU B 132 6.75 8.62 -0.82
N GLU B 133 6.65 7.35 -0.43
CA GLU B 133 7.18 6.87 0.83
C GLU B 133 7.98 5.58 0.60
N GLY B 134 9.05 5.42 1.36
CA GLY B 134 9.73 4.15 1.49
C GLY B 134 9.07 3.28 2.54
N SER B 135 9.79 2.24 2.94
CA SER B 135 9.28 1.26 3.89
CA SER B 135 9.27 1.26 3.89
C SER B 135 10.30 0.99 4.98
N GLN B 136 9.82 0.37 6.06
CA GLN B 136 10.66 -0.05 7.18
C GLN B 136 10.27 -1.47 7.54
N ILE B 137 11.27 -2.34 7.72
CA ILE B 137 11.04 -3.76 7.94
C ILE B 137 11.85 -4.16 9.18
N PRO B 138 11.22 -4.57 10.28
CA PRO B 138 12.00 -5.03 11.43
C PRO B 138 12.43 -6.47 11.24
N LEU B 139 13.75 -6.69 11.27
CA LEU B 139 14.29 -8.04 11.15
C LEU B 139 14.32 -8.72 12.52
N ARG B 140 14.76 -8.00 13.54
CA ARG B 140 14.93 -8.51 14.89
C ARG B 140 15.15 -7.31 15.78
N ASP B 141 15.20 -7.56 17.09
CA ASP B 141 15.38 -6.47 18.04
C ASP B 141 16.61 -5.63 17.70
N SER B 142 17.66 -6.28 17.21
CA SER B 142 18.96 -5.64 17.04
C SER B 142 19.24 -5.19 15.60
N SER B 143 18.27 -5.32 14.71
CA SER B 143 18.51 -4.94 13.32
C SER B 143 17.19 -4.63 12.63
N PHE B 144 17.22 -3.63 11.76
CA PHE B 144 16.06 -3.33 10.94
C PHE B 144 16.52 -2.81 9.59
N VAL B 145 15.58 -2.79 8.64
CA VAL B 145 15.80 -2.30 7.28
C VAL B 145 14.83 -1.16 7.04
N TYR B 146 15.29 -0.11 6.36
CA TYR B 146 14.38 0.86 5.80
C TYR B 146 14.79 1.14 4.36
N THR B 147 13.84 1.60 3.56
CA THR B 147 14.07 1.86 2.15
C THR B 147 13.79 3.32 1.82
N ARG B 148 14.57 3.85 0.88
CA ARG B 148 14.35 5.16 0.30
C ARG B 148 13.95 5.01 -1.16
N ARG B 149 13.01 5.83 -1.60
CA ARG B 149 12.65 5.94 -3.01
C ARG B 149 13.32 7.19 -3.56
N GLU B 150 14.51 7.00 -4.17
CA GLU B 150 15.34 8.12 -4.61
C GLU B 150 15.08 8.44 -6.08
N PRO B 151 15.30 9.69 -6.49
CA PRO B 151 15.23 10.00 -7.93
C PRO B 151 16.24 9.20 -8.73
N LEU B 152 15.86 8.86 -9.96
CA LEU B 152 16.81 8.28 -10.89
C LEU B 152 17.88 9.27 -11.33
N GLY B 153 17.54 10.56 -11.37
CA GLY B 153 18.46 11.57 -11.85
C GLY B 153 17.97 12.30 -13.09
N VAL B 154 18.60 12.03 -14.23
CA VAL B 154 18.18 12.59 -15.51
C VAL B 154 17.53 11.48 -16.34
N VAL B 155 16.29 11.72 -16.77
CA VAL B 155 15.54 10.79 -17.60
C VAL B 155 15.22 11.48 -18.91
N ALA B 156 14.96 10.68 -19.94
CA ALA B 156 14.64 11.21 -21.25
C ALA B 156 13.28 10.72 -21.73
N GLY B 157 12.51 11.63 -22.31
CA GLY B 157 11.23 11.30 -22.91
C GLY B 157 11.25 11.58 -24.40
N ILE B 158 10.74 10.64 -25.18
CA ILE B 158 10.64 10.78 -26.63
C ILE B 158 9.16 10.72 -26.99
N GLY B 159 8.61 11.85 -27.46
CA GLY B 159 7.20 11.94 -27.73
C GLY B 159 6.80 11.51 -29.15
N ALA B 160 5.52 11.23 -29.32
CA ALA B 160 4.93 10.96 -30.62
C ALA B 160 4.14 12.17 -31.10
N TRP B 161 3.68 12.11 -32.36
CA TRP B 161 3.13 13.28 -33.00
C TRP B 161 1.61 13.39 -32.88
N ASN B 162 0.93 12.36 -32.38
CA ASN B 162 -0.53 12.38 -32.42
C ASN B 162 -1.13 13.14 -31.25
N TYR B 163 -0.49 13.11 -30.07
CA TYR B 163 -0.92 13.86 -28.90
C TYR B 163 0.28 14.57 -28.31
N PRO B 164 0.82 15.59 -29.01
CA PRO B 164 2.15 16.10 -28.64
C PRO B 164 2.26 16.62 -27.22
N ILE B 165 1.39 17.55 -26.83
CA ILE B 165 1.52 18.15 -25.50
C ILE B 165 1.01 17.21 -24.41
N GLN B 166 -0.01 16.39 -24.70
CA GLN B 166 -0.47 15.42 -23.72
C GLN B 166 0.64 14.43 -23.36
N ILE B 167 1.36 13.94 -24.37
CA ILE B 167 2.44 13.00 -24.11
C ILE B 167 3.54 13.66 -23.30
N ALA B 168 3.89 14.90 -23.64
CA ALA B 168 4.93 15.60 -22.89
C ALA B 168 4.54 15.76 -21.43
N LEU B 169 3.26 16.04 -21.16
CA LEU B 169 2.81 16.15 -19.78
C LEU B 169 2.74 14.79 -19.09
N TRP B 170 2.24 13.77 -19.78
CA TRP B 170 2.13 12.45 -19.16
C TRP B 170 3.51 11.87 -18.83
N LYS B 171 4.53 12.22 -19.60
CA LYS B 171 5.89 11.76 -19.28
C LYS B 171 6.56 12.66 -18.25
N SER B 172 6.45 13.98 -18.43
CA SER B 172 7.18 14.89 -17.56
C SER B 172 6.55 14.97 -16.17
N ALA B 173 5.24 14.80 -16.06
CA ALA B 173 4.58 14.96 -14.77
C ALA B 173 5.07 13.95 -13.74
N PRO B 174 5.07 12.64 -14.02
CA PRO B 174 5.61 11.71 -13.01
C PRO B 174 7.11 11.80 -12.84
N ALA B 175 7.85 12.11 -13.91
CA ALA B 175 9.30 12.23 -13.79
C ALA B 175 9.69 13.39 -12.87
N LEU B 176 9.09 14.55 -13.09
CA LEU B 176 9.37 15.70 -12.24
C LEU B 176 8.84 15.49 -10.83
N ALA B 177 7.64 14.93 -10.70
CA ALA B 177 7.06 14.72 -9.37
C ALA B 177 7.89 13.75 -8.54
N ALA B 178 8.57 12.81 -9.19
CA ALA B 178 9.46 11.89 -8.50
C ALA B 178 10.83 12.49 -8.18
N GLY B 179 11.07 13.75 -8.56
CA GLY B 179 12.31 14.41 -8.27
C GLY B 179 13.36 14.35 -9.34
N ASN B 180 13.02 13.89 -10.54
CA ASN B 180 13.99 13.83 -11.63
C ASN B 180 13.92 15.10 -12.47
N ALA B 181 14.94 15.27 -13.32
CA ALA B 181 14.88 16.17 -14.46
C ALA B 181 14.63 15.35 -15.72
N MET B 182 13.86 15.91 -16.65
CA MET B 182 13.57 15.25 -17.92
C MET B 182 14.08 16.09 -19.09
N ILE B 183 14.80 15.45 -20.00
CA ILE B 183 15.06 15.97 -21.34
C ILE B 183 14.03 15.35 -22.26
N PHE B 184 13.22 16.18 -22.92
CA PHE B 184 12.14 15.70 -23.77
C PHE B 184 12.48 15.99 -25.22
N LYS B 185 12.33 14.98 -26.09
CA LYS B 185 12.54 15.17 -27.53
C LYS B 185 11.22 15.00 -28.26
N PRO B 186 10.58 16.08 -28.69
CA PRO B 186 9.34 15.95 -29.48
C PRO B 186 9.57 15.38 -30.88
N SER B 187 8.48 14.88 -31.46
CA SER B 187 8.46 14.40 -32.84
C SER B 187 8.72 15.54 -33.81
N GLU B 188 9.51 15.29 -34.84
CA GLU B 188 9.78 16.30 -35.88
C GLU B 188 8.45 16.84 -36.48
N VAL B 189 7.38 16.04 -36.47
CA VAL B 189 6.11 16.49 -37.00
C VAL B 189 5.46 17.55 -36.13
N THR B 190 5.64 17.49 -34.80
CA THR B 190 4.86 18.31 -33.88
C THR B 190 5.73 18.80 -32.74
N PRO B 191 6.72 19.65 -33.02
CA PRO B 191 7.64 20.10 -31.98
C PRO B 191 7.19 21.33 -31.20
N LEU B 192 6.13 22.02 -31.62
CA LEU B 192 5.91 23.39 -31.17
C LEU B 192 5.36 23.45 -29.75
N THR B 193 4.40 22.60 -29.39
CA THR B 193 3.79 22.75 -28.07
C THR B 193 4.74 22.34 -26.96
N ALA B 194 5.67 21.41 -27.24
CA ALA B 194 6.63 21.03 -26.21
C ALA B 194 7.49 22.21 -25.78
N LEU B 195 7.84 23.09 -26.72
CA LEU B 195 8.64 24.26 -26.37
C LEU B 195 7.82 25.25 -25.54
N LYS B 196 6.53 25.36 -25.84
CA LYS B 196 5.65 26.20 -25.03
C LYS B 196 5.53 25.65 -23.61
N LEU B 197 5.45 24.32 -23.46
CA LEU B 197 5.34 23.74 -22.12
C LEU B 197 6.56 24.07 -21.28
N ALA B 198 7.75 24.04 -21.90
CA ALA B 198 8.98 24.39 -21.21
C ALA B 198 8.92 25.81 -20.66
N GLU B 199 8.39 26.75 -21.45
CA GLU B 199 8.25 28.12 -20.98
C GLU B 199 7.29 28.20 -19.80
N ILE B 200 6.23 27.40 -19.84
CA ILE B 200 5.23 27.40 -18.77
C ILE B 200 5.83 26.88 -17.47
N TYR B 201 6.61 25.79 -17.55
CA TYR B 201 7.25 25.27 -16.34
C TYR B 201 8.15 26.30 -15.67
N ARG B 202 8.93 27.05 -16.47
CA ARG B 202 9.84 28.07 -15.90
C ARG B 202 9.02 29.14 -15.19
N GLU B 203 7.95 29.58 -15.83
CA GLU B 203 7.08 30.61 -15.27
C GLU B 203 6.40 30.13 -13.99
N ALA B 204 6.18 28.82 -13.87
CA ALA B 204 5.64 28.27 -12.63
C ALA B 204 6.69 28.16 -11.52
N GLY B 205 7.97 28.29 -11.84
CA GLY B 205 9.02 28.19 -10.87
C GLY B 205 9.90 26.95 -10.96
N LEU B 206 9.76 26.15 -12.00
CA LEU B 206 10.60 24.97 -12.14
C LEU B 206 12.07 25.41 -12.23
N PRO B 207 12.97 24.80 -11.46
CA PRO B 207 14.38 25.17 -11.57
C PRO B 207 14.93 24.95 -12.98
N ASP B 208 15.86 25.81 -13.37
CA ASP B 208 16.45 25.70 -14.70
C ASP B 208 17.15 24.36 -14.88
N GLY B 209 16.92 23.74 -16.03
CA GLY B 209 17.47 22.43 -16.31
C GLY B 209 16.59 21.26 -15.97
N VAL B 210 15.50 21.46 -15.24
CA VAL B 210 14.69 20.32 -14.82
C VAL B 210 13.84 19.81 -15.96
N PHE B 211 13.41 20.68 -16.88
CA PHE B 211 12.71 20.26 -18.09
C PHE B 211 13.31 20.98 -19.29
N ASN B 212 14.10 20.24 -20.06
CA ASN B 212 14.74 20.74 -21.27
C ASN B 212 14.11 20.07 -22.48
N VAL B 213 14.00 20.81 -23.58
CA VAL B 213 13.34 20.33 -24.79
C VAL B 213 14.32 20.47 -25.94
N LEU B 214 14.55 19.37 -26.66
CA LEU B 214 15.51 19.31 -27.75
C LEU B 214 14.78 18.81 -28.98
N PRO B 215 14.23 19.70 -29.81
CA PRO B 215 13.70 19.26 -31.11
C PRO B 215 14.81 18.67 -31.96
N GLY B 216 14.42 17.75 -32.84
CA GLY B 216 15.37 17.12 -33.74
C GLY B 216 14.75 15.90 -34.38
N ILE B 217 15.58 15.15 -35.09
CA ILE B 217 15.14 13.97 -35.79
C ILE B 217 15.51 12.76 -34.95
N GLY B 218 14.75 11.67 -35.12
CA GLY B 218 15.00 10.47 -34.33
C GLY B 218 16.36 9.87 -34.56
N ALA B 219 16.79 9.82 -35.82
CA ALA B 219 18.06 9.17 -36.14
C ALA B 219 19.25 9.92 -35.58
N GLU B 220 19.10 11.20 -35.24
CA GLU B 220 20.20 11.99 -34.69
C GLU B 220 19.90 12.39 -33.25
N THR B 221 18.94 13.29 -33.02
CA THR B 221 18.72 13.78 -31.66
C THR B 221 18.23 12.66 -30.76
N GLY B 222 17.28 11.87 -31.24
CA GLY B 222 16.78 10.76 -30.45
C GLY B 222 17.87 9.76 -30.10
N GLN B 223 18.70 9.40 -31.08
CA GLN B 223 19.74 8.41 -30.84
C GLN B 223 20.76 8.93 -29.83
N TYR B 224 21.11 10.21 -29.91
CA TYR B 224 22.09 10.76 -28.98
C TYR B 224 21.59 10.66 -27.54
N LEU B 225 20.29 10.91 -27.32
CA LEU B 225 19.72 10.79 -25.98
C LEU B 225 19.74 9.35 -25.50
N THR B 226 19.30 8.42 -26.35
CA THR B 226 19.24 7.01 -25.96
C THR B 226 20.62 6.42 -25.72
N GLU B 227 21.67 7.04 -26.26
CA GLU B 227 23.03 6.55 -26.14
C GLU B 227 23.80 7.22 -25.00
N HIS B 228 23.31 8.34 -24.49
CA HIS B 228 24.05 9.14 -23.53
C HIS B 228 24.30 8.34 -22.24
N PRO B 229 25.54 8.28 -21.76
CA PRO B 229 25.84 7.48 -20.56
C PRO B 229 25.18 7.97 -19.28
N ASP B 230 24.82 9.26 -19.19
CA ASP B 230 24.31 9.84 -17.96
C ASP B 230 22.80 9.97 -17.92
N ILE B 231 22.08 9.29 -18.81
CA ILE B 231 20.62 9.23 -18.76
C ILE B 231 20.23 7.89 -18.16
N ALA B 232 19.36 7.94 -17.14
CA ALA B 232 19.06 6.76 -16.34
C ALA B 232 17.82 6.00 -16.82
N LYS B 233 16.95 6.64 -17.59
CA LYS B 233 15.71 6.01 -18.01
C LYS B 233 15.23 6.67 -19.29
N ILE B 234 14.64 5.87 -20.17
CA ILE B 234 14.04 6.35 -21.41
C ILE B 234 12.55 6.00 -21.36
N SER B 235 11.71 6.98 -21.68
CA SER B 235 10.28 6.75 -21.86
C SER B 235 9.91 7.14 -23.28
N PHE B 236 9.36 6.18 -24.03
CA PHE B 236 9.14 6.35 -25.45
C PHE B 236 7.72 6.04 -25.83
N THR B 237 7.12 6.90 -26.65
CA THR B 237 5.81 6.64 -27.25
C THR B 237 6.00 6.78 -28.75
N GLY B 238 5.56 5.79 -29.51
CA GLY B 238 5.80 5.83 -30.94
C GLY B 238 5.48 4.50 -31.60
N GLY B 239 5.98 4.35 -32.83
CA GLY B 239 5.76 3.15 -33.59
C GLY B 239 6.71 2.04 -33.18
N VAL B 240 6.32 0.79 -33.49
CA VAL B 240 7.11 -0.35 -33.07
C VAL B 240 8.52 -0.29 -33.62
N ALA B 241 8.68 0.11 -34.89
CA ALA B 241 10.01 0.13 -35.48
C ALA B 241 10.92 1.13 -34.78
N SER B 242 10.43 2.35 -34.55
CA SER B 242 11.27 3.31 -33.84
C SER B 242 11.58 2.84 -32.42
N GLY B 243 10.61 2.20 -31.76
CA GLY B 243 10.85 1.69 -30.41
C GLY B 243 12.01 0.72 -30.36
N LYS B 244 12.06 -0.21 -31.33
CA LYS B 244 13.09 -1.23 -31.40
C LYS B 244 14.46 -0.58 -31.52
N LYS B 245 14.54 0.50 -32.30
CA LYS B 245 15.77 1.26 -32.44
C LYS B 245 16.14 1.86 -31.09
N VAL B 246 15.16 2.42 -30.39
CA VAL B 246 15.45 3.01 -29.09
C VAL B 246 15.98 1.93 -28.15
N MET B 247 15.31 0.77 -28.14
CA MET B 247 15.72 -0.29 -27.23
C MET B 247 17.11 -0.81 -27.57
N ALA B 248 17.47 -0.80 -28.86
CA ALA B 248 18.77 -1.32 -29.26
C ALA B 248 19.88 -0.38 -28.84
N ASN B 249 19.73 0.91 -29.13
CA ASN B 249 20.76 1.87 -28.78
C ASN B 249 20.89 1.98 -27.26
N SER B 250 19.79 1.80 -26.54
CA SER B 250 19.83 1.87 -25.08
C SER B 250 20.55 0.68 -24.47
N ALA B 251 20.34 -0.52 -25.02
CA ALA B 251 21.11 -1.68 -24.58
C ALA B 251 22.59 -1.57 -24.95
N ALA B 252 22.90 -1.19 -26.20
CA ALA B 252 24.30 -1.15 -26.55
C ALA B 252 25.06 -0.16 -25.69
N SER B 253 24.34 0.84 -25.18
CA SER B 253 24.86 1.91 -24.34
C SER B 253 24.59 1.62 -22.85
N SER B 254 24.78 2.67 -22.05
CA SER B 254 24.61 2.63 -20.60
C SER B 254 23.26 2.02 -20.23
N LEU B 255 23.23 1.31 -19.09
CA LEU B 255 22.17 0.36 -18.79
C LEU B 255 20.93 1.08 -18.26
N LYS B 256 20.14 1.58 -19.20
CA LYS B 256 18.96 2.40 -18.95
C LYS B 256 17.74 1.51 -18.74
N GLU B 257 16.78 2.01 -17.97
CA GLU B 257 15.44 1.43 -17.96
C GLU B 257 14.64 2.07 -19.08
N VAL B 258 13.96 1.26 -19.87
CA VAL B 258 13.16 1.74 -20.99
C VAL B 258 11.69 1.52 -20.64
N THR B 259 10.86 2.50 -20.98
CA THR B 259 9.41 2.36 -20.98
C THR B 259 8.89 2.74 -22.36
N MET B 260 7.97 1.91 -22.85
CA MET B 260 7.44 2.07 -24.23
C MET B 260 5.91 1.95 -24.29
N GLU B 261 5.23 2.87 -24.96
CA GLU B 261 3.80 2.84 -25.23
C GLU B 261 3.66 2.79 -26.74
N LEU B 262 3.61 1.59 -27.31
CA LEU B 262 3.56 1.42 -28.75
C LEU B 262 2.12 1.23 -29.21
N GLY B 263 1.97 0.87 -30.48
CA GLY B 263 0.67 0.77 -31.10
C GLY B 263 -0.09 -0.46 -30.65
N GLY B 264 -1.30 -0.61 -31.21
CA GLY B 264 -2.11 -1.78 -30.97
C GLY B 264 -2.97 -2.08 -32.18
N LYS B 265 -3.67 -3.21 -32.10
CA LYS B 265 -4.78 -3.53 -33.01
C LYS B 265 -5.88 -4.03 -32.08
N SER B 266 -6.55 -3.10 -31.41
CA SER B 266 -7.33 -3.45 -30.24
C SER B 266 -8.72 -3.93 -30.64
N PRO B 267 -9.23 -4.97 -29.99
CA PRO B 267 -10.56 -5.47 -30.36
C PRO B 267 -11.68 -4.79 -29.58
N LEU B 268 -12.77 -4.53 -30.29
CA LEU B 268 -14.04 -4.13 -29.71
C LEU B 268 -15.02 -5.28 -29.93
N ILE B 269 -15.47 -5.91 -28.85
CA ILE B 269 -16.32 -7.10 -28.93
C ILE B 269 -17.74 -6.68 -28.62
N ILE B 270 -18.61 -6.79 -29.62
N ILE B 270 -18.61 -6.79 -29.62
CA ILE B 270 -20.04 -6.48 -29.47
CA ILE B 270 -20.03 -6.49 -29.48
C ILE B 270 -20.75 -7.77 -29.13
C ILE B 270 -20.75 -7.79 -29.14
N ALA B 271 -21.39 -7.82 -27.97
CA ALA B 271 -22.06 -9.04 -27.53
C ALA B 271 -23.43 -9.18 -28.18
N GLU B 272 -23.96 -10.40 -28.12
CA GLU B 272 -25.24 -10.68 -28.75
C GLU B 272 -26.41 -9.95 -28.10
N ASP B 273 -26.25 -9.48 -26.85
CA ASP B 273 -27.31 -8.77 -26.17
C ASP B 273 -27.08 -7.26 -26.13
N ALA B 274 -26.11 -6.76 -26.90
CA ALA B 274 -25.80 -5.34 -26.87
C ALA B 274 -26.81 -4.55 -27.67
N ASN B 275 -27.14 -3.35 -27.19
CA ASN B 275 -27.86 -2.40 -28.02
C ASN B 275 -26.96 -1.92 -29.15
N LEU B 276 -27.44 -2.04 -30.39
CA LEU B 276 -26.57 -1.81 -31.53
C LEU B 276 -26.32 -0.33 -31.79
N ASP B 277 -27.20 0.56 -31.31
CA ASP B 277 -26.92 1.99 -31.39
C ASP B 277 -25.78 2.37 -30.47
N LEU B 278 -25.76 1.84 -29.25
CA LEU B 278 -24.61 2.06 -28.36
C LEU B 278 -23.35 1.46 -28.97
N ALA B 279 -23.44 0.21 -29.43
CA ALA B 279 -22.29 -0.42 -30.06
C ALA B 279 -21.75 0.41 -31.22
N ALA B 280 -22.64 0.93 -32.07
CA ALA B 280 -22.18 1.73 -33.19
C ALA B 280 -21.51 3.02 -32.71
N ASP B 281 -22.07 3.66 -31.68
CA ASP B 281 -21.48 4.88 -31.17
C ASP B 281 -20.11 4.63 -30.58
N ILE B 282 -19.95 3.53 -29.83
CA ILE B 282 -18.65 3.19 -29.27
C ILE B 282 -17.66 2.90 -30.40
N ALA B 283 -18.09 2.13 -31.40
CA ALA B 283 -17.21 1.79 -32.52
C ALA B 283 -16.77 3.04 -33.27
N MET B 284 -17.68 3.99 -33.47
CA MET B 284 -17.32 5.25 -34.11
C MET B 284 -16.24 5.97 -33.32
N MET B 285 -16.45 6.13 -32.00
CA MET B 285 -15.47 6.84 -31.18
C MET B 285 -14.16 6.06 -31.08
N ALA B 286 -14.21 4.75 -31.22
CA ALA B 286 -13.03 3.90 -31.15
C ALA B 286 -12.22 3.88 -32.44
N ASN B 287 -12.70 4.51 -33.51
CA ASN B 287 -12.04 4.39 -34.80
C ASN B 287 -11.72 5.72 -35.46
N PHE B 288 -12.59 6.73 -35.28
CA PHE B 288 -12.50 7.95 -36.07
C PHE B 288 -12.18 9.20 -35.26
N TYR B 289 -11.96 9.10 -33.95
CA TYR B 289 -11.45 10.24 -33.20
C TYR B 289 -10.02 10.54 -33.65
N SER B 290 -9.70 11.83 -33.70
CA SER B 290 -8.37 12.27 -34.14
C SER B 290 -8.02 11.67 -35.49
N SER B 291 -9.05 11.46 -36.32
CA SER B 291 -8.87 10.91 -37.66
C SER B 291 -8.24 9.52 -37.62
N GLY B 292 -8.55 8.75 -36.58
CA GLY B 292 -8.02 7.41 -36.47
C GLY B 292 -6.59 7.31 -35.99
N GLN B 293 -5.99 8.44 -35.58
CA GLN B 293 -4.56 8.45 -35.20
C GLN B 293 -4.40 8.29 -33.69
N VAL B 294 -4.86 7.16 -33.14
CA VAL B 294 -4.85 6.89 -31.71
C VAL B 294 -4.38 5.46 -31.49
N CYS B 295 -3.42 5.27 -30.60
CA CYS B 295 -2.86 3.94 -30.39
C CYS B 295 -3.89 2.97 -29.81
N THR B 296 -4.86 3.48 -29.05
CA THR B 296 -5.82 2.64 -28.36
C THR B 296 -7.06 2.33 -29.19
N ASN B 297 -7.09 2.71 -30.47
CA ASN B 297 -8.32 2.60 -31.24
C ASN B 297 -8.76 1.15 -31.39
N GLY B 298 -10.07 0.94 -31.38
CA GLY B 298 -10.69 -0.36 -31.53
C GLY B 298 -10.92 -0.70 -32.99
N THR B 299 -9.83 -0.98 -33.71
CA THR B 299 -9.87 -1.11 -35.15
C THR B 299 -10.31 -2.49 -35.63
N ARG B 300 -10.42 -3.46 -34.74
CA ARG B 300 -11.05 -4.74 -35.05
C ARG B 300 -12.37 -4.79 -34.28
N VAL B 301 -13.47 -4.57 -34.99
CA VAL B 301 -14.80 -4.55 -34.39
C VAL B 301 -15.44 -5.90 -34.65
N PHE B 302 -15.62 -6.69 -33.59
CA PHE B 302 -16.20 -8.01 -33.68
C PHE B 302 -17.70 -7.92 -33.44
N VAL B 303 -18.50 -8.35 -34.41
CA VAL B 303 -19.95 -8.23 -34.34
C VAL B 303 -20.56 -9.61 -34.56
N PRO B 304 -21.61 -10.00 -33.83
CA PRO B 304 -22.24 -11.30 -34.12
C PRO B 304 -22.76 -11.35 -35.54
N ALA B 305 -22.62 -12.52 -36.17
CA ALA B 305 -23.06 -12.68 -37.55
C ALA B 305 -24.51 -12.26 -37.74
N LYS B 306 -25.38 -12.62 -36.80
CA LYS B 306 -26.81 -12.36 -36.97
C LYS B 306 -27.14 -10.88 -36.87
N PHE B 307 -26.25 -10.06 -36.32
CA PHE B 307 -26.47 -8.63 -36.18
C PHE B 307 -25.60 -7.80 -37.12
N LYS B 308 -24.71 -8.41 -37.89
CA LYS B 308 -23.71 -7.65 -38.62
C LYS B 308 -24.36 -6.69 -39.61
N ALA B 309 -25.33 -7.16 -40.38
CA ALA B 309 -25.93 -6.31 -41.40
C ALA B 309 -26.58 -5.08 -40.77
N GLU B 310 -27.27 -5.25 -39.64
CA GLU B 310 -27.88 -4.10 -38.99
C GLU B 310 -26.82 -3.17 -38.42
N PHE B 311 -25.73 -3.73 -37.89
CA PHE B 311 -24.65 -2.91 -37.37
C PHE B 311 -24.02 -2.09 -38.48
N GLU B 312 -23.79 -2.71 -39.64
CA GLU B 312 -23.21 -1.97 -40.76
C GLU B 312 -24.07 -0.77 -41.13
N HIS B 313 -25.39 -0.95 -41.15
CA HIS B 313 -26.29 0.15 -41.48
C HIS B 313 -26.15 1.29 -40.47
N LYS B 314 -26.03 0.96 -39.18
CA LYS B 314 -25.90 2.01 -38.18
C LYS B 314 -24.55 2.72 -38.28
N ILE B 315 -23.49 1.98 -38.62
CA ILE B 315 -22.18 2.60 -38.81
C ILE B 315 -22.22 3.57 -39.98
N LEU B 316 -22.86 3.16 -41.08
CA LEU B 316 -22.86 4.00 -42.28
C LEU B 316 -23.65 5.27 -42.03
N GLU B 317 -24.78 5.17 -41.33
CA GLU B 317 -25.54 6.35 -40.95
C GLU B 317 -24.69 7.32 -40.13
N ARG B 318 -23.91 6.80 -39.19
CA ARG B 318 -23.06 7.66 -38.36
C ARG B 318 -21.87 8.20 -39.13
N VAL B 319 -21.24 7.39 -39.99
CA VAL B 319 -20.14 7.90 -40.79
C VAL B 319 -20.58 9.08 -41.64
N GLY B 320 -21.83 9.06 -42.11
CA GLY B 320 -22.34 10.14 -42.93
C GLY B 320 -22.55 11.44 -42.18
N ARG B 321 -22.63 11.37 -40.85
CA ARG B 321 -22.72 12.56 -40.01
C ARG B 321 -21.37 13.21 -39.76
N ILE B 322 -20.27 12.53 -40.09
CA ILE B 322 -18.94 13.05 -39.80
C ILE B 322 -18.70 14.34 -40.57
N ARG B 323 -18.21 15.36 -39.88
CA ARG B 323 -18.09 16.70 -40.46
C ARG B 323 -16.61 17.08 -40.54
N ALA B 324 -16.03 16.90 -41.73
CA ALA B 324 -14.72 17.45 -42.03
C ALA B 324 -14.84 18.89 -42.50
N GLY B 325 -13.80 19.67 -42.24
CA GLY B 325 -13.80 21.06 -42.68
C GLY B 325 -12.76 21.86 -41.90
N ASP B 326 -13.01 23.16 -41.83
CA ASP B 326 -12.14 24.08 -41.09
C ASP B 326 -11.91 23.55 -39.68
N LEU B 327 -10.63 23.33 -39.35
CA LEU B 327 -10.30 22.68 -38.08
C LEU B 327 -10.59 23.58 -36.88
N PHE B 328 -10.85 24.87 -37.10
CA PHE B 328 -11.20 25.79 -36.02
C PHE B 328 -12.69 26.01 -35.91
N ALA B 329 -13.48 25.47 -36.84
CA ALA B 329 -14.93 25.58 -36.77
C ALA B 329 -15.50 24.65 -35.69
N ASP B 330 -16.49 25.16 -34.96
CA ASP B 330 -17.03 24.43 -33.82
C ASP B 330 -17.55 23.06 -34.21
N ASP B 331 -18.13 22.94 -35.41
CA ASP B 331 -18.80 21.70 -35.78
C ASP B 331 -17.91 20.73 -36.55
N THR B 332 -16.67 21.12 -36.86
CA THR B 332 -15.73 20.17 -37.44
C THR B 332 -15.33 19.13 -36.40
N ASN B 333 -15.46 17.85 -36.76
CA ASN B 333 -15.10 16.76 -35.86
C ASN B 333 -14.20 15.75 -36.54
N PHE B 334 -13.63 16.08 -37.69
CA PHE B 334 -12.75 15.18 -38.44
C PHE B 334 -11.69 16.02 -39.12
N GLY B 335 -10.43 15.60 -39.01
CA GLY B 335 -9.32 16.35 -39.53
C GLY B 335 -8.49 15.58 -40.54
N PRO B 336 -7.54 16.26 -41.17
CA PRO B 336 -6.60 15.56 -42.06
C PRO B 336 -5.62 14.73 -41.25
N LEU B 337 -4.92 13.84 -41.94
CA LEU B 337 -3.82 13.14 -41.29
C LEU B 337 -2.63 14.08 -41.05
N VAL B 338 -1.75 13.65 -40.16
CA VAL B 338 -0.72 14.55 -39.64
C VAL B 338 0.23 14.98 -40.74
N SER B 339 0.36 14.17 -41.80
CA SER B 339 1.32 14.46 -42.85
C SER B 339 0.93 13.67 -44.09
N PHE B 340 1.50 14.06 -45.22
CA PHE B 340 1.23 13.47 -46.51
C PHE B 340 1.93 12.12 -46.66
N PRO B 341 3.16 11.96 -46.17
CA PRO B 341 3.76 10.62 -46.16
C PRO B 341 2.95 9.63 -45.36
N HIS B 342 2.35 10.06 -44.24
CA HIS B 342 1.51 9.17 -43.47
C HIS B 342 0.27 8.79 -44.26
N ARG B 343 -0.33 9.73 -44.98
CA ARG B 343 -1.49 9.40 -45.81
C ARG B 343 -1.15 8.32 -46.83
N GLN B 344 0.05 8.39 -47.45
CA GLN B 344 0.42 7.35 -48.40
C GLN B 344 0.45 5.97 -47.75
N ASN B 345 0.98 5.87 -46.53
CA ASN B 345 0.96 4.59 -45.85
C ASN B 345 -0.47 4.11 -45.62
N VAL B 346 -1.35 5.02 -45.17
CA VAL B 346 -2.73 4.64 -44.91
C VAL B 346 -3.43 4.21 -46.21
N LEU B 347 -3.16 4.94 -47.30
CA LEU B 347 -3.75 4.57 -48.58
C LEU B 347 -3.21 3.23 -49.07
N ARG B 348 -1.94 2.92 -48.78
CA ARG B 348 -1.42 1.60 -49.11
C ARG B 348 -2.19 0.51 -48.38
N TYR B 349 -2.49 0.72 -47.10
CA TYR B 349 -3.28 -0.26 -46.36
C TYR B 349 -4.69 -0.40 -46.93
N ILE B 350 -5.31 0.73 -47.29
CA ILE B 350 -6.66 0.67 -47.84
C ILE B 350 -6.68 -0.14 -49.13
N GLU B 351 -5.64 0.01 -49.95
CA GLU B 351 -5.57 -0.73 -51.21
C GLU B 351 -5.35 -2.22 -50.95
N SER B 352 -4.58 -2.57 -49.91
CA SER B 352 -4.42 -3.97 -49.58
C SER B 352 -5.74 -4.58 -49.13
N GLY B 353 -6.57 -3.82 -48.43
CA GLY B 353 -7.88 -4.34 -48.05
C GLY B 353 -8.71 -4.67 -49.27
N LYS B 354 -8.70 -3.76 -50.26
CA LYS B 354 -9.42 -4.01 -51.51
C LYS B 354 -8.84 -5.22 -52.23
N SER B 355 -7.51 -5.30 -52.30
CA SER B 355 -6.88 -6.33 -53.12
C SER B 355 -6.95 -7.70 -52.45
N GLU B 356 -7.04 -7.74 -51.12
CA GLU B 356 -7.18 -8.99 -50.39
C GLU B 356 -8.62 -9.42 -50.27
N GLY B 357 -9.55 -8.69 -50.87
CA GLY B 357 -10.93 -9.11 -50.98
C GLY B 357 -11.84 -8.64 -49.86
N ALA B 358 -11.39 -7.72 -49.03
CA ALA B 358 -12.30 -7.09 -48.08
C ALA B 358 -13.23 -6.13 -48.80
N ARG B 359 -14.46 -6.05 -48.29
CA ARG B 359 -15.51 -5.24 -48.90
C ARG B 359 -15.50 -3.82 -48.33
N LEU B 360 -15.25 -2.85 -49.20
CA LEU B 360 -15.29 -1.45 -48.81
C LEU B 360 -16.74 -1.05 -48.65
N LEU B 361 -17.10 -0.58 -47.46
CA LEU B 361 -18.45 -0.16 -47.16
C LEU B 361 -18.63 1.35 -47.30
N CYS B 362 -17.56 2.13 -47.11
CA CYS B 362 -17.60 3.57 -47.29
C CYS B 362 -16.16 4.07 -47.31
N GLY B 363 -15.98 5.29 -47.83
CA GLY B 363 -14.66 5.87 -47.81
C GLY B 363 -13.74 5.21 -48.81
N GLY B 364 -12.48 5.02 -48.40
CA GLY B 364 -11.49 4.37 -49.23
C GLY B 364 -10.70 5.25 -50.16
N ASP B 365 -10.88 6.57 -50.09
CA ASP B 365 -10.19 7.48 -50.98
C ASP B 365 -9.85 8.76 -50.22
N VAL B 366 -8.95 9.55 -50.81
CA VAL B 366 -8.69 10.89 -50.29
C VAL B 366 -9.94 11.75 -50.44
N LEU B 367 -10.02 12.81 -49.64
CA LEU B 367 -11.05 13.81 -49.84
C LEU B 367 -10.54 14.87 -50.81
N LYS B 368 -11.46 15.41 -51.61
CA LYS B 368 -11.12 16.30 -52.70
C LYS B 368 -12.08 17.49 -52.66
N GLY B 369 -11.64 18.59 -53.27
CA GLY B 369 -12.44 19.80 -53.38
C GLY B 369 -11.79 20.96 -52.64
N GLU B 370 -12.44 22.12 -52.75
CA GLU B 370 -11.97 23.30 -52.04
C GLU B 370 -11.88 23.04 -50.55
N GLY B 371 -10.73 23.37 -49.95
CA GLY B 371 -10.50 23.20 -48.55
C GLY B 371 -9.82 21.89 -48.19
N PHE B 372 -9.86 20.90 -49.08
CA PHE B 372 -9.29 19.59 -48.85
C PHE B 372 -8.10 19.27 -49.74
N ASP B 373 -8.05 19.85 -50.94
CA ASP B 373 -7.01 19.50 -51.90
C ASP B 373 -5.61 19.74 -51.34
N ASN B 374 -5.45 20.74 -50.48
CA ASN B 374 -4.13 21.04 -49.93
C ASN B 374 -3.89 20.35 -48.59
N GLY B 375 -4.86 19.61 -48.07
CA GLY B 375 -4.69 18.86 -46.84
C GLY B 375 -4.49 17.38 -47.06
N ALA B 376 -3.94 16.72 -46.04
CA ALA B 376 -3.63 15.29 -46.11
C ALA B 376 -4.83 14.47 -45.67
N TRP B 377 -5.95 14.69 -46.34
CA TRP B 377 -7.24 14.17 -45.91
C TRP B 377 -7.46 12.77 -46.45
N VAL B 378 -8.05 11.92 -45.62
CA VAL B 378 -8.53 10.59 -46.01
C VAL B 378 -9.97 10.47 -45.53
N ALA B 379 -10.85 10.00 -46.40
CA ALA B 379 -12.24 9.82 -46.02
C ALA B 379 -12.36 8.74 -44.94
N PRO B 380 -13.30 8.88 -44.01
CA PRO B 380 -13.54 7.79 -43.06
C PRO B 380 -13.92 6.50 -43.79
N THR B 381 -13.17 5.44 -43.49
CA THR B 381 -13.23 4.21 -44.26
C THR B 381 -13.64 3.05 -43.38
N VAL B 382 -14.55 2.23 -43.88
CA VAL B 382 -14.99 1.03 -43.18
C VAL B 382 -14.92 -0.15 -44.14
N PHE B 383 -14.25 -1.22 -43.72
CA PHE B 383 -14.28 -2.50 -44.42
C PHE B 383 -15.11 -3.49 -43.61
N THR B 384 -15.83 -4.37 -44.30
CA THR B 384 -16.50 -5.48 -43.66
C THR B 384 -16.16 -6.76 -44.40
N ASP B 385 -16.69 -7.88 -43.91
CA ASP B 385 -16.34 -9.21 -44.43
C ASP B 385 -14.84 -9.44 -44.33
N CYS B 386 -14.24 -8.93 -43.24
CA CYS B 386 -12.82 -9.06 -43.01
C CYS B 386 -12.50 -10.41 -42.38
N THR B 387 -11.30 -10.91 -42.67
CA THR B 387 -10.83 -12.16 -42.10
C THR B 387 -9.50 -11.93 -41.41
N ASP B 388 -9.16 -12.84 -40.50
CA ASP B 388 -8.06 -12.60 -39.58
C ASP B 388 -6.71 -12.58 -40.29
N ASP B 389 -6.63 -13.14 -41.49
CA ASP B 389 -5.39 -13.19 -42.24
C ASP B 389 -5.15 -11.94 -43.09
N MET B 390 -6.11 -11.03 -43.16
CA MET B 390 -5.94 -9.84 -43.99
C MET B 390 -4.98 -8.86 -43.34
N THR B 391 -4.26 -8.12 -44.19
CA THR B 391 -3.27 -7.16 -43.71
C THR B 391 -3.92 -6.05 -42.90
N ILE B 392 -5.08 -5.57 -43.33
CA ILE B 392 -5.73 -4.48 -42.60
C ILE B 392 -6.24 -4.94 -41.24
N VAL B 393 -6.38 -6.24 -41.04
CA VAL B 393 -6.80 -6.77 -39.75
C VAL B 393 -5.60 -7.09 -38.83
N ARG B 394 -4.46 -7.42 -39.40
CA ARG B 394 -3.31 -7.89 -38.57
C ARG B 394 -2.38 -6.74 -38.19
N GLU B 395 -2.37 -5.68 -38.98
CA GLU B 395 -1.41 -4.61 -38.78
C GLU B 395 -2.10 -3.29 -38.42
N GLU B 396 -1.41 -2.48 -37.62
CA GLU B 396 -1.91 -1.17 -37.22
C GLU B 396 -1.76 -0.19 -38.37
N ILE B 397 -2.83 0.56 -38.66
CA ILE B 397 -2.85 1.49 -39.77
C ILE B 397 -2.65 2.92 -39.30
N PHE B 398 -3.19 3.25 -38.13
CA PHE B 398 -3.09 4.62 -37.59
C PHE B 398 -3.76 5.62 -38.51
N GLY B 399 -4.84 5.18 -39.16
CA GLY B 399 -5.69 6.06 -39.93
C GLY B 399 -7.14 5.72 -39.71
N PRO B 400 -8.04 6.43 -40.38
CA PRO B 400 -9.49 6.22 -40.17
C PRO B 400 -10.03 5.04 -40.99
N VAL B 401 -9.75 3.83 -40.50
CA VAL B 401 -10.06 2.60 -41.22
C VAL B 401 -10.56 1.58 -40.20
N MET B 402 -11.86 1.31 -40.22
CA MET B 402 -12.46 0.31 -39.35
C MET B 402 -12.61 -1.00 -40.09
N SER B 403 -12.30 -2.10 -39.42
CA SER B 403 -12.51 -3.44 -39.95
C SER B 403 -13.58 -4.13 -39.10
N ILE B 404 -14.66 -4.57 -39.75
CA ILE B 404 -15.74 -5.26 -39.07
C ILE B 404 -15.60 -6.76 -39.36
N LEU B 405 -15.53 -7.55 -38.29
CA LEU B 405 -15.35 -8.99 -38.37
C LEU B 405 -16.53 -9.69 -37.70
N SER B 406 -17.05 -10.71 -38.35
CA SER B 406 -18.17 -11.48 -37.82
CA SER B 406 -18.17 -11.48 -37.82
C SER B 406 -17.68 -12.66 -36.99
N TYR B 407 -18.47 -13.02 -35.98
CA TYR B 407 -18.16 -14.16 -35.13
C TYR B 407 -19.44 -14.84 -34.71
N ASP B 408 -19.30 -16.08 -34.23
CA ASP B 408 -20.43 -16.94 -33.91
C ASP B 408 -20.58 -17.24 -32.42
N ASP B 409 -19.50 -17.32 -31.66
CA ASP B 409 -19.63 -17.61 -30.24
C ASP B 409 -18.52 -16.96 -29.43
N GLU B 410 -18.73 -16.95 -28.10
CA GLU B 410 -17.89 -16.17 -27.20
C GLU B 410 -16.46 -16.72 -27.15
N ALA B 411 -16.31 -18.04 -27.05
CA ALA B 411 -14.97 -18.62 -27.02
C ALA B 411 -14.20 -18.26 -28.28
N GLU B 412 -14.87 -18.25 -29.43
CA GLU B 412 -14.21 -17.93 -30.69
C GLU B 412 -13.72 -16.49 -30.70
N VAL B 413 -14.55 -15.55 -30.27
CA VAL B 413 -14.15 -14.15 -30.35
C VAL B 413 -13.03 -13.84 -29.37
N ILE B 414 -13.00 -14.52 -28.24
CA ILE B 414 -11.91 -14.33 -27.29
C ILE B 414 -10.59 -14.80 -27.89
N ARG B 415 -10.59 -15.99 -28.50
CA ARG B 415 -9.39 -16.49 -29.16
C ARG B 415 -8.91 -15.51 -30.22
N ARG B 416 -9.83 -15.08 -31.10
CA ARG B 416 -9.45 -14.21 -32.21
C ARG B 416 -9.04 -12.83 -31.70
N ALA B 417 -9.72 -12.32 -30.68
CA ALA B 417 -9.30 -11.05 -30.09
C ALA B 417 -7.88 -11.12 -29.56
N ASN B 418 -7.50 -12.26 -28.97
CA ASN B 418 -6.20 -12.43 -28.35
C ASN B 418 -5.13 -12.90 -29.32
N ALA B 419 -5.50 -13.30 -30.53
CA ALA B 419 -4.56 -13.92 -31.48
C ALA B 419 -3.82 -12.83 -32.24
N THR B 420 -2.96 -12.11 -31.51
CA THR B 420 -2.25 -10.98 -32.05
C THR B 420 -1.02 -10.74 -31.17
N GLU B 421 0.00 -10.12 -31.75
CA GLU B 421 1.15 -9.71 -30.96
C GLU B 421 0.89 -8.41 -30.19
N TYR B 422 -0.07 -7.61 -30.65
CA TYR B 422 -0.44 -6.39 -29.93
C TYR B 422 -1.27 -6.73 -28.69
N GLY B 423 -1.28 -5.79 -27.74
CA GLY B 423 -1.95 -6.01 -26.47
C GLY B 423 -2.33 -4.74 -25.75
N LEU B 424 -2.61 -3.65 -26.46
CA LEU B 424 -2.73 -2.37 -25.79
C LEU B 424 -4.10 -2.20 -25.13
N ALA B 425 -5.18 -2.23 -25.91
CA ALA B 425 -6.50 -1.96 -25.39
C ALA B 425 -7.48 -3.03 -25.86
N ALA B 426 -8.68 -3.02 -25.25
CA ALA B 426 -9.78 -3.86 -25.68
C ALA B 426 -11.06 -3.34 -25.05
N GLY B 427 -12.20 -3.81 -25.56
CA GLY B 427 -13.47 -3.44 -24.98
C GLY B 427 -14.56 -4.42 -25.32
N VAL B 428 -15.60 -4.41 -24.49
CA VAL B 428 -16.77 -5.26 -24.66
C VAL B 428 -18.02 -4.40 -24.48
N VAL B 429 -19.03 -4.65 -25.30
CA VAL B 429 -20.33 -3.97 -25.19
C VAL B 429 -21.36 -5.04 -24.83
N THR B 430 -21.91 -4.94 -23.62
CA THR B 430 -22.89 -5.90 -23.13
C THR B 430 -23.55 -5.35 -21.87
N PRO B 431 -24.86 -5.50 -21.70
CA PRO B 431 -25.51 -5.15 -20.43
C PRO B 431 -25.46 -6.25 -19.37
N ASP B 432 -24.87 -7.40 -19.68
CA ASP B 432 -24.90 -8.54 -18.78
C ASP B 432 -23.71 -8.49 -17.84
N LEU B 433 -23.98 -8.57 -16.54
CA LEU B 433 -22.92 -8.49 -15.54
C LEU B 433 -21.86 -9.57 -15.78
N ASN B 434 -22.29 -10.83 -15.87
CA ASN B 434 -21.34 -11.93 -15.95
C ASN B 434 -20.53 -11.87 -17.25
N ARG B 435 -21.20 -11.59 -18.36
CA ARG B 435 -20.52 -11.55 -19.65
C ARG B 435 -19.45 -10.46 -19.67
N ALA B 436 -19.75 -9.28 -19.13
CA ALA B 436 -18.81 -8.17 -19.24
C ALA B 436 -17.50 -8.48 -18.51
N HIS B 437 -17.59 -8.87 -17.23
CA HIS B 437 -16.39 -9.19 -16.48
C HIS B 437 -15.71 -10.45 -17.00
N ARG B 438 -16.51 -11.48 -17.32
CA ARG B 438 -15.94 -12.75 -17.74
C ARG B 438 -15.12 -12.61 -19.02
N ILE B 439 -15.66 -11.89 -20.00
CA ILE B 439 -14.91 -11.68 -21.24
C ILE B 439 -13.67 -10.83 -20.99
N ILE B 440 -13.85 -9.71 -20.27
CA ILE B 440 -12.75 -8.77 -20.10
C ILE B 440 -11.58 -9.45 -19.39
N HIS B 441 -11.88 -10.31 -18.41
CA HIS B 441 -10.82 -10.97 -17.67
C HIS B 441 -9.99 -11.90 -18.54
N GLN B 442 -10.52 -12.30 -19.69
CA GLN B 442 -9.81 -13.26 -20.57
C GLN B 442 -9.09 -12.52 -21.72
N LEU B 443 -9.28 -11.21 -21.85
CA LEU B 443 -8.65 -10.48 -22.95
C LEU B 443 -7.24 -10.10 -22.54
N GLU B 444 -6.30 -10.20 -23.48
CA GLU B 444 -4.89 -9.97 -23.20
C GLU B 444 -4.55 -8.53 -23.60
N ALA B 445 -4.97 -7.60 -22.76
CA ALA B 445 -4.74 -6.17 -23.01
C ALA B 445 -4.69 -5.45 -21.67
N GLY B 446 -3.96 -4.34 -21.66
CA GLY B 446 -3.76 -3.58 -20.44
C GLY B 446 -4.84 -2.55 -20.14
N ILE B 447 -5.60 -2.18 -21.17
CA ILE B 447 -6.60 -1.12 -21.08
C ILE B 447 -7.91 -1.70 -21.59
N CYS B 448 -8.88 -1.87 -20.70
CA CYS B 448 -10.14 -2.52 -21.06
C CYS B 448 -11.31 -1.62 -20.69
N TRP B 449 -12.21 -1.42 -21.64
CA TRP B 449 -13.37 -0.54 -21.48
C TRP B 449 -14.63 -1.37 -21.62
N ILE B 450 -15.53 -1.23 -20.67
CA ILE B 450 -16.84 -1.88 -20.73
C ILE B 450 -17.87 -0.81 -21.03
N ASN B 451 -18.57 -0.98 -22.16
CA ASN B 451 -19.65 -0.08 -22.57
C ASN B 451 -19.17 1.36 -22.69
N SER B 452 -17.94 1.52 -23.19
CA SER B 452 -17.35 2.84 -23.40
CA SER B 452 -17.36 2.84 -23.42
C SER B 452 -16.06 2.65 -24.19
N TRP B 453 -15.36 3.76 -24.44
CA TRP B 453 -14.06 3.70 -25.09
C TRP B 453 -13.35 5.03 -24.86
N GLY B 454 -12.03 4.97 -24.68
CA GLY B 454 -11.15 6.11 -24.82
C GLY B 454 -10.83 6.87 -23.54
N GLU B 455 -11.62 6.74 -22.49
CA GLU B 455 -11.38 7.53 -21.30
C GLU B 455 -10.17 6.99 -20.55
N SER B 456 -9.23 7.87 -20.20
CA SER B 456 -7.95 7.49 -19.61
C SER B 456 -7.68 8.33 -18.36
N PRO B 457 -8.38 8.05 -17.27
CA PRO B 457 -8.23 8.88 -16.06
C PRO B 457 -6.80 8.86 -15.53
N ALA B 458 -6.41 9.98 -14.92
CA ALA B 458 -5.06 10.09 -14.37
C ALA B 458 -4.77 8.97 -13.39
N GLU B 459 -5.80 8.50 -12.66
CA GLU B 459 -5.62 7.49 -11.64
C GLU B 459 -5.43 6.08 -12.22
N MET B 460 -5.68 5.90 -13.51
CA MET B 460 -5.79 4.58 -14.12
C MET B 460 -4.48 4.24 -14.85
N PRO B 461 -3.72 3.26 -14.38
CA PRO B 461 -2.52 2.87 -15.14
C PRO B 461 -2.90 2.36 -16.52
N VAL B 462 -2.13 2.78 -17.52
CA VAL B 462 -2.38 2.42 -18.91
C VAL B 462 -1.09 2.00 -19.58
N GLY B 463 -1.17 0.91 -20.34
CA GLY B 463 -0.05 0.45 -21.14
C GLY B 463 -0.41 -0.88 -21.77
N GLY B 464 0.55 -1.42 -22.52
CA GLY B 464 0.29 -2.57 -23.37
C GLY B 464 0.83 -3.89 -22.84
N TYR B 465 0.04 -4.94 -23.07
CA TYR B 465 0.53 -6.31 -23.02
C TYR B 465 1.40 -6.61 -24.25
N LYS B 466 2.24 -7.62 -24.10
CA LYS B 466 2.95 -8.27 -25.22
C LYS B 466 3.73 -7.20 -25.98
N HIS B 467 3.57 -7.10 -27.30
CA HIS B 467 4.41 -6.21 -28.10
C HIS B 467 3.91 -4.78 -28.13
N SER B 468 2.81 -4.47 -27.44
CA SER B 468 2.28 -3.12 -27.47
C SER B 468 2.91 -2.17 -26.46
N GLY B 469 3.74 -2.66 -25.55
CA GLY B 469 4.45 -1.75 -24.67
C GLY B 469 5.21 -2.47 -23.59
N ILE B 470 6.03 -1.67 -22.89
CA ILE B 470 6.74 -2.09 -21.69
C ILE B 470 6.44 -1.05 -20.62
N GLY B 471 6.00 -1.49 -19.44
CA GLY B 471 5.69 -0.57 -18.37
C GLY B 471 4.33 0.05 -18.54
N ARG B 472 4.10 1.11 -17.75
CA ARG B 472 2.80 1.75 -17.66
C ARG B 472 2.99 3.26 -17.49
N GLU B 473 1.94 4.00 -17.81
CA GLU B 473 1.85 5.43 -17.50
C GLU B 473 0.61 5.70 -16.66
N ASN B 474 0.67 6.82 -15.92
CA ASN B 474 -0.41 7.25 -15.04
C ASN B 474 -0.58 6.30 -13.86
N GLY B 475 -1.48 6.64 -12.94
CA GLY B 475 -1.60 5.91 -11.70
C GLY B 475 -0.44 6.13 -10.75
N VAL B 476 -0.61 5.73 -9.49
CA VAL B 476 0.45 5.92 -8.49
CA VAL B 476 0.45 5.93 -8.51
C VAL B 476 1.70 5.12 -8.88
N MET B 477 1.50 3.94 -9.45
CA MET B 477 2.64 3.07 -9.76
C MET B 477 3.62 3.74 -10.69
N THR B 478 3.16 4.65 -11.56
CA THR B 478 4.09 5.28 -12.50
C THR B 478 4.95 6.33 -11.80
N LEU B 479 4.44 6.97 -10.76
CA LEU B 479 5.29 7.84 -9.94
C LEU B 479 6.42 7.05 -9.30
N GLN B 480 6.10 5.88 -8.74
CA GLN B 480 7.11 5.02 -8.14
C GLN B 480 8.11 4.51 -9.17
N SER B 481 7.66 4.27 -10.41
CA SER B 481 8.56 3.79 -11.44
C SER B 481 9.56 4.83 -11.90
N TYR B 482 9.36 6.10 -11.55
CA TYR B 482 10.37 7.13 -11.78
C TYR B 482 11.24 7.36 -10.57
N THR B 483 11.21 6.45 -9.59
CA THR B 483 12.18 6.41 -8.50
C THR B 483 12.91 5.07 -8.53
N GLN B 484 14.02 5.01 -7.80
CA GLN B 484 14.73 3.76 -7.56
C GLN B 484 14.81 3.49 -6.06
N VAL B 485 14.72 2.22 -5.70
CA VAL B 485 14.70 1.81 -4.29
C VAL B 485 16.13 1.63 -3.80
N LYS B 486 16.45 2.24 -2.66
CA LYS B 486 17.68 1.97 -1.92
C LYS B 486 17.29 1.28 -0.62
N SER B 487 17.81 0.07 -0.40
CA SER B 487 17.58 -0.65 0.85
C SER B 487 18.76 -0.42 1.78
N ILE B 488 18.45 -0.12 3.04
CA ILE B 488 19.46 0.20 4.05
C ILE B 488 19.20 -0.68 5.26
N GLN B 489 20.18 -1.49 5.63
CA GLN B 489 20.11 -2.28 6.86
C GLN B 489 20.93 -1.63 7.95
N VAL B 490 20.30 -1.40 9.10
CA VAL B 490 20.97 -0.92 10.30
C VAL B 490 21.15 -2.12 11.22
N GLU B 491 22.43 -2.50 11.41
CA GLU B 491 22.76 -3.63 12.31
C GLU B 491 23.28 -3.05 13.62
N MET B 492 22.50 -3.18 14.68
CA MET B 492 22.88 -2.67 15.99
C MET B 492 23.50 -3.75 16.87
N GLY B 493 23.56 -4.98 16.41
CA GLY B 493 24.22 -6.04 17.14
C GLY B 493 25.65 -6.25 16.69
N PRO B 494 26.38 -7.10 17.41
CA PRO B 494 27.77 -7.38 17.02
C PRO B 494 27.86 -8.18 15.73
N PHE B 495 28.78 -7.78 14.86
CA PHE B 495 28.99 -8.51 13.61
C PHE B 495 29.91 -9.69 13.82
N GLN B 496 29.52 -10.85 13.29
CA GLN B 496 30.21 -12.11 13.50
C GLN B 496 30.82 -12.57 12.18
N SER B 497 32.14 -12.64 12.12
CA SER B 497 32.83 -13.13 10.92
C SER B 497 33.21 -14.58 11.08
N ILE B 498 33.03 -15.36 10.00
CA ILE B 498 33.49 -16.76 9.98
C ILE B 498 34.97 -16.88 9.68
N PHE B 499 35.62 -15.80 9.30
CA PHE B 499 37.06 -15.80 9.02
C PHE B 499 37.84 -15.28 10.22
N ARG C 12 -14.94 44.60 22.34
CA ARG C 12 -15.65 43.32 22.42
C ARG C 12 -16.49 43.11 21.17
N MET C 13 -16.60 41.86 20.76
CA MET C 13 -17.21 41.48 19.50
C MET C 13 -18.72 41.32 19.63
N ALA C 14 -19.41 41.41 18.50
CA ALA C 14 -20.83 41.09 18.48
C ALA C 14 -21.02 39.64 18.90
N GLU C 15 -22.16 39.37 19.53
CA GLU C 15 -22.45 38.02 19.96
C GLU C 15 -22.27 37.05 18.80
N GLN C 16 -21.39 36.07 18.99
CA GLN C 16 -21.03 35.12 17.94
C GLN C 16 -22.09 34.04 17.89
N GLN C 17 -22.45 33.65 16.68
CA GLN C 17 -23.53 32.72 16.45
C GLN C 17 -23.01 31.36 16.01
N LEU C 18 -23.92 30.40 15.91
CA LEU C 18 -23.57 29.11 15.33
C LEU C 18 -23.36 29.30 13.83
N TYR C 19 -22.60 28.37 13.25
CA TYR C 19 -22.39 28.34 11.78
C TYR C 19 -22.95 27.03 11.26
N ILE C 20 -24.09 27.07 10.58
CA ILE C 20 -24.77 25.89 10.04
C ILE C 20 -25.17 26.16 8.60
N HIS C 21 -24.79 25.27 7.70
CA HIS C 21 -25.19 25.34 6.30
C HIS C 21 -24.80 26.64 5.60
N GLY C 22 -23.53 27.01 5.71
CA GLY C 22 -23.02 28.10 4.92
C GLY C 22 -23.34 29.48 5.43
N LYS C 23 -23.86 29.60 6.64
CA LYS C 23 -24.21 30.89 7.20
C LYS C 23 -24.18 30.85 8.72
N PHE C 24 -23.96 32.03 9.31
CA PHE C 24 -24.17 32.20 10.74
C PHE C 24 -25.65 32.20 11.06
N VAL C 25 -26.01 31.53 12.15
CA VAL C 25 -27.40 31.39 12.55
C VAL C 25 -27.46 31.40 14.07
N ALA C 26 -28.55 31.97 14.59
CA ALA C 26 -28.71 32.08 16.03
C ALA C 26 -29.02 30.73 16.63
N ALA C 27 -28.45 30.47 17.80
CA ALA C 27 -28.82 29.30 18.57
C ALA C 27 -30.24 29.45 19.08
N THR C 28 -30.93 28.31 19.18
CA THR C 28 -32.25 28.23 19.79
C THR C 28 -32.20 27.74 21.23
N SER C 29 -31.00 27.67 21.81
CA SER C 29 -30.86 27.19 23.18
C SER C 29 -31.23 28.24 24.21
N GLY C 30 -31.10 29.52 23.87
CA GLY C 30 -31.29 30.57 24.85
C GLY C 30 -30.14 30.72 25.82
N LYS C 31 -29.05 30.01 25.58
CA LYS C 31 -27.88 29.99 26.44
C LYS C 31 -26.69 30.61 25.73
N THR C 32 -25.82 31.25 26.51
CA THR C 32 -24.62 31.86 25.98
C THR C 32 -23.48 31.63 26.98
N PHE C 33 -22.25 31.83 26.52
CA PHE C 33 -21.08 31.83 27.39
C PHE C 33 -20.08 32.87 26.89
N GLU C 34 -19.03 33.08 27.68
CA GLU C 34 -18.03 34.10 27.40
C GLU C 34 -16.63 33.51 27.29
N THR C 35 -15.82 34.10 26.40
CA THR C 35 -14.41 33.78 26.31
C THR C 35 -13.57 35.00 26.69
N ILE C 36 -12.51 34.75 27.45
CA ILE C 36 -11.71 35.80 28.08
C ILE C 36 -10.35 35.90 27.38
N ASN C 37 -9.81 37.12 27.33
CA ASN C 37 -8.40 37.32 27.00
C ASN C 37 -7.53 37.03 28.22
N PRO C 38 -6.72 35.96 28.20
CA PRO C 38 -5.94 35.62 29.41
C PRO C 38 -4.79 36.57 29.69
N ALA C 39 -4.49 37.51 28.80
CA ALA C 39 -3.47 38.51 29.07
C ALA C 39 -3.99 39.71 29.83
N THR C 40 -5.31 39.93 29.83
CA THR C 40 -5.90 41.12 30.43
C THR C 40 -7.10 40.83 31.31
N GLY C 41 -7.68 39.63 31.27
CA GLY C 41 -8.90 39.35 31.99
C GLY C 41 -10.16 39.85 31.32
N GLU C 42 -10.02 40.56 30.21
CA GLU C 42 -11.16 41.14 29.52
C GLU C 42 -11.99 40.08 28.81
N VAL C 43 -13.29 40.37 28.66
CA VAL C 43 -14.17 39.50 27.88
C VAL C 43 -13.86 39.78 26.41
N LEU C 44 -13.45 38.73 25.69
CA LEU C 44 -13.21 38.89 24.26
C LEU C 44 -14.52 38.92 23.47
N ALA C 45 -15.48 38.09 23.85
CA ALA C 45 -16.75 38.04 23.14
C ALA C 45 -17.71 37.14 23.90
N THR C 46 -19.00 37.43 23.75
CA THR C 46 -20.07 36.50 24.11
C THR C 46 -20.32 35.55 22.96
N VAL C 47 -20.55 34.28 23.28
CA VAL C 47 -20.69 33.22 22.28
C VAL C 47 -21.94 32.42 22.59
N GLN C 48 -22.78 32.24 21.58
CA GLN C 48 -23.99 31.44 21.71
C GLN C 48 -23.66 29.95 21.79
N ALA C 49 -24.49 29.22 22.52
CA ALA C 49 -24.30 27.80 22.78
C ALA C 49 -25.34 26.99 22.01
N ALA C 50 -24.88 25.95 21.33
CA ALA C 50 -25.74 25.14 20.49
C ALA C 50 -26.59 24.26 21.39
N GLY C 51 -27.91 24.30 21.20
CA GLY C 51 -28.81 23.46 21.96
C GLY C 51 -29.00 22.09 21.35
N ARG C 52 -29.80 21.29 22.04
CA ARG C 52 -30.00 19.91 21.63
C ARG C 52 -30.65 19.87 20.24
N GLU C 53 -31.58 20.80 19.99
CA GLU C 53 -32.22 20.93 18.68
C GLU C 53 -31.27 21.48 17.60
N ASP C 54 -30.36 22.37 17.99
CA ASP C 54 -29.38 22.92 17.05
C ASP C 54 -28.46 21.83 16.52
N VAL C 55 -28.06 20.89 17.38
CA VAL C 55 -27.21 19.79 16.92
C VAL C 55 -27.95 18.98 15.86
N ASP C 56 -29.23 18.71 16.08
CA ASP C 56 -30.01 17.96 15.10
C ASP C 56 -30.09 18.69 13.77
N ARG C 57 -30.26 20.02 13.83
CA ARG C 57 -30.24 20.80 12.60
C ARG C 57 -28.90 20.69 11.89
N ALA C 58 -27.79 20.79 12.64
CA ALA C 58 -26.47 20.68 12.04
C ALA C 58 -26.29 19.32 11.39
N VAL C 59 -26.82 18.27 12.01
CA VAL C 59 -26.70 16.93 11.44
C VAL C 59 -27.48 16.85 10.14
N LYS C 60 -28.67 17.48 10.11
CA LYS C 60 -29.48 17.40 8.89
C LYS C 60 -28.85 18.23 7.78
N SER C 61 -28.26 19.37 8.13
CA SER C 61 -27.46 20.15 7.19
C SER C 61 -26.25 19.36 6.69
N ALA C 62 -25.54 18.69 7.60
CA ALA C 62 -24.34 17.95 7.21
C ALA C 62 -24.69 16.79 6.30
N GLN C 63 -25.83 16.16 6.54
CA GLN C 63 -26.24 15.04 5.68
C GLN C 63 -26.49 15.54 4.26
N GLN C 64 -27.13 16.70 4.12
CA GLN C 64 -27.37 17.24 2.79
C GLN C 64 -26.08 17.68 2.10
N GLY C 65 -25.19 18.35 2.84
CA GLY C 65 -23.95 18.80 2.23
C GLY C 65 -23.04 17.66 1.85
N GLN C 66 -22.97 16.63 2.68
CA GLN C 66 -22.08 15.50 2.40
C GLN C 66 -22.44 14.83 1.08
N LYS C 67 -23.73 14.74 0.79
CA LYS C 67 -24.16 14.10 -0.45
C LYS C 67 -23.64 14.86 -1.67
N VAL C 68 -23.74 16.20 -1.63
CA VAL C 68 -23.18 17.03 -2.69
C VAL C 68 -21.66 16.83 -2.77
N TRP C 69 -21.01 16.86 -1.61
CA TRP C 69 -19.54 16.83 -1.55
C TRP C 69 -19.01 15.50 -2.07
N ALA C 70 -19.63 14.39 -1.65
CA ALA C 70 -19.18 13.08 -2.12
C ALA C 70 -19.48 12.84 -3.59
N ALA C 71 -20.48 13.52 -4.15
CA ALA C 71 -20.83 13.33 -5.55
C ALA C 71 -19.84 14.00 -6.49
N MET C 72 -19.10 15.00 -6.00
CA MET C 72 -18.09 15.66 -6.80
C MET C 72 -16.97 14.69 -7.15
N SER C 73 -16.19 15.08 -8.16
CA SER C 73 -14.97 14.34 -8.48
C SER C 73 -13.94 14.54 -7.38
N ALA C 74 -13.00 13.59 -7.29
CA ALA C 74 -11.90 13.72 -6.33
C ALA C 74 -11.14 15.02 -6.53
N MET C 75 -10.80 15.34 -7.78
CA MET C 75 -10.01 16.54 -8.02
C MET C 75 -10.80 17.81 -7.74
N ALA C 76 -12.13 17.78 -7.93
CA ALA C 76 -12.94 18.93 -7.58
C ALA C 76 -12.90 19.19 -6.07
N ARG C 77 -12.95 18.14 -5.25
CA ARG C 77 -12.80 18.34 -3.82
C ARG C 77 -11.40 18.84 -3.49
N SER C 78 -10.38 18.32 -4.19
CA SER C 78 -9.02 18.75 -3.93
CA SER C 78 -9.02 18.75 -3.93
C SER C 78 -8.84 20.24 -4.21
N ARG C 79 -9.39 20.73 -5.33
CA ARG C 79 -9.20 22.13 -5.67
C ARG C 79 -9.84 23.05 -4.63
N ILE C 80 -10.99 22.64 -4.09
CA ILE C 80 -11.67 23.47 -3.10
C ILE C 80 -10.85 23.57 -1.82
N LEU C 81 -10.34 22.44 -1.34
CA LEU C 81 -9.51 22.47 -0.13
C LEU C 81 -8.22 23.26 -0.35
N ARG C 82 -7.64 23.20 -1.55
CA ARG C 82 -6.43 23.98 -1.83
C ARG C 82 -6.74 25.47 -1.89
N LYS C 83 -7.94 25.84 -2.33
CA LYS C 83 -8.36 27.24 -2.25
C LYS C 83 -8.44 27.69 -0.80
N ALA C 84 -8.99 26.85 0.09
CA ALA C 84 -9.04 27.20 1.50
C ALA C 84 -7.62 27.40 2.04
N VAL C 85 -6.70 26.52 1.65
CA VAL C 85 -5.29 26.67 2.04
C VAL C 85 -4.78 28.05 1.63
N ASP C 86 -5.04 28.45 0.39
CA ASP C 86 -4.55 29.74 -0.09
C ASP C 86 -5.13 30.89 0.74
N ILE C 87 -6.41 30.80 1.11
CA ILE C 87 -6.99 31.83 1.97
C ILE C 87 -6.31 31.82 3.33
N LEU C 88 -6.03 30.64 3.88
CA LEU C 88 -5.41 30.56 5.19
C LEU C 88 -4.01 31.18 5.18
N ARG C 89 -3.24 30.93 4.12
CA ARG C 89 -1.91 31.53 4.02
C ARG C 89 -2.00 33.05 3.96
N GLU C 90 -2.91 33.57 3.13
CA GLU C 90 -3.06 35.01 2.99
C GLU C 90 -3.48 35.67 4.30
N ARG C 91 -4.34 34.99 5.07
N ARG C 91 -4.35 35.00 5.06
CA ARG C 91 -4.87 35.53 6.32
CA ARG C 91 -4.86 35.55 6.32
C ARG C 91 -4.15 34.98 7.54
C ARG C 91 -4.18 34.93 7.54
N ASN C 92 -2.94 34.46 7.37
CA ASN C 92 -2.20 33.89 8.50
C ASN C 92 -2.05 34.90 9.63
N ASP C 93 -1.59 36.11 9.30
CA ASP C 93 -1.27 37.08 10.34
C ASP C 93 -2.53 37.54 11.07
N GLU C 94 -3.61 37.79 10.32
CA GLU C 94 -4.89 38.15 10.92
C GLU C 94 -5.40 37.03 11.83
N LEU C 95 -5.31 35.78 11.37
CA LEU C 95 -5.79 34.66 12.17
C LEU C 95 -4.91 34.47 13.39
N ALA C 96 -3.59 34.63 13.25
CA ALA C 96 -2.69 34.45 14.39
C ALA C 96 -3.02 35.44 15.51
N ARG C 97 -3.31 36.70 15.17
CA ARG C 97 -3.65 37.68 16.19
C ARG C 97 -4.90 37.28 16.96
N LEU C 98 -5.96 36.85 16.26
CA LEU C 98 -7.14 36.42 16.99
C LEU C 98 -6.81 35.25 17.90
N GLU C 99 -5.98 34.32 17.41
CA GLU C 99 -5.57 33.18 18.24
C GLU C 99 -4.80 33.63 19.46
N THR C 100 -3.91 34.62 19.30
CA THR C 100 -3.16 35.14 20.43
C THR C 100 -4.08 35.78 21.47
N LEU C 101 -5.05 36.56 21.01
CA LEU C 101 -6.00 37.18 21.93
C LEU C 101 -6.79 36.12 22.70
N ASP C 102 -7.15 35.02 22.04
CA ASP C 102 -8.02 34.03 22.64
C ASP C 102 -7.26 33.04 23.51
N THR C 103 -6.02 32.71 23.14
CA THR C 103 -5.27 31.67 23.84
C THR C 103 -4.20 32.22 24.77
N GLY C 104 -3.71 33.45 24.52
CA GLY C 104 -2.59 33.98 25.27
C GLY C 104 -1.24 33.57 24.75
N LYS C 105 -1.18 32.78 23.68
CA LYS C 105 0.09 32.38 23.13
C LYS C 105 0.74 33.55 22.39
N PRO C 106 2.06 33.70 22.45
CA PRO C 106 2.71 34.81 21.75
C PRO C 106 2.46 34.76 20.26
N LEU C 107 2.36 35.94 19.65
CA LEU C 107 2.25 36.04 18.20
C LEU C 107 3.44 35.37 17.51
N SER C 108 4.61 35.41 18.15
CA SER C 108 5.78 34.72 17.60
C SER C 108 5.51 33.23 17.39
N GLU C 109 4.60 32.66 18.18
CA GLU C 109 4.19 31.27 17.95
C GLU C 109 3.03 31.17 16.97
N THR C 110 1.96 31.95 17.21
CA THR C 110 0.73 31.73 16.45
C THR C 110 0.92 32.08 14.97
N ALA C 111 1.73 33.10 14.68
CA ALA C 111 1.97 33.50 13.30
C ALA C 111 2.89 32.55 12.56
N ALA C 112 3.69 31.76 13.27
CA ALA C 112 4.67 30.88 12.63
C ALA C 112 4.31 29.40 12.66
N VAL C 113 3.36 29.00 13.50
CA VAL C 113 3.09 27.58 13.70
C VAL C 113 1.62 27.24 13.50
N ASP C 114 0.73 27.91 14.23
CA ASP C 114 -0.64 27.42 14.38
C ASP C 114 -1.35 27.28 13.03
N ILE C 115 -1.46 28.38 12.28
CA ILE C 115 -2.14 28.30 11.00
C ILE C 115 -1.25 27.64 9.96
N VAL C 116 0.06 27.88 10.04
CA VAL C 116 0.99 27.33 9.05
C VAL C 116 0.92 25.81 9.06
N THR C 117 1.01 25.20 10.25
CA THR C 117 0.99 23.75 10.32
C THR C 117 -0.42 23.20 10.15
N GLY C 118 -1.44 23.96 10.54
CA GLY C 118 -2.80 23.57 10.22
C GLY C 118 -3.05 23.55 8.73
N ALA C 119 -2.61 24.60 8.03
CA ALA C 119 -2.79 24.65 6.59
C ALA C 119 -1.92 23.63 5.87
N ASP C 120 -0.76 23.29 6.46
CA ASP C 120 0.08 22.26 5.88
C ASP C 120 -0.66 20.94 5.79
N VAL C 121 -1.45 20.61 6.82
CA VAL C 121 -2.16 19.34 6.83
C VAL C 121 -3.31 19.35 5.84
N LEU C 122 -4.04 20.47 5.75
CA LEU C 122 -5.11 20.57 4.76
C LEU C 122 -4.53 20.46 3.35
N GLU C 123 -3.37 21.07 3.12
CA GLU C 123 -2.73 21.02 1.81
C GLU C 123 -2.28 19.60 1.49
N TYR C 124 -1.74 18.91 2.49
CA TYR C 124 -1.33 17.51 2.33
C TYR C 124 -2.50 16.63 1.91
N TYR C 125 -3.59 16.69 2.66
CA TYR C 125 -4.73 15.82 2.37
C TYR C 125 -5.43 16.20 1.06
N ALA C 126 -5.49 17.50 0.73
CA ALA C 126 -6.08 17.91 -0.55
C ALA C 126 -5.46 17.15 -1.71
N GLY C 127 -4.14 16.96 -1.69
CA GLY C 127 -3.49 16.27 -2.78
C GLY C 127 -3.66 14.77 -2.80
N LEU C 128 -3.95 14.18 -1.64
CA LEU C 128 -4.12 12.73 -1.57
C LEU C 128 -5.51 12.24 -1.94
N ILE C 129 -6.51 13.13 -2.04
CA ILE C 129 -7.87 12.68 -2.32
C ILE C 129 -7.91 11.75 -3.53
N PRO C 130 -7.29 12.07 -4.66
CA PRO C 130 -7.41 11.19 -5.83
C PRO C 130 -6.71 9.86 -5.67
N ALA C 131 -5.80 9.72 -4.71
CA ALA C 131 -5.12 8.44 -4.47
C ALA C 131 -5.84 7.57 -3.45
N LEU C 132 -6.98 8.02 -2.92
CA LEU C 132 -7.78 7.19 -2.02
C LEU C 132 -8.44 6.09 -2.85
N GLU C 133 -7.95 4.87 -2.71
CA GLU C 133 -8.36 3.77 -3.57
C GLU C 133 -8.82 2.58 -2.73
N GLY C 134 -9.74 1.80 -3.29
CA GLY C 134 -10.06 0.49 -2.77
C GLY C 134 -9.16 -0.58 -3.35
N SER C 135 -9.56 -1.83 -3.13
CA SER C 135 -8.79 -2.99 -3.56
CA SER C 135 -8.79 -2.98 -3.56
C SER C 135 -9.66 -3.91 -4.39
N GLN C 136 -9.01 -4.79 -5.15
CA GLN C 136 -9.67 -5.82 -5.93
C GLN C 136 -8.95 -7.13 -5.61
N ILE C 137 -9.72 -8.18 -5.41
CA ILE C 137 -9.15 -9.45 -4.97
C ILE C 137 -9.79 -10.56 -5.80
N PRO C 138 -9.03 -11.26 -6.63
CA PRO C 138 -9.62 -12.41 -7.34
C PRO C 138 -9.72 -13.60 -6.41
N LEU C 139 -10.89 -14.23 -6.39
CA LEU C 139 -11.11 -15.46 -5.65
C LEU C 139 -10.96 -16.68 -6.54
N ARG C 140 -11.50 -16.60 -7.75
CA ARG C 140 -11.50 -17.67 -8.73
C ARG C 140 -11.95 -17.04 -10.04
N ASP C 141 -11.83 -17.81 -11.12
CA ASP C 141 -12.24 -17.31 -12.43
C ASP C 141 -13.66 -16.76 -12.40
N SER C 142 -14.54 -17.39 -11.63
CA SER C 142 -15.96 -17.06 -11.64
C SER C 142 -16.38 -16.10 -10.55
N SER C 143 -15.46 -15.57 -9.75
CA SER C 143 -15.86 -14.62 -8.71
C SER C 143 -14.67 -13.76 -8.32
N PHE C 144 -14.96 -12.50 -8.00
CA PHE C 144 -13.93 -11.61 -7.48
C PHE C 144 -14.57 -10.67 -6.46
N VAL C 145 -13.71 -10.03 -5.68
CA VAL C 145 -14.11 -9.06 -4.68
C VAL C 145 -13.46 -7.72 -5.03
N TYR C 146 -14.18 -6.63 -4.84
CA TYR C 146 -13.59 -5.31 -4.81
C TYR C 146 -14.13 -4.54 -3.62
N THR C 147 -13.34 -3.59 -3.13
CA THR C 147 -13.72 -2.78 -1.98
C THR C 147 -13.84 -1.32 -2.38
N ARG C 148 -14.72 -0.62 -1.70
CA ARG C 148 -14.83 0.83 -1.81
C ARG C 148 -14.50 1.43 -0.44
N ARG C 149 -13.73 2.52 -0.45
CA ARG C 149 -13.49 3.31 0.76
C ARG C 149 -14.52 4.43 0.73
N GLU C 150 -15.61 4.22 1.42
CA GLU C 150 -16.73 5.13 1.38
C GLU C 150 -16.67 6.11 2.54
N PRO C 151 -17.20 7.31 2.36
CA PRO C 151 -17.31 8.24 3.49
C PRO C 151 -18.09 7.61 4.64
N LEU C 152 -17.71 7.99 5.85
CA LEU C 152 -18.50 7.65 7.02
C LEU C 152 -19.83 8.39 7.02
N GLY C 153 -19.88 9.57 6.41
CA GLY C 153 -21.09 10.37 6.43
C GLY C 153 -20.90 11.67 7.18
N VAL C 154 -21.56 11.80 8.32
CA VAL C 154 -21.40 12.95 9.20
C VAL C 154 -20.52 12.54 10.37
N VAL C 155 -19.44 13.29 10.59
CA VAL C 155 -18.52 13.03 11.69
C VAL C 155 -18.50 14.27 12.57
N ALA C 156 -18.03 14.09 13.79
CA ALA C 156 -17.97 15.19 14.75
C ALA C 156 -16.56 15.31 15.32
N GLY C 157 -16.06 16.54 15.38
CA GLY C 157 -14.77 16.81 15.98
C GLY C 157 -14.98 17.67 17.21
N ILE C 158 -14.32 17.33 18.31
CA ILE C 158 -14.38 18.11 19.55
C ILE C 158 -12.98 18.60 19.85
N GLY C 159 -12.80 19.92 19.85
CA GLY C 159 -11.50 20.53 19.93
C GLY C 159 -11.09 20.96 21.33
N ALA C 160 -9.78 21.09 21.51
CA ALA C 160 -9.19 21.55 22.76
C ALA C 160 -8.76 23.01 22.58
N TRP C 161 -8.28 23.62 23.67
CA TRP C 161 -8.06 25.05 23.67
C TRP C 161 -6.60 25.46 23.45
N ASN C 162 -5.67 24.51 23.42
CA ASN C 162 -4.26 24.91 23.38
C ASN C 162 -3.83 25.28 21.96
N TYR C 163 -4.33 24.56 20.95
CA TYR C 163 -4.06 24.86 19.54
C TYR C 163 -5.40 24.88 18.80
N PRO C 164 -6.20 25.93 19.00
CA PRO C 164 -7.59 25.87 18.52
C PRO C 164 -7.73 25.68 17.01
N ILE C 165 -7.11 26.53 16.20
CA ILE C 165 -7.34 26.43 14.76
C ILE C 165 -6.53 25.30 14.15
N GLN C 166 -5.37 24.97 14.73
CA GLN C 166 -4.59 23.84 14.22
C GLN C 166 -5.33 22.53 14.42
N ILE C 167 -5.97 22.37 15.59
CA ILE C 167 -6.77 21.17 15.85
C ILE C 167 -7.96 21.10 14.89
N ALA C 168 -8.66 22.22 14.74
CA ALA C 168 -9.82 22.24 13.83
C ALA C 168 -9.41 21.83 12.42
N LEU C 169 -8.22 22.23 11.98
CA LEU C 169 -7.75 21.84 10.65
C LEU C 169 -7.28 20.39 10.60
N TRP C 170 -6.63 19.92 11.67
CA TRP C 170 -6.11 18.56 11.68
C TRP C 170 -7.24 17.53 11.74
N LYS C 171 -8.39 17.90 12.28
CA LYS C 171 -9.55 17.03 12.28
C LYS C 171 -10.36 17.17 10.99
N SER C 172 -10.59 18.42 10.56
CA SER C 172 -11.48 18.64 9.43
C SER C 172 -10.82 18.29 8.10
N ALA C 173 -9.50 18.46 7.99
CA ALA C 173 -8.83 18.17 6.73
C ALA C 173 -8.98 16.71 6.30
N PRO C 174 -8.63 15.72 7.12
CA PRO C 174 -8.85 14.34 6.68
C PRO C 174 -10.32 13.99 6.52
N ALA C 175 -11.18 14.54 7.39
CA ALA C 175 -12.60 14.23 7.32
C ALA C 175 -13.21 14.71 6.01
N LEU C 176 -12.91 15.96 5.63
CA LEU C 176 -13.42 16.49 4.38
C LEU C 176 -12.74 15.82 3.18
N ALA C 177 -11.44 15.56 3.27
CA ALA C 177 -10.74 14.92 2.17
C ALA C 177 -11.32 13.55 1.87
N ALA C 178 -11.83 12.86 2.90
CA ALA C 178 -12.38 11.52 2.74
C ALA C 178 -13.83 11.52 2.27
N GLY C 179 -14.43 12.69 2.07
CA GLY C 179 -15.79 12.78 1.58
C GLY C 179 -16.85 13.00 2.63
N ASN C 180 -16.47 13.22 3.88
CA ASN C 180 -17.43 13.42 4.95
C ASN C 180 -17.78 14.89 5.13
N ALA C 181 -18.82 15.14 5.92
CA ALA C 181 -19.07 16.43 6.55
C ALA C 181 -18.72 16.33 8.03
N MET C 182 -18.14 17.39 8.57
CA MET C 182 -17.79 17.46 9.98
C MET C 182 -18.59 18.55 10.67
N ILE C 183 -19.15 18.22 11.82
CA ILE C 183 -19.65 19.20 12.78
C ILE C 183 -18.58 19.34 13.86
N PHE C 184 -18.03 20.54 14.00
CA PHE C 184 -16.92 20.78 14.91
C PHE C 184 -17.41 21.62 16.08
N LYS C 185 -17.10 21.16 17.29
CA LYS C 185 -17.39 21.93 18.50
C LYS C 185 -16.07 22.41 19.08
N PRO C 186 -15.74 23.69 18.97
CA PRO C 186 -14.52 24.21 19.60
C PRO C 186 -14.64 24.21 21.12
N SER C 187 -13.48 24.31 21.76
CA SER C 187 -13.47 24.49 23.22
C SER C 187 -14.10 25.82 23.58
N GLU C 188 -14.91 25.81 24.64
CA GLU C 188 -15.54 27.05 25.11
C GLU C 188 -14.52 28.10 25.52
N VAL C 189 -13.30 27.68 25.88
CA VAL C 189 -12.28 28.66 26.24
C VAL C 189 -11.79 29.42 25.02
N THR C 190 -11.82 28.79 23.84
CA THR C 190 -11.19 29.36 22.63
C THR C 190 -12.04 29.02 21.42
N PRO C 191 -13.24 29.61 21.33
CA PRO C 191 -14.14 29.26 20.22
C PRO C 191 -14.01 30.07 18.94
N LEU C 192 -13.19 31.12 18.94
CA LEU C 192 -13.31 32.12 17.89
C LEU C 192 -12.71 31.70 16.55
N THR C 193 -11.52 31.09 16.55
CA THR C 193 -10.87 30.83 15.26
C THR C 193 -11.59 29.76 14.46
N ALA C 194 -12.29 28.83 15.12
CA ALA C 194 -13.01 27.79 14.39
C ALA C 194 -14.14 28.38 13.56
N LEU C 195 -14.79 29.42 14.08
CA LEU C 195 -15.85 30.09 13.32
C LEU C 195 -15.29 30.83 12.11
N LYS C 196 -14.10 31.44 12.25
CA LYS C 196 -13.45 32.03 11.09
C LYS C 196 -13.10 30.98 10.05
N LEU C 197 -12.67 29.80 10.49
CA LEU C 197 -12.32 28.75 9.55
C LEU C 197 -13.52 28.34 8.70
N ALA C 198 -14.70 28.29 9.32
CA ALA C 198 -15.90 27.89 8.59
C ALA C 198 -16.21 28.86 7.45
N GLU C 199 -16.04 30.16 7.68
CA GLU C 199 -16.28 31.11 6.60
C GLU C 199 -15.26 30.94 5.48
N ILE C 200 -14.02 30.61 5.85
CA ILE C 200 -12.96 30.43 4.85
C ILE C 200 -13.29 29.23 3.97
N TYR C 201 -13.71 28.12 4.59
CA TYR C 201 -14.09 26.94 3.80
C TYR C 201 -15.21 27.24 2.83
N ARG C 202 -16.22 27.99 3.27
CA ARG C 202 -17.37 28.32 2.39
C ARG C 202 -16.88 29.23 1.28
N GLU C 203 -16.06 30.22 1.64
CA GLU C 203 -15.49 31.10 0.63
C GLU C 203 -14.67 30.34 -0.40
N ALA C 204 -14.09 29.21 -0.01
CA ALA C 204 -13.30 28.40 -0.92
C ALA C 204 -14.15 27.55 -1.86
N GLY C 205 -15.44 27.40 -1.56
CA GLY C 205 -16.33 26.62 -2.38
C GLY C 205 -16.84 25.34 -1.74
N LEU C 206 -16.53 25.13 -0.47
CA LEU C 206 -17.05 23.96 0.23
C LEU C 206 -18.58 24.02 0.23
N PRO C 207 -19.27 22.93 -0.12
CA PRO C 207 -20.73 22.98 -0.13
C PRO C 207 -21.28 23.27 1.26
N ASP C 208 -22.43 23.94 1.29
CA ASP C 208 -23.09 24.24 2.55
C ASP C 208 -23.37 22.95 3.32
N GLY C 209 -23.05 22.96 4.61
CA GLY C 209 -23.27 21.82 5.48
C GLY C 209 -22.06 20.95 5.72
N VAL C 210 -21.01 21.07 4.90
CA VAL C 210 -19.91 20.12 5.01
C VAL C 210 -19.05 20.42 6.23
N PHE C 211 -18.95 21.68 6.63
CA PHE C 211 -18.23 22.03 7.86
C PHE C 211 -19.09 23.03 8.63
N ASN C 212 -19.75 22.53 9.67
CA ASN C 212 -20.56 23.33 10.58
C ASN C 212 -19.83 23.44 11.91
N VAL C 213 -19.92 24.61 12.54
CA VAL C 213 -19.28 24.85 13.82
C VAL C 213 -20.37 25.20 14.83
N LEU C 214 -20.40 24.45 15.94
CA LEU C 214 -21.40 24.62 16.99
C LEU C 214 -20.63 24.88 18.29
N PRO C 215 -20.39 26.14 18.64
CA PRO C 215 -19.83 26.43 19.96
C PRO C 215 -20.78 25.99 21.06
N GLY C 216 -20.21 25.71 22.23
CA GLY C 216 -21.01 25.35 23.38
C GLY C 216 -20.14 24.75 24.46
N ILE C 217 -20.79 24.15 25.44
CA ILE C 217 -20.09 23.56 26.58
C ILE C 217 -20.02 22.05 26.36
N GLY C 218 -18.97 21.45 26.93
CA GLY C 218 -18.80 20.01 26.77
C GLY C 218 -19.92 19.20 27.39
N ALA C 219 -20.38 19.62 28.58
CA ALA C 219 -21.43 18.88 29.26
C ALA C 219 -22.73 18.86 28.46
N GLU C 220 -23.04 19.93 27.74
CA GLU C 220 -24.28 19.99 26.99
C GLU C 220 -24.07 19.78 25.50
N THR C 221 -23.39 20.73 24.85
CA THR C 221 -23.28 20.65 23.38
C THR C 221 -22.47 19.43 22.97
N GLY C 222 -21.32 19.22 23.63
CA GLY C 222 -20.51 18.07 23.32
C GLY C 222 -21.25 16.76 23.49
N GLN C 223 -22.08 16.66 24.52
CA GLN C 223 -22.81 15.42 24.77
C GLN C 223 -23.88 15.19 23.71
N TYR C 224 -24.54 16.26 23.27
CA TYR C 224 -25.58 16.09 22.25
C TYR C 224 -24.98 15.56 20.97
N LEU C 225 -23.77 15.99 20.62
CA LEU C 225 -23.07 15.47 19.45
C LEU C 225 -22.68 14.01 19.64
N THR C 226 -22.17 13.65 20.82
CA THR C 226 -21.72 12.29 21.04
C THR C 226 -22.90 11.31 21.14
N GLU C 227 -24.10 11.83 21.38
CA GLU C 227 -25.30 11.03 21.55
C GLU C 227 -26.10 10.88 20.27
N HIS C 228 -25.86 11.71 19.27
CA HIS C 228 -26.75 11.78 18.11
C HIS C 228 -26.64 10.49 17.30
N PRO C 229 -27.77 9.84 16.97
CA PRO C 229 -27.68 8.53 16.30
C PRO C 229 -27.11 8.58 14.89
N ASP C 230 -27.10 9.74 14.23
CA ASP C 230 -26.71 9.82 12.83
C ASP C 230 -25.29 10.35 12.63
N ILE C 231 -24.51 10.47 13.69
CA ILE C 231 -23.09 10.78 13.60
C ILE C 231 -22.31 9.47 13.69
N ALA C 232 -21.43 9.24 12.73
CA ALA C 232 -20.78 7.93 12.58
C ALA C 232 -19.45 7.85 13.29
N LYS C 233 -18.84 8.98 13.64
CA LYS C 233 -17.50 8.99 14.22
C LYS C 233 -17.33 10.25 15.05
N ILE C 234 -16.60 10.12 16.15
CA ILE C 234 -16.23 11.24 17.01
C ILE C 234 -14.71 11.29 17.03
N SER C 235 -14.13 12.47 16.81
CA SER C 235 -12.70 12.68 17.03
C SER C 235 -12.54 13.73 18.11
N PHE C 236 -11.87 13.36 19.20
CA PHE C 236 -11.76 14.18 20.39
C PHE C 236 -10.31 14.42 20.77
N THR C 237 -10.01 15.67 21.13
CA THR C 237 -8.72 16.06 21.67
C THR C 237 -8.99 16.83 22.95
N GLY C 238 -8.35 16.42 24.05
CA GLY C 238 -8.67 17.02 25.33
C GLY C 238 -7.97 16.31 26.46
N GLY C 239 -8.50 16.52 27.67
CA GLY C 239 -7.98 15.85 28.83
C GLY C 239 -8.53 14.45 28.99
N VAL C 240 -7.79 13.65 29.76
CA VAL C 240 -8.16 12.25 29.96
C VAL C 240 -9.56 12.12 30.54
N ALA C 241 -9.89 12.95 31.53
CA ALA C 241 -11.19 12.84 32.18
C ALA C 241 -12.33 13.04 31.18
N SER C 242 -12.31 14.16 30.45
CA SER C 242 -13.40 14.39 29.50
C SER C 242 -13.43 13.31 28.43
N GLY C 243 -12.28 12.74 28.10
CA GLY C 243 -12.24 11.70 27.09
C GLY C 243 -12.95 10.43 27.54
N LYS C 244 -12.78 10.07 28.81
CA LYS C 244 -13.49 8.92 29.36
C LYS C 244 -15.00 9.14 29.30
N LYS C 245 -15.43 10.35 29.61
CA LYS C 245 -16.84 10.71 29.50
C LYS C 245 -17.31 10.56 28.07
N VAL C 246 -16.56 11.12 27.12
CA VAL C 246 -17.00 11.06 25.73
C VAL C 246 -17.13 9.60 25.30
N MET C 247 -16.12 8.78 25.61
CA MET C 247 -16.23 7.40 25.19
C MET C 247 -17.41 6.69 25.85
N ALA C 248 -17.76 7.08 27.08
CA ALA C 248 -18.84 6.41 27.79
C ALA C 248 -20.19 6.79 27.21
N ASN C 249 -20.41 8.09 27.01
CA ASN C 249 -21.67 8.55 26.44
C ASN C 249 -21.87 8.04 25.03
N SER C 250 -20.79 7.99 24.25
CA SER C 250 -20.87 7.46 22.90
C SER C 250 -21.14 5.96 22.90
N ALA C 251 -20.59 5.24 23.89
CA ALA C 251 -20.93 3.83 24.04
C ALA C 251 -22.41 3.64 24.37
N ALA C 252 -22.92 4.36 25.38
CA ALA C 252 -24.31 4.15 25.75
C ALA C 252 -25.23 4.49 24.58
N SER C 253 -24.76 5.34 23.68
CA SER C 253 -25.48 5.85 22.53
C SER C 253 -25.05 5.10 21.27
N SER C 254 -25.41 5.65 20.12
CA SER C 254 -25.09 5.04 18.83
C SER C 254 -23.63 4.61 18.77
N LEU C 255 -23.40 3.43 18.19
CA LEU C 255 -22.11 2.75 18.26
C LEU C 255 -21.18 3.42 17.26
N LYS C 256 -20.46 4.43 17.76
CA LYS C 256 -19.66 5.25 16.84
C LYS C 256 -18.17 4.97 16.88
N GLU C 257 -17.54 5.08 15.73
CA GLU C 257 -16.09 5.08 15.68
C GLU C 257 -15.57 6.24 16.51
N VAL C 258 -14.45 6.03 17.20
CA VAL C 258 -13.90 7.05 18.09
C VAL C 258 -12.41 7.19 17.80
N THR C 259 -11.94 8.44 17.83
CA THR C 259 -10.52 8.79 17.84
C THR C 259 -10.30 9.73 19.02
N MET C 260 -9.20 9.50 19.74
CA MET C 260 -8.89 10.32 20.94
C MET C 260 -7.40 10.72 21.01
N GLU C 261 -7.13 12.01 21.18
CA GLU C 261 -5.79 12.53 21.40
C GLU C 261 -5.78 13.16 22.78
N LEU C 262 -5.33 12.43 23.79
CA LEU C 262 -5.35 12.92 25.16
C LEU C 262 -3.96 13.39 25.57
N GLY C 263 -3.79 13.68 26.86
CA GLY C 263 -2.54 14.20 27.36
C GLY C 263 -1.45 13.15 27.47
N GLY C 264 -0.31 13.60 27.99
CA GLY C 264 0.82 12.72 28.23
C GLY C 264 1.69 13.20 29.37
N LYS C 265 2.68 12.37 29.71
CA LYS C 265 3.74 12.71 30.64
C LYS C 265 5.04 12.20 30.00
N SER C 266 5.35 12.76 28.84
CA SER C 266 6.31 12.14 27.93
C SER C 266 7.74 12.29 28.47
N PRO C 267 8.56 11.25 28.36
CA PRO C 267 9.95 11.34 28.83
C PRO C 267 10.95 11.78 27.77
N LEU C 268 11.88 12.62 28.20
CA LEU C 268 13.05 13.01 27.43
C LEU C 268 14.27 12.37 28.10
N ILE C 269 14.89 11.42 27.42
CA ILE C 269 16.02 10.67 27.97
C ILE C 269 17.31 11.28 27.42
N ILE C 270 18.03 11.99 28.28
N ILE C 270 18.02 12.00 28.28
CA ILE C 270 19.33 12.53 27.93
CA ILE C 270 19.34 12.53 27.96
C ILE C 270 20.38 11.46 28.25
C ILE C 270 20.35 11.43 28.25
N ALA C 271 21.15 11.08 27.24
CA ALA C 271 22.15 10.03 27.39
C ALA C 271 23.48 10.60 27.87
N GLU C 272 24.31 9.71 28.43
CA GLU C 272 25.62 10.15 28.93
C GLU C 272 26.53 10.68 27.83
N ASP C 273 26.30 10.36 26.56
CA ASP C 273 27.17 10.88 25.52
C ASP C 273 26.55 12.08 24.81
N ALA C 274 25.48 12.63 25.37
CA ALA C 274 24.78 13.77 24.80
C ALA C 274 25.53 15.07 25.06
N ASN C 275 25.57 15.94 24.06
CA ASN C 275 25.93 17.33 24.30
C ASN C 275 24.89 17.97 25.22
N LEU C 276 25.33 18.52 26.36
CA LEU C 276 24.35 19.00 27.31
C LEU C 276 23.74 20.34 26.88
N ASP C 277 24.43 21.08 26.00
CA ASP C 277 23.83 22.28 25.43
C ASP C 277 22.68 21.92 24.50
N LEU C 278 22.89 20.92 23.65
CA LEU C 278 21.79 20.43 22.80
C LEU C 278 20.67 19.89 23.67
N ALA C 279 21.01 19.12 24.70
CA ALA C 279 20.01 18.53 25.57
C ALA C 279 19.19 19.59 26.28
N ALA C 280 19.86 20.64 26.77
CA ALA C 280 19.13 21.72 27.44
C ALA C 280 18.20 22.44 26.46
N ASP C 281 18.67 22.67 25.23
CA ASP C 281 17.82 23.33 24.25
C ASP C 281 16.60 22.48 23.91
N ILE C 282 16.79 21.17 23.78
CA ILE C 282 15.66 20.28 23.51
C ILE C 282 14.70 20.26 24.70
N ALA C 283 15.25 20.17 25.92
CA ALA C 283 14.41 20.17 27.12
C ALA C 283 13.61 21.46 27.22
N MET C 284 14.22 22.60 26.93
CA MET C 284 13.50 23.87 26.96
C MET C 284 12.34 23.87 25.98
N MET C 285 12.59 23.49 24.73
CA MET C 285 11.52 23.49 23.74
C MET C 285 10.44 22.46 24.07
N ALA C 286 10.81 21.40 24.78
CA ALA C 286 9.84 20.37 25.15
C ALA C 286 9.02 20.72 26.38
N ASN C 287 9.31 21.83 27.05
CA ASN C 287 8.61 22.12 28.30
C ASN C 287 7.94 23.50 28.33
N PHE C 288 8.48 24.47 27.60
CA PHE C 288 8.09 25.85 27.79
C PHE C 288 7.55 26.53 26.53
N TYR C 289 7.50 25.84 25.40
CA TYR C 289 6.77 26.38 24.26
C TYR C 289 5.28 26.45 24.64
N SER C 290 4.62 27.50 24.17
CA SER C 290 3.20 27.70 24.48
C SER C 290 2.97 27.63 25.99
N SER C 291 3.95 28.09 26.78
CA SER C 291 3.90 28.10 28.24
C SER C 291 3.62 26.71 28.82
N GLY C 292 4.13 25.67 28.16
CA GLY C 292 4.06 24.29 28.61
C GLY C 292 2.73 23.61 28.47
N GLN C 293 1.79 24.29 27.79
CA GLN C 293 0.41 23.79 27.54
C GLN C 293 0.37 23.02 26.21
N VAL C 294 1.10 21.92 26.12
CA VAL C 294 1.24 21.14 24.90
C VAL C 294 1.27 19.67 25.30
N CYS C 295 0.35 18.88 24.73
CA CYS C 295 0.21 17.49 25.15
C CYS C 295 1.50 16.68 24.96
N THR C 296 2.30 17.01 23.96
CA THR C 296 3.49 16.24 23.62
C THR C 296 4.72 16.62 24.45
N ASN C 297 4.56 17.50 25.43
CA ASN C 297 5.72 18.06 26.12
C ASN C 297 6.48 17.01 26.92
N GLY C 298 7.81 17.15 26.91
CA GLY C 298 8.69 16.26 27.63
C GLY C 298 8.89 16.72 29.06
N THR C 299 7.87 16.48 29.89
CA THR C 299 7.82 17.03 31.24
C THR C 299 8.58 16.18 32.26
N ARG C 300 9.07 15.01 31.88
CA ARG C 300 9.97 14.23 32.69
C ARG C 300 11.32 14.17 31.97
N VAL C 301 12.29 14.90 32.48
CA VAL C 301 13.61 14.99 31.85
C VAL C 301 14.55 14.11 32.65
N PHE C 302 15.00 13.02 32.03
CA PHE C 302 15.88 12.06 32.66
C PHE C 302 17.31 12.44 32.30
N VAL C 303 18.14 12.68 33.31
CA VAL C 303 19.51 13.11 33.08
C VAL C 303 20.43 12.18 33.86
N PRO C 304 21.56 11.77 33.28
CA PRO C 304 22.49 10.92 34.05
C PRO C 304 22.94 11.63 35.31
N ALA C 305 23.12 10.86 36.38
CA ALA C 305 23.52 11.46 37.66
C ALA C 305 24.79 12.27 37.47
N LYS C 306 25.74 11.71 36.72
CA LYS C 306 27.04 12.34 36.51
C LYS C 306 26.96 13.66 35.77
N PHE C 307 25.83 13.96 35.12
CA PHE C 307 25.70 15.22 34.38
C PHE C 307 24.66 16.16 34.99
N LYS C 308 23.99 15.75 36.07
CA LYS C 308 22.80 16.48 36.53
C LYS C 308 23.12 17.91 36.92
N ALA C 309 24.20 18.13 37.67
CA ALA C 309 24.49 19.48 38.13
C ALA C 309 24.79 20.40 36.95
N GLU C 310 25.63 19.95 36.01
CA GLU C 310 25.92 20.75 34.83
C GLU C 310 24.66 21.01 34.01
N PHE C 311 23.82 19.99 33.84
CA PHE C 311 22.58 20.17 33.09
C PHE C 311 21.68 21.21 33.76
N GLU C 312 21.55 21.11 35.08
CA GLU C 312 20.76 22.10 35.82
C GLU C 312 21.26 23.51 35.54
N HIS C 313 22.58 23.69 35.50
CA HIS C 313 23.14 25.00 35.21
C HIS C 313 22.75 25.48 33.82
N LYS C 314 22.86 24.59 32.82
CA LYS C 314 22.51 24.97 31.45
C LYS C 314 21.04 25.29 31.35
N ILE C 315 20.18 24.54 32.06
CA ILE C 315 18.75 24.84 32.06
C ILE C 315 18.54 26.23 32.64
N LEU C 316 19.22 26.53 33.73
CA LEU C 316 19.06 27.82 34.40
C LEU C 316 19.40 28.92 33.40
N GLU C 317 20.46 28.71 32.61
CA GLU C 317 20.83 29.69 31.58
C GLU C 317 19.71 29.90 30.56
N ARG C 318 19.06 28.82 30.10
CA ARG C 318 18.02 28.99 29.10
C ARG C 318 16.75 29.60 29.66
N VAL C 319 16.43 29.30 30.92
CA VAL C 319 15.30 29.98 31.54
C VAL C 319 15.57 31.47 31.65
N GLY C 320 16.83 31.85 31.92
CA GLY C 320 17.16 33.28 31.96
C GLY C 320 16.91 34.03 30.67
N ARG C 321 17.00 33.36 29.52
CA ARG C 321 16.79 34.02 28.23
C ARG C 321 15.33 34.13 27.87
N ILE C 322 14.45 33.41 28.56
CA ILE C 322 13.03 33.48 28.25
C ILE C 322 12.56 34.92 28.42
N ARG C 323 11.78 35.40 27.45
CA ARG C 323 11.38 36.80 27.34
C ARG C 323 9.86 36.82 27.37
N ALA C 324 9.28 37.03 28.55
CA ALA C 324 7.87 37.28 28.74
C ALA C 324 7.52 38.76 28.59
N GLY C 325 6.30 39.02 28.16
CA GLY C 325 5.85 40.39 27.96
C GLY C 325 4.66 40.44 27.01
N ASP C 326 4.50 41.62 26.40
CA ASP C 326 3.43 41.87 25.45
C ASP C 326 3.43 40.77 24.40
N LEU C 327 2.28 40.11 24.24
CA LEU C 327 2.19 38.95 23.35
C LEU C 327 2.34 39.30 21.88
N PHE C 328 2.19 40.56 21.49
CA PHE C 328 2.39 40.95 20.10
C PHE C 328 3.79 41.48 19.82
N ALA C 329 4.68 41.51 20.79
CA ALA C 329 6.06 41.91 20.53
C ALA C 329 6.83 40.76 19.89
N ASP C 330 7.76 41.12 19.00
CA ASP C 330 8.52 40.12 18.27
C ASP C 330 9.42 39.31 19.19
N ASP C 331 10.01 39.94 20.20
CA ASP C 331 10.97 39.26 21.06
C ASP C 331 10.31 38.40 22.13
N THR C 332 9.00 38.58 22.36
CA THR C 332 8.32 37.81 23.38
C THR C 332 8.22 36.36 22.93
N ASN C 333 8.59 35.43 23.82
CA ASN C 333 8.54 34.00 23.50
C ASN C 333 7.91 33.19 24.63
N PHE C 334 7.19 33.85 25.54
CA PHE C 334 6.52 33.17 26.63
C PHE C 334 5.25 33.94 26.94
N GLY C 335 4.14 33.23 27.11
CA GLY C 335 2.88 33.85 27.37
C GLY C 335 2.20 33.35 28.64
N PRO C 336 1.05 33.94 28.96
CA PRO C 336 0.26 33.45 30.10
C PRO C 336 -0.43 32.14 29.74
N LEU C 337 -0.95 31.49 30.77
CA LEU C 337 -1.79 30.32 30.57
C LEU C 337 -3.14 30.75 29.99
N VAL C 338 -3.90 29.76 29.50
CA VAL C 338 -5.08 30.05 28.70
C VAL C 338 -6.19 30.67 29.52
N SER C 339 -6.18 30.45 30.84
CA SER C 339 -7.23 30.96 31.70
C SER C 339 -6.70 31.01 33.11
N PHE C 340 -7.44 31.71 33.97
CA PHE C 340 -7.04 31.88 35.36
C PHE C 340 -7.36 30.62 36.16
N PRO C 341 -8.49 29.96 35.90
CA PRO C 341 -8.71 28.64 36.54
C PRO C 341 -7.65 27.61 36.21
N HIS C 342 -7.10 27.63 34.99
CA HIS C 342 -6.04 26.69 34.66
C HIS C 342 -4.76 27.03 35.40
N ARG C 343 -4.47 28.33 35.58
CA ARG C 343 -3.32 28.72 36.38
C ARG C 343 -3.44 28.22 37.81
N GLN C 344 -4.64 28.28 38.38
CA GLN C 344 -4.84 27.82 39.75
C GLN C 344 -4.51 26.34 39.87
N ASN C 345 -4.91 25.56 38.87
CA ASN C 345 -4.58 24.13 38.86
C ASN C 345 -3.06 23.93 38.78
N VAL C 346 -2.39 24.72 37.95
CA VAL C 346 -0.94 24.57 37.80
C VAL C 346 -0.23 24.95 39.09
N LEU C 347 -0.74 25.96 39.79
CA LEU C 347 -0.15 26.36 41.07
C LEU C 347 -0.28 25.27 42.11
N ARG C 348 -1.42 24.55 42.12
CA ARG C 348 -1.60 23.47 43.06
C ARG C 348 -0.63 22.32 42.79
N TYR C 349 -0.27 22.10 41.53
CA TYR C 349 0.77 21.12 41.22
C TYR C 349 2.12 21.59 41.74
N ILE C 350 2.40 22.89 41.58
CA ILE C 350 3.67 23.45 42.04
C ILE C 350 3.79 23.30 43.55
N GLU C 351 2.69 23.56 44.27
CA GLU C 351 2.73 23.40 45.72
C GLU C 351 2.88 21.94 46.11
N SER C 352 2.33 21.02 45.32
CA SER C 352 2.52 19.61 45.60
C SER C 352 3.99 19.22 45.41
N GLY C 353 4.67 19.85 44.45
CA GLY C 353 6.08 19.58 44.26
C GLY C 353 6.93 20.05 45.44
N LYS C 354 6.63 21.24 45.96
CA LYS C 354 7.34 21.71 47.14
C LYS C 354 7.04 20.82 48.36
N SER C 355 5.79 20.41 48.52
CA SER C 355 5.41 19.67 49.73
C SER C 355 5.91 18.23 49.72
N GLU C 356 6.21 17.66 48.57
CA GLU C 356 6.82 16.34 48.48
C GLU C 356 8.34 16.41 48.41
N GLY C 357 8.92 17.59 48.46
CA GLY C 357 10.35 17.74 48.60
C GLY C 357 11.15 17.88 47.33
N ALA C 358 10.49 18.01 46.18
CA ALA C 358 11.21 18.37 44.97
C ALA C 358 11.94 19.69 45.20
N ARG C 359 13.16 19.78 44.68
CA ARG C 359 13.96 21.02 44.82
C ARG C 359 13.54 22.02 43.74
N LEU C 360 13.09 23.20 44.15
CA LEU C 360 12.75 24.23 43.17
C LEU C 360 14.01 24.90 42.63
N LEU C 361 14.28 24.71 41.34
CA LEU C 361 15.45 25.34 40.71
C LEU C 361 15.17 26.76 40.25
N CYS C 362 13.99 27.01 39.68
CA CYS C 362 13.61 28.37 39.33
C CYS C 362 12.11 28.45 39.18
N GLY C 363 11.60 29.68 39.14
CA GLY C 363 10.18 29.88 38.98
C GLY C 363 9.43 29.48 40.23
N GLY C 364 8.24 28.93 40.03
CA GLY C 364 7.43 28.46 41.13
C GLY C 364 6.41 29.46 41.64
N ASP C 365 6.19 30.55 40.91
CA ASP C 365 5.32 31.62 41.39
C ASP C 365 4.67 32.28 40.17
N VAL C 366 3.63 33.08 40.44
CA VAL C 366 3.07 33.88 39.36
C VAL C 366 4.05 35.01 39.01
N LEU C 367 3.89 35.57 37.82
CA LEU C 367 4.62 36.78 37.46
C LEU C 367 3.86 38.04 37.86
N LYS C 368 4.59 39.03 38.35
CA LYS C 368 4.04 40.28 38.86
C LYS C 368 4.71 41.48 38.21
N GLY C 369 3.99 42.59 38.25
CA GLY C 369 4.39 43.88 37.77
C GLY C 369 3.42 44.37 36.70
N GLU C 370 3.65 45.59 36.24
CA GLU C 370 2.80 46.13 35.18
C GLU C 370 2.77 45.22 33.97
N GLY C 371 1.57 44.95 33.49
CA GLY C 371 1.39 44.10 32.32
C GLY C 371 1.48 42.62 32.59
N PHE C 372 1.61 42.21 33.86
CA PHE C 372 1.62 40.81 34.23
C PHE C 372 0.59 40.56 35.32
N ASP C 373 0.35 41.56 36.16
CA ASP C 373 -0.52 41.35 37.31
C ASP C 373 -1.96 41.06 36.88
N ASN C 374 -2.29 41.37 35.63
CA ASN C 374 -3.61 41.13 35.07
C ASN C 374 -3.67 39.89 34.18
N GLY C 375 -2.57 39.18 34.00
CA GLY C 375 -2.55 38.02 33.14
C GLY C 375 -2.36 36.74 33.92
N ALA C 376 -2.76 35.60 33.34
CA ALA C 376 -2.64 34.31 34.01
C ALA C 376 -1.22 33.76 33.85
N TRP C 377 -0.25 34.55 34.31
CA TRP C 377 1.15 34.23 34.12
C TRP C 377 1.65 33.32 35.24
N VAL C 378 2.42 32.31 34.84
CA VAL C 378 3.24 31.53 35.75
C VAL C 378 4.68 31.60 35.27
N ALA C 379 5.61 31.77 36.20
CA ALA C 379 7.01 31.80 35.83
C ALA C 379 7.44 30.44 35.31
N PRO C 380 8.36 30.40 34.33
CA PRO C 380 8.94 29.11 33.95
C PRO C 380 9.53 28.45 35.19
N THR C 381 9.12 27.21 35.43
CA THR C 381 9.40 26.53 36.69
C THR C 381 10.10 25.22 36.39
N VAL C 382 11.16 24.94 37.14
CA VAL C 382 11.91 23.70 37.02
C VAL C 382 12.04 23.09 38.41
N PHE C 383 11.60 21.85 38.56
CA PHE C 383 11.86 21.07 39.76
C PHE C 383 12.96 20.06 39.41
N THR C 384 13.85 19.82 40.36
CA THR C 384 14.86 18.79 40.22
C THR C 384 14.87 17.94 41.49
N ASP C 385 15.76 16.96 41.52
CA ASP C 385 15.76 15.94 42.57
C ASP C 385 14.41 15.24 42.63
N CYS C 386 13.77 15.07 41.46
CA CYS C 386 12.42 14.55 41.38
C CYS C 386 12.45 13.03 41.38
N THR C 387 11.35 12.43 41.85
CA THR C 387 11.26 10.99 41.95
C THR C 387 9.96 10.51 41.31
N ASP C 388 9.94 9.23 40.96
CA ASP C 388 8.89 8.72 40.08
C ASP C 388 7.52 8.79 40.74
N ASP C 389 7.48 8.68 42.07
CA ASP C 389 6.22 8.64 42.80
CA ASP C 389 6.21 8.63 42.78
C ASP C 389 5.62 10.02 43.06
N MET C 390 6.36 11.09 42.78
CA MET C 390 5.81 12.41 43.05
C MET C 390 4.61 12.70 42.16
N THR C 391 3.70 13.51 42.69
CA THR C 391 2.51 13.92 41.93
C THR C 391 2.91 14.70 40.68
N ILE C 392 3.87 15.63 40.81
CA ILE C 392 4.24 16.44 39.66
C ILE C 392 4.94 15.61 38.58
N VAL C 393 5.44 14.43 38.92
CA VAL C 393 6.07 13.56 37.94
C VAL C 393 5.06 12.58 37.36
N ARG C 394 4.03 12.24 38.12
CA ARG C 394 3.05 11.24 37.74
C ARG C 394 1.89 11.80 36.93
N GLU C 395 1.54 13.06 37.13
CA GLU C 395 0.33 13.63 36.54
C GLU C 395 0.70 14.73 35.56
N GLU C 396 -0.12 14.86 34.52
CA GLU C 396 0.10 15.92 33.55
C GLU C 396 -0.32 17.25 34.15
N ILE C 397 0.58 18.23 34.09
CA ILE C 397 0.30 19.55 34.65
C ILE C 397 -0.23 20.50 33.59
N PHE C 398 0.32 20.42 32.38
CA PHE C 398 -0.12 21.28 31.27
C PHE C 398 0.20 22.74 31.57
N GLY C 399 1.35 22.94 32.23
CA GLY C 399 1.85 24.26 32.53
C GLY C 399 3.35 24.29 32.38
N PRO C 400 3.95 25.43 32.63
CA PRO C 400 5.42 25.58 32.44
C PRO C 400 6.22 25.02 33.62
N VAL C 401 6.15 23.70 33.79
CA VAL C 401 6.78 23.03 34.93
C VAL C 401 7.57 21.84 34.41
N MET C 402 8.90 21.95 34.45
CA MET C 402 9.80 20.87 34.04
C MET C 402 10.23 20.11 35.29
N SER C 403 10.25 18.79 35.20
CA SER C 403 10.75 17.93 36.26
C SER C 403 12.00 17.20 35.78
N ILE C 404 13.08 17.30 36.55
CA ILE C 404 14.35 16.67 36.20
C ILE C 404 14.58 15.50 37.14
N LEU C 405 14.81 14.33 36.55
CA LEU C 405 14.99 13.08 37.28
C LEU C 405 16.33 12.46 36.94
N SER C 406 17.08 12.05 37.96
CA SER C 406 18.37 11.42 37.76
C SER C 406 18.23 9.93 37.53
N TYR C 407 19.08 9.38 36.67
CA TYR C 407 19.13 7.95 36.43
C TYR C 407 20.58 7.51 36.30
N ASP C 408 20.80 6.21 36.47
CA ASP C 408 22.12 5.62 36.46
C ASP C 408 22.44 4.82 35.20
N ASP C 409 21.49 4.05 34.68
CA ASP C 409 21.79 3.15 33.57
C ASP C 409 20.59 3.03 32.64
N GLU C 410 20.86 2.52 31.44
CA GLU C 410 19.88 2.55 30.35
C GLU C 410 18.66 1.71 30.67
N ALA C 411 18.87 0.48 31.16
CA ALA C 411 17.72 -0.36 31.48
C ALA C 411 16.78 0.33 32.46
N GLU C 412 17.34 0.99 33.47
CA GLU C 412 16.52 1.67 34.46
C GLU C 412 15.69 2.78 33.82
N VAL C 413 16.32 3.61 32.99
CA VAL C 413 15.61 4.76 32.44
C VAL C 413 14.51 4.31 31.48
N ILE C 414 14.71 3.19 30.78
CA ILE C 414 13.67 2.67 29.91
C ILE C 414 12.46 2.20 30.74
N ARG C 415 12.73 1.48 31.84
CA ARG C 415 11.64 1.01 32.68
C ARG C 415 10.87 2.19 33.27
N ARG C 416 11.58 3.18 33.79
CA ARG C 416 10.92 4.31 34.44
C ARG C 416 10.19 5.19 33.43
N ALA C 417 10.81 5.41 32.26
CA ALA C 417 10.12 6.13 31.19
C ALA C 417 8.80 5.46 30.84
N ASN C 418 8.81 4.13 30.75
CA ASN C 418 7.63 3.37 30.35
C ASN C 418 6.63 3.14 31.49
N ALA C 419 7.00 3.44 32.73
CA ALA C 419 6.17 3.07 33.88
C ALA C 419 5.17 4.18 34.15
N THR C 420 4.14 4.23 33.30
CA THR C 420 3.14 5.27 33.32
C THR C 420 1.95 4.79 32.50
N GLU C 421 0.76 5.32 32.81
CA GLU C 421 -0.40 5.03 31.98
C GLU C 421 -0.42 5.87 30.71
N TYR C 422 0.36 6.96 30.67
CA TYR C 422 0.46 7.79 29.49
C TYR C 422 1.38 7.14 28.46
N GLY C 423 1.21 7.55 27.20
CA GLY C 423 1.93 6.93 26.11
C GLY C 423 2.10 7.79 24.88
N LEU C 424 2.06 9.12 25.04
CA LEU C 424 1.93 9.98 23.86
C LEU C 424 3.25 10.13 23.13
N ALA C 425 4.26 10.72 23.77
CA ALA C 425 5.50 11.07 23.10
C ALA C 425 6.70 10.58 23.92
N ALA C 426 7.87 10.65 23.29
CA ALA C 426 9.13 10.34 23.97
C ALA C 426 10.27 10.88 23.13
N GLY C 427 11.45 10.99 23.73
CA GLY C 427 12.62 11.40 23.00
C GLY C 427 13.91 10.97 23.66
N VAL C 428 14.98 10.93 22.87
CA VAL C 428 16.31 10.58 23.33
C VAL C 428 17.31 11.55 22.71
N VAL C 429 18.30 11.95 23.49
CA VAL C 429 19.41 12.78 23.01
C VAL C 429 20.68 11.93 23.09
N THR C 430 21.25 11.60 21.93
CA THR C 430 22.45 10.78 21.88
C THR C 430 23.06 10.83 20.49
N PRO C 431 24.38 10.92 20.35
CA PRO C 431 25.00 10.84 19.02
C PRO C 431 25.24 9.42 18.55
N ASP C 432 24.93 8.42 19.38
CA ASP C 432 25.25 7.03 19.10
C ASP C 432 24.13 6.41 18.29
N LEU C 433 24.48 5.81 17.15
CA LEU C 433 23.49 5.17 16.28
C LEU C 433 22.72 4.09 17.04
N ASN C 434 23.44 3.16 17.66
CA ASN C 434 22.79 2.03 18.33
C ASN C 434 21.95 2.50 19.50
N ARG C 435 22.47 3.43 20.31
CA ARG C 435 21.72 3.86 21.49
C ARG C 435 20.41 4.54 21.09
N ALA C 436 20.43 5.36 20.05
CA ALA C 436 19.23 6.12 19.68
C ALA C 436 18.10 5.18 19.28
N HIS C 437 18.36 4.27 18.35
CA HIS C 437 17.31 3.37 17.89
C HIS C 437 16.96 2.35 18.96
N ARG C 438 17.97 1.81 19.64
CA ARG C 438 17.72 0.77 20.64
C ARG C 438 16.79 1.28 21.75
N ILE C 439 17.02 2.49 22.23
CA ILE C 439 16.16 3.04 23.27
C ILE C 439 14.76 3.32 22.71
N ILE C 440 14.70 4.01 21.57
CA ILE C 440 13.41 4.43 21.04
C ILE C 440 12.52 3.22 20.76
N HIS C 441 13.13 2.12 20.28
CA HIS C 441 12.33 0.95 19.94
C HIS C 441 11.71 0.30 21.18
N GLN C 442 12.24 0.58 22.37
CA GLN C 442 11.72 0.00 23.61
C GLN C 442 10.79 0.93 24.37
N LEU C 443 10.61 2.17 23.89
CA LEU C 443 9.76 3.13 24.59
C LEU C 443 8.32 2.95 24.13
N GLU C 444 7.38 3.10 25.08
CA GLU C 444 5.96 2.90 24.82
C GLU C 444 5.33 4.26 24.56
N ALA C 445 5.52 4.74 23.33
CA ALA C 445 4.99 6.04 22.94
C ALA C 445 4.82 6.06 21.42
N GLY C 446 3.82 6.80 20.96
CA GLY C 446 3.49 6.84 19.56
C GLY C 446 4.28 7.85 18.76
N ILE C 447 4.90 8.81 19.46
CA ILE C 447 5.61 9.93 18.84
C ILE C 447 6.99 9.99 19.47
N CYS C 448 8.03 9.76 18.68
CA CYS C 448 9.38 9.65 19.20
C CYS C 448 10.32 10.54 18.41
N TRP C 449 11.05 11.40 19.12
CA TRP C 449 12.01 12.33 18.54
C TRP C 449 13.41 11.93 18.97
N ILE C 450 14.32 11.85 18.00
CA ILE C 450 15.73 11.62 18.26
C ILE C 450 16.48 12.93 18.00
N ASN C 451 17.10 13.45 19.07
CA ASN C 451 17.88 14.68 19.00
C ASN C 451 17.05 15.86 18.51
N SER C 452 15.80 15.93 18.95
CA SER C 452 14.91 17.03 18.62
CA SER C 452 14.91 17.03 18.63
C SER C 452 13.65 16.88 19.47
N TRP C 453 12.69 17.77 19.23
CA TRP C 453 11.39 17.69 19.89
C TRP C 453 10.39 18.56 19.14
N GLY C 454 9.16 18.07 19.05
CA GLY C 454 8.02 18.90 18.75
C GLY C 454 7.59 18.95 17.30
N GLU C 455 8.44 18.54 16.37
CA GLU C 455 8.09 18.65 14.96
C GLU C 455 7.10 17.54 14.60
N SER C 456 6.01 17.92 13.94
CA SER C 456 4.90 17.02 13.64
C SER C 456 4.50 17.17 12.17
N PRO C 457 5.30 16.63 11.25
CA PRO C 457 5.00 16.79 9.83
C PRO C 457 3.65 16.20 9.45
N ALA C 458 3.03 16.79 8.43
CA ALA C 458 1.74 16.29 7.96
C ALA C 458 1.82 14.82 7.55
N GLU C 459 2.98 14.39 7.06
CA GLU C 459 3.16 13.00 6.61
C GLU C 459 3.25 12.01 7.76
N MET C 460 3.42 12.48 9.00
CA MET C 460 3.81 11.61 10.10
C MET C 460 2.61 11.33 10.99
N PRO C 461 2.12 10.08 11.06
CA PRO C 461 1.02 9.79 11.98
C PRO C 461 1.43 10.05 13.42
N VAL C 462 0.52 10.66 14.18
CA VAL C 462 0.76 11.01 15.57
C VAL C 462 -0.43 10.60 16.43
N GLY C 463 -0.12 10.06 17.61
CA GLY C 463 -1.13 9.72 18.59
C GLY C 463 -0.50 8.90 19.69
N GLY C 464 -1.34 8.53 20.66
CA GLY C 464 -0.85 7.99 21.91
C GLY C 464 -1.00 6.48 22.06
N TYR C 465 -0.06 5.90 22.79
CA TYR C 465 -0.20 4.59 23.40
C TYR C 465 -1.04 4.67 24.67
N LYS C 466 -1.49 3.50 25.14
CA LYS C 466 -2.08 3.32 26.47
C LYS C 466 -3.16 4.39 26.67
N HIS C 467 -3.14 5.14 27.78
CA HIS C 467 -4.23 6.05 28.09
C HIS C 467 -4.11 7.39 27.39
N SER C 468 -3.07 7.59 26.58
CA SER C 468 -2.89 8.87 25.91
C SER C 468 -3.67 9.01 24.62
N GLY C 469 -4.33 7.97 24.13
CA GLY C 469 -5.27 8.18 23.05
C GLY C 469 -5.69 6.90 22.36
N ILE C 470 -6.61 7.08 21.41
N ILE C 470 -6.61 7.07 21.42
CA ILE C 470 -7.09 6.02 20.53
CA ILE C 470 -7.06 5.99 20.52
C ILE C 470 -6.93 6.54 19.10
C ILE C 470 -6.93 6.51 19.10
N GLY C 471 -6.28 5.75 18.24
CA GLY C 471 -6.13 6.14 16.85
C GLY C 471 -4.99 7.13 16.65
N ARG C 472 -4.96 7.69 15.44
CA ARG C 472 -3.88 8.57 15.04
C ARG C 472 -4.45 9.75 14.27
N GLU C 473 -3.65 10.81 14.16
CA GLU C 473 -3.91 11.92 13.26
C GLU C 473 -2.74 12.14 12.31
N ASN C 474 -3.05 12.76 11.17
CA ASN C 474 -2.07 13.05 10.12
C ASN C 474 -1.59 11.76 9.47
N GLY C 475 -0.77 11.87 8.44
CA GLY C 475 -0.37 10.71 7.66
C GLY C 475 -1.45 10.18 6.74
N VAL C 476 -1.07 9.29 5.82
CA VAL C 476 -2.03 8.72 4.89
CA VAL C 476 -2.05 8.75 4.89
C VAL C 476 -3.05 7.88 5.63
N MET C 477 -2.62 7.19 6.69
CA MET C 477 -3.53 6.28 7.38
C MET C 477 -4.75 7.00 7.95
N THR C 478 -4.60 8.27 8.31
CA THR C 478 -5.72 8.99 8.91
C THR C 478 -6.77 9.37 7.87
N LEU C 479 -6.36 9.61 6.62
CA LEU C 479 -7.34 9.77 5.55
C LEU C 479 -8.19 8.52 5.42
N GLN C 480 -7.57 7.35 5.49
CA GLN C 480 -8.30 6.10 5.36
C GLN C 480 -9.18 5.84 6.57
N SER C 481 -8.76 6.31 7.75
CA SER C 481 -9.54 6.10 8.96
C SER C 481 -10.81 6.96 9.00
N TYR C 482 -10.92 7.95 8.12
CA TYR C 482 -12.18 8.68 7.93
C TYR C 482 -13.01 8.12 6.79
N THR C 483 -12.67 6.94 6.28
CA THR C 483 -13.53 6.18 5.39
C THR C 483 -13.91 4.87 6.08
N GLN C 484 -14.94 4.23 5.56
CA GLN C 484 -15.30 2.88 5.97
C GLN C 484 -15.28 1.96 4.76
N VAL C 485 -14.84 0.73 4.99
CA VAL C 485 -14.62 -0.22 3.91
C VAL C 485 -15.91 -0.97 3.61
N LYS C 486 -16.31 -0.99 2.35
CA LYS C 486 -17.42 -1.81 1.89
C LYS C 486 -16.81 -2.87 0.99
N SER C 487 -17.00 -4.13 1.34
CA SER C 487 -16.54 -5.26 0.53
C SER C 487 -17.68 -5.76 -0.35
N ILE C 488 -17.40 -5.93 -1.63
CA ILE C 488 -18.40 -6.32 -2.61
C ILE C 488 -17.90 -7.57 -3.33
N GLN C 489 -18.64 -8.66 -3.22
CA GLN C 489 -18.33 -9.89 -3.93
C GLN C 489 -19.23 -10.00 -5.16
N VAL C 490 -18.61 -10.16 -6.33
CA VAL C 490 -19.33 -10.44 -7.57
C VAL C 490 -19.22 -11.93 -7.83
N GLU C 491 -20.36 -12.60 -7.74
CA GLU C 491 -20.41 -14.06 -8.02
C GLU C 491 -20.96 -14.27 -9.43
N MET C 492 -20.11 -14.75 -10.34
CA MET C 492 -20.52 -15.00 -11.71
C MET C 492 -20.79 -16.47 -11.98
N GLY C 493 -20.53 -17.35 -11.01
CA GLY C 493 -20.85 -18.74 -11.13
C GLY C 493 -22.23 -19.06 -10.61
N PRO C 494 -22.71 -20.28 -10.83
CA PRO C 494 -24.02 -20.67 -10.30
C PRO C 494 -24.00 -20.76 -8.79
N PHE C 495 -24.98 -20.12 -8.15
CA PHE C 495 -25.11 -20.18 -6.70
C PHE C 495 -25.71 -21.52 -6.28
N GLN C 496 -25.09 -22.18 -5.32
CA GLN C 496 -25.53 -23.48 -4.83
C GLN C 496 -26.15 -23.32 -3.45
N SER C 497 -27.42 -23.70 -3.32
CA SER C 497 -28.09 -23.76 -2.03
C SER C 497 -28.09 -25.19 -1.52
N ILE C 498 -27.87 -25.37 -0.21
CA ILE C 498 -27.97 -26.69 0.40
C ILE C 498 -29.39 -27.06 0.77
N PHE C 499 -30.36 -26.17 0.57
CA PHE C 499 -31.75 -26.45 0.89
C PHE C 499 -32.52 -26.78 -0.39
N ALA D 14 25.61 -39.13 -14.05
CA ALA D 14 25.09 -39.72 -15.30
C ALA D 14 24.59 -38.61 -16.24
N GLU D 15 24.79 -38.76 -17.55
CA GLU D 15 24.39 -37.70 -18.52
C GLU D 15 23.11 -36.99 -18.04
N GLN D 16 23.25 -35.78 -17.52
CA GLN D 16 22.08 -35.02 -17.00
C GLN D 16 21.28 -34.50 -18.21
N GLN D 17 19.95 -34.60 -18.15
CA GLN D 17 19.11 -34.21 -19.29
C GLN D 17 18.29 -32.94 -19.01
N LEU D 18 17.49 -32.50 -19.97
CA LEU D 18 16.59 -31.39 -19.73
C LEU D 18 15.41 -31.86 -18.89
N TYR D 19 14.73 -30.88 -18.30
CA TYR D 19 13.51 -31.15 -17.49
C TYR D 19 12.40 -30.31 -18.08
N ILE D 20 11.43 -30.94 -18.74
CA ILE D 20 10.32 -30.27 -19.41
C ILE D 20 9.03 -31.00 -19.08
N HIS D 21 8.01 -30.26 -18.65
CA HIS D 21 6.70 -30.81 -18.32
C HIS D 21 6.76 -31.97 -17.32
N GLY D 22 7.52 -31.77 -16.25
CA GLY D 22 7.45 -32.67 -15.12
C GLY D 22 8.18 -33.98 -15.30
N LYS D 23 9.09 -34.05 -16.26
CA LYS D 23 9.93 -35.23 -16.43
C LYS D 23 11.25 -34.82 -17.09
N PHE D 24 12.27 -35.65 -16.87
CA PHE D 24 13.52 -35.48 -17.60
C PHE D 24 13.35 -35.98 -19.03
N VAL D 25 13.86 -35.20 -19.98
CA VAL D 25 13.69 -35.50 -21.40
C VAL D 25 15.03 -35.27 -22.10
N ALA D 26 15.28 -36.08 -23.14
CA ALA D 26 16.48 -35.90 -23.95
C ALA D 26 16.40 -34.61 -24.76
N ALA D 27 17.53 -33.90 -24.81
CA ALA D 27 17.67 -32.76 -25.70
C ALA D 27 17.63 -33.17 -27.16
N THR D 28 17.00 -32.34 -27.99
CA THR D 28 16.98 -32.54 -29.43
C THR D 28 18.04 -31.71 -30.15
N SER D 29 19.11 -31.33 -29.45
CA SER D 29 20.21 -30.60 -30.04
C SER D 29 21.37 -31.48 -30.48
N GLY D 30 21.52 -32.65 -29.89
CA GLY D 30 22.71 -33.47 -30.09
C GLY D 30 23.99 -32.90 -29.51
N LYS D 31 23.90 -31.87 -28.68
CA LYS D 31 25.06 -31.25 -28.07
C LYS D 31 25.09 -31.50 -26.56
N THR D 32 26.29 -31.54 -26.00
CA THR D 32 26.47 -31.70 -24.57
C THR D 32 27.63 -30.85 -24.07
N PHE D 33 27.75 -30.74 -22.76
CA PHE D 33 28.88 -30.06 -22.11
C PHE D 33 29.17 -30.75 -20.79
N GLU D 34 30.33 -30.43 -20.22
CA GLU D 34 30.80 -31.02 -18.97
C GLU D 34 30.91 -29.97 -17.87
N THR D 35 30.66 -30.39 -16.64
CA THR D 35 30.92 -29.58 -15.46
C THR D 35 31.99 -30.21 -14.59
N ILE D 36 32.98 -29.40 -14.20
CA ILE D 36 34.20 -29.86 -13.53
C ILE D 36 34.05 -29.63 -12.03
N ASN D 37 34.52 -30.59 -11.24
CA ASN D 37 34.65 -30.35 -9.81
C ASN D 37 35.89 -29.47 -9.65
N PRO D 38 35.75 -28.22 -9.21
CA PRO D 38 36.90 -27.31 -9.18
C PRO D 38 37.94 -27.70 -8.15
N ALA D 39 37.61 -28.61 -7.23
CA ALA D 39 38.56 -29.07 -6.23
C ALA D 39 39.47 -30.18 -6.74
N THR D 40 39.06 -30.89 -7.80
CA THR D 40 39.83 -32.04 -8.28
C THR D 40 40.20 -31.95 -9.76
N GLY D 41 39.56 -31.08 -10.54
CA GLY D 41 39.75 -31.03 -11.96
C GLY D 41 39.00 -32.10 -12.73
N GLU D 42 38.45 -33.10 -12.04
CA GLU D 42 37.72 -34.17 -12.66
C GLU D 42 36.38 -33.66 -13.20
N VAL D 43 35.83 -34.41 -14.15
CA VAL D 43 34.50 -34.08 -14.64
C VAL D 43 33.49 -34.59 -13.62
N LEU D 44 32.57 -33.72 -13.22
CA LEU D 44 31.51 -34.09 -12.30
C LEU D 44 30.41 -34.84 -13.03
N ALA D 45 30.02 -34.35 -14.21
CA ALA D 45 28.90 -34.93 -14.96
C ALA D 45 28.91 -34.33 -16.35
N THR D 46 28.37 -35.09 -17.29
CA THR D 46 28.07 -34.58 -18.63
C THR D 46 26.62 -34.15 -18.68
N VAL D 47 26.36 -32.98 -19.26
CA VAL D 47 25.04 -32.37 -19.22
C VAL D 47 24.60 -32.07 -20.65
N GLN D 48 23.38 -32.48 -20.98
CA GLN D 48 22.82 -32.16 -22.28
C GLN D 48 22.43 -30.70 -22.36
N ALA D 49 22.55 -30.14 -23.56
CA ALA D 49 22.36 -28.71 -23.81
C ALA D 49 21.09 -28.53 -24.62
N ALA D 50 20.20 -27.65 -24.14
CA ALA D 50 18.93 -27.43 -24.81
C ALA D 50 19.16 -26.63 -26.08
N GLY D 51 18.59 -27.12 -27.19
CA GLY D 51 18.65 -26.43 -28.46
C GLY D 51 17.40 -25.60 -28.75
N ARG D 52 17.32 -25.15 -30.00
CA ARG D 52 16.23 -24.27 -30.42
C ARG D 52 14.88 -24.97 -30.38
N GLU D 53 14.81 -26.23 -30.79
CA GLU D 53 13.56 -26.96 -30.67
C GLU D 53 13.20 -27.20 -29.21
N ASP D 54 14.22 -27.42 -28.36
CA ASP D 54 14.00 -27.62 -26.93
C ASP D 54 13.41 -26.38 -26.26
N VAL D 55 13.85 -25.20 -26.67
CA VAL D 55 13.30 -23.98 -26.08
C VAL D 55 11.83 -23.85 -26.44
N ASP D 56 11.47 -24.11 -27.70
CA ASP D 56 10.06 -24.04 -28.08
C ASP D 56 9.25 -25.08 -27.32
N ARG D 57 9.84 -26.25 -27.07
CA ARG D 57 9.15 -27.27 -26.28
C ARG D 57 8.88 -26.78 -24.86
N ALA D 58 9.90 -26.23 -24.19
CA ALA D 58 9.73 -25.79 -22.81
C ALA D 58 8.68 -24.69 -22.72
N VAL D 59 8.64 -23.81 -23.72
CA VAL D 59 7.70 -22.70 -23.69
C VAL D 59 6.28 -23.20 -23.89
N LYS D 60 6.11 -24.14 -24.81
CA LYS D 60 4.80 -24.68 -25.08
C LYS D 60 4.28 -25.48 -23.89
N SER D 61 5.15 -26.24 -23.24
CA SER D 61 4.80 -26.91 -21.98
C SER D 61 4.42 -25.91 -20.90
N ALA D 62 5.20 -24.83 -20.78
CA ALA D 62 4.97 -23.83 -19.73
C ALA D 62 3.64 -23.12 -19.95
N GLN D 63 3.29 -22.85 -21.21
CA GLN D 63 2.04 -22.17 -21.49
C GLN D 63 0.85 -23.01 -21.02
N GLN D 64 0.90 -24.32 -21.26
CA GLN D 64 -0.17 -25.22 -20.80
C GLN D 64 -0.18 -25.32 -19.28
N GLY D 65 0.99 -25.46 -18.67
CA GLY D 65 1.06 -25.54 -17.22
C GLY D 65 0.64 -24.25 -16.54
N GLN D 66 0.94 -23.09 -17.13
CA GLN D 66 0.66 -21.81 -16.47
C GLN D 66 -0.83 -21.60 -16.23
N LYS D 67 -1.67 -22.01 -17.20
CA LYS D 67 -3.13 -21.89 -17.05
C LYS D 67 -3.64 -22.75 -15.90
N VAL D 68 -3.13 -23.98 -15.77
CA VAL D 68 -3.54 -24.79 -14.63
C VAL D 68 -3.13 -24.10 -13.36
N TRP D 69 -1.88 -23.63 -13.32
CA TRP D 69 -1.36 -22.97 -12.12
C TRP D 69 -2.16 -21.72 -11.79
N ALA D 70 -2.41 -20.87 -12.79
CA ALA D 70 -3.12 -19.62 -12.54
C ALA D 70 -4.58 -19.86 -12.18
N ALA D 71 -5.17 -20.96 -12.65
CA ALA D 71 -6.56 -21.25 -12.34
C ALA D 71 -6.78 -21.70 -10.91
N MET D 72 -5.74 -22.22 -10.24
CA MET D 72 -5.85 -22.59 -8.84
C MET D 72 -6.15 -21.36 -7.98
N SER D 73 -6.57 -21.61 -6.75
CA SER D 73 -6.71 -20.55 -5.77
C SER D 73 -5.34 -20.05 -5.32
N ALA D 74 -5.33 -18.85 -4.75
CA ALA D 74 -4.07 -18.31 -4.22
C ALA D 74 -3.49 -19.21 -3.12
N MET D 75 -4.34 -19.70 -2.22
CA MET D 75 -3.85 -20.55 -1.15
C MET D 75 -3.41 -21.92 -1.65
N ALA D 76 -4.05 -22.43 -2.71
CA ALA D 76 -3.59 -23.67 -3.32
C ALA D 76 -2.17 -23.54 -3.85
N ARG D 77 -1.87 -22.42 -4.52
CA ARG D 77 -0.50 -22.17 -4.95
C ARG D 77 0.43 -22.02 -3.75
N SER D 78 -0.01 -21.33 -2.71
CA SER D 78 0.83 -21.13 -1.53
CA SER D 78 0.83 -21.12 -1.55
C SER D 78 1.20 -22.46 -0.89
N ARG D 79 0.22 -23.35 -0.74
CA ARG D 79 0.50 -24.62 -0.09
C ARG D 79 1.50 -25.45 -0.87
N ILE D 80 1.42 -25.41 -2.20
CA ILE D 80 2.36 -26.17 -3.01
C ILE D 80 3.77 -25.63 -2.83
N LEU D 81 3.91 -24.31 -2.84
CA LEU D 81 5.24 -23.71 -2.67
C LEU D 81 5.79 -23.98 -1.28
N ARG D 82 4.93 -24.00 -0.26
CA ARG D 82 5.41 -24.32 1.08
C ARG D 82 5.82 -25.77 1.20
N LYS D 83 5.18 -26.68 0.45
CA LYS D 83 5.61 -28.07 0.43
C LYS D 83 7.00 -28.19 -0.18
N ALA D 84 7.28 -27.41 -1.22
CA ALA D 84 8.63 -27.40 -1.78
C ALA D 84 9.64 -26.94 -0.75
N VAL D 85 9.28 -25.91 0.03
CA VAL D 85 10.16 -25.44 1.10
C VAL D 85 10.47 -26.58 2.06
N ASP D 86 9.44 -27.32 2.47
CA ASP D 86 9.65 -28.41 3.43
C ASP D 86 10.58 -29.47 2.85
N ILE D 87 10.45 -29.76 1.56
CA ILE D 87 11.36 -30.73 0.94
C ILE D 87 12.77 -30.17 0.92
N LEU D 88 12.92 -28.89 0.60
CA LEU D 88 14.25 -28.28 0.52
C LEU D 88 14.95 -28.32 1.88
N ARG D 89 14.21 -27.99 2.94
CA ARG D 89 14.81 -28.07 4.28
C ARG D 89 15.29 -29.48 4.59
N GLU D 90 14.43 -30.47 4.36
CA GLU D 90 14.78 -31.85 4.66
C GLU D 90 15.98 -32.32 3.86
N ARG D 91 16.14 -31.80 2.64
N ARG D 91 16.15 -31.79 2.64
CA ARG D 91 17.23 -32.18 1.75
CA ARG D 91 17.23 -32.18 1.75
C ARG D 91 18.33 -31.12 1.68
C ARG D 91 18.34 -31.14 1.69
N ASN D 92 18.46 -30.30 2.73
CA ASN D 92 19.48 -29.25 2.72
C ASN D 92 20.87 -29.84 2.55
N ASP D 93 21.20 -30.87 3.33
CA ASP D 93 22.57 -31.39 3.32
C ASP D 93 22.89 -32.08 2.00
N GLU D 94 21.95 -32.87 1.47
CA GLU D 94 22.18 -33.50 0.16
C GLU D 94 22.39 -32.44 -0.92
N LEU D 95 21.50 -31.45 -0.99
CA LEU D 95 21.64 -30.43 -2.02
C LEU D 95 22.91 -29.61 -1.82
N ALA D 96 23.27 -29.33 -0.56
CA ALA D 96 24.46 -28.52 -0.31
C ALA D 96 25.71 -29.22 -0.81
N ARG D 97 25.79 -30.54 -0.62
CA ARG D 97 26.95 -31.30 -1.07
C ARG D 97 27.09 -31.25 -2.58
N LEU D 98 25.98 -31.42 -3.31
CA LEU D 98 26.04 -31.29 -4.77
C LEU D 98 26.50 -29.89 -5.16
N GLU D 99 26.05 -28.87 -4.44
CA GLU D 99 26.48 -27.51 -4.73
C GLU D 99 27.97 -27.35 -4.51
N THR D 100 28.48 -27.94 -3.42
CA THR D 100 29.91 -27.86 -3.14
C THR D 100 30.73 -28.51 -4.25
N LEU D 101 30.29 -29.66 -4.74
CA LEU D 101 31.00 -30.34 -5.81
C LEU D 101 31.02 -29.51 -7.08
N ASP D 102 29.91 -28.83 -7.39
CA ASP D 102 29.78 -28.11 -8.65
C ASP D 102 30.45 -26.75 -8.61
N THR D 103 30.44 -26.07 -7.46
CA THR D 103 30.92 -24.71 -7.34
C THR D 103 32.28 -24.58 -6.68
N GLY D 104 32.65 -25.51 -5.81
CA GLY D 104 33.86 -25.37 -5.02
C GLY D 104 33.69 -24.55 -3.77
N LYS D 105 32.48 -24.13 -3.45
CA LYS D 105 32.22 -23.45 -2.20
C LYS D 105 32.24 -24.46 -1.06
N PRO D 106 32.84 -24.11 0.08
CA PRO D 106 32.87 -25.05 1.20
C PRO D 106 31.46 -25.48 1.59
N LEU D 107 31.35 -26.73 2.03
CA LEU D 107 30.09 -27.22 2.57
C LEU D 107 29.63 -26.35 3.72
N SER D 108 30.56 -25.78 4.49
CA SER D 108 30.18 -24.89 5.58
C SER D 108 29.36 -23.71 5.08
N GLU D 109 29.58 -23.31 3.83
CA GLU D 109 28.74 -22.27 3.22
C GLU D 109 27.46 -22.86 2.64
N THR D 110 27.57 -23.89 1.80
CA THR D 110 26.42 -24.33 1.02
C THR D 110 25.32 -24.88 1.91
N ALA D 111 25.70 -25.57 2.99
CA ALA D 111 24.71 -26.12 3.91
C ALA D 111 24.07 -25.07 4.79
N ALA D 112 24.64 -23.87 4.86
CA ALA D 112 24.17 -22.84 5.77
C ALA D 112 23.53 -21.64 5.08
N VAL D 113 23.83 -21.41 3.79
CA VAL D 113 23.39 -20.21 3.08
C VAL D 113 22.61 -20.57 1.82
N ASP D 114 23.19 -21.38 0.94
CA ASP D 114 22.68 -21.48 -0.43
C ASP D 114 21.24 -21.95 -0.45
N ILE D 115 20.94 -23.06 0.21
CA ILE D 115 19.57 -23.56 0.21
C ILE D 115 18.76 -22.86 1.29
N VAL D 116 19.38 -22.52 2.42
CA VAL D 116 18.67 -21.86 3.50
C VAL D 116 18.04 -20.56 2.99
N THR D 117 18.86 -19.72 2.34
CA THR D 117 18.38 -18.42 1.90
C THR D 117 17.57 -18.51 0.61
N GLY D 118 17.82 -19.54 -0.22
CA GLY D 118 16.91 -19.81 -1.32
C GLY D 118 15.52 -20.15 -0.83
N ALA D 119 15.42 -21.07 0.14
CA ALA D 119 14.12 -21.50 0.64
C ALA D 119 13.42 -20.35 1.36
N ASP D 120 14.18 -19.50 2.06
CA ASP D 120 13.57 -18.39 2.77
C ASP D 120 12.76 -17.50 1.83
N VAL D 121 13.28 -17.28 0.62
CA VAL D 121 12.57 -16.41 -0.32
C VAL D 121 11.35 -17.12 -0.89
N LEU D 122 11.49 -18.42 -1.22
CA LEU D 122 10.32 -19.19 -1.62
C LEU D 122 9.28 -19.20 -0.51
N GLU D 123 9.71 -19.41 0.73
CA GLU D 123 8.79 -19.41 1.86
C GLU D 123 8.12 -18.06 2.00
N TYR D 124 8.90 -16.99 1.86
CA TYR D 124 8.35 -15.63 1.96
C TYR D 124 7.29 -15.38 0.91
N TYR D 125 7.58 -15.71 -0.36
CA TYR D 125 6.63 -15.41 -1.42
C TYR D 125 5.39 -16.30 -1.34
N ALA D 126 5.55 -17.55 -0.90
CA ALA D 126 4.40 -18.43 -0.73
C ALA D 126 3.34 -17.79 0.16
N GLY D 127 3.75 -17.11 1.23
CA GLY D 127 2.80 -16.52 2.14
C GLY D 127 2.14 -15.26 1.60
N LEU D 128 2.78 -14.59 0.64
CA LEU D 128 2.27 -13.33 0.11
C LEU D 128 1.26 -13.51 -1.02
N ILE D 129 1.17 -14.71 -1.60
CA ILE D 129 0.27 -14.90 -2.75
C ILE D 129 -1.14 -14.40 -2.44
N PRO D 130 -1.75 -14.74 -1.30
CA PRO D 130 -3.13 -14.26 -1.05
C PRO D 130 -3.24 -12.75 -0.90
N ALA D 131 -2.13 -12.04 -0.69
CA ALA D 131 -2.17 -10.58 -0.53
C ALA D 131 -1.94 -9.83 -1.83
N LEU D 132 -1.68 -10.54 -2.93
CA LEU D 132 -1.51 -9.90 -4.23
C LEU D 132 -2.87 -9.40 -4.70
N GLU D 133 -3.05 -8.09 -4.70
CA GLU D 133 -4.34 -7.45 -4.91
C GLU D 133 -4.22 -6.35 -5.95
N GLY D 134 -5.28 -6.18 -6.73
CA GLY D 134 -5.45 -4.99 -7.55
C GLY D 134 -6.08 -3.87 -6.78
N SER D 135 -6.56 -2.86 -7.52
CA SER D 135 -7.10 -1.66 -6.92
CA SER D 135 -7.10 -1.66 -6.92
C SER D 135 -8.46 -1.34 -7.52
N GLN D 136 -9.20 -0.46 -6.84
CA GLN D 136 -10.49 0.03 -7.29
C GLN D 136 -10.49 1.55 -7.11
N ILE D 137 -10.84 2.26 -8.17
CA ILE D 137 -10.83 3.72 -8.16
C ILE D 137 -12.20 4.22 -8.60
N PRO D 138 -12.96 4.88 -7.73
CA PRO D 138 -14.19 5.54 -8.21
C PRO D 138 -13.86 6.79 -9.03
N LEU D 139 -14.54 6.93 -10.15
CA LEU D 139 -14.43 8.12 -10.97
C LEU D 139 -15.60 9.06 -10.75
N ARG D 140 -16.80 8.50 -10.64
CA ARG D 140 -18.04 9.24 -10.47
C ARG D 140 -19.10 8.20 -10.11
N ASP D 141 -20.29 8.69 -9.75
CA ASP D 141 -21.35 7.77 -9.34
C ASP D 141 -21.62 6.71 -10.41
N SER D 142 -21.43 7.06 -11.68
CA SER D 142 -21.84 6.18 -12.78
C SER D 142 -20.68 5.45 -13.43
N SER D 143 -19.46 5.59 -12.91
CA SER D 143 -18.32 4.89 -13.48
C SER D 143 -17.27 4.64 -12.41
N PHE D 144 -16.63 3.48 -12.48
CA PHE D 144 -15.47 3.21 -11.63
C PHE D 144 -14.49 2.35 -12.41
N VAL D 145 -13.26 2.29 -11.90
CA VAL D 145 -12.18 1.53 -12.48
C VAL D 145 -11.73 0.50 -11.45
N TYR D 146 -11.40 -0.71 -11.90
CA TYR D 146 -10.69 -1.65 -11.06
C TYR D 146 -9.56 -2.26 -11.87
N THR D 147 -8.53 -2.71 -11.16
CA THR D 147 -7.35 -3.27 -11.78
C THR D 147 -7.16 -4.71 -11.35
N ARG D 148 -6.65 -5.52 -12.26
CA ARG D 148 -6.22 -6.87 -11.96
C ARG D 148 -4.72 -6.95 -12.09
N ARG D 149 -4.06 -7.67 -11.20
CA ARG D 149 -2.63 -7.97 -11.33
C ARG D 149 -2.57 -9.37 -11.93
N GLU D 150 -2.41 -9.44 -13.24
CA GLU D 150 -2.48 -10.67 -13.99
C GLU D 150 -1.09 -11.26 -14.20
N PRO D 151 -0.96 -12.58 -14.27
CA PRO D 151 0.34 -13.16 -14.62
C PRO D 151 0.81 -12.67 -15.98
N LEU D 152 2.13 -12.52 -16.11
CA LEU D 152 2.72 -12.25 -17.42
C LEU D 152 2.57 -13.45 -18.35
N GLY D 153 2.57 -14.67 -17.80
CA GLY D 153 2.49 -15.86 -18.61
C GLY D 153 3.71 -16.74 -18.45
N VAL D 154 4.53 -16.81 -19.50
CA VAL D 154 5.80 -17.53 -19.47
C VAL D 154 6.94 -16.53 -19.32
N VAL D 155 7.78 -16.75 -18.31
CA VAL D 155 8.96 -15.93 -18.08
C VAL D 155 10.18 -16.84 -18.08
N ALA D 156 11.34 -16.25 -18.33
CA ALA D 156 12.60 -16.98 -18.36
C ALA D 156 13.57 -16.38 -17.35
N GLY D 157 14.27 -17.24 -16.64
CA GLY D 157 15.36 -16.82 -15.77
C GLY D 157 16.67 -17.38 -16.28
N ILE D 158 17.71 -16.54 -16.28
CA ILE D 158 19.06 -16.95 -16.65
C ILE D 158 19.94 -16.74 -15.42
N GLY D 159 20.49 -17.83 -14.90
CA GLY D 159 21.20 -17.81 -13.64
C GLY D 159 22.70 -17.65 -13.80
N ALA D 160 23.35 -17.29 -12.71
CA ALA D 160 24.80 -17.19 -12.65
C ALA D 160 25.36 -18.41 -11.93
N TRP D 161 26.69 -18.51 -11.90
CA TRP D 161 27.34 -19.70 -11.40
C TRP D 161 27.78 -19.60 -9.94
N ASN D 162 27.73 -18.41 -9.35
CA ASN D 162 28.26 -18.27 -7.99
C ASN D 162 27.28 -18.81 -6.94
N TYR D 163 25.98 -18.61 -7.13
CA TYR D 163 24.95 -19.12 -6.22
C TYR D 163 23.86 -19.84 -7.01
N PRO D 164 24.17 -21.01 -7.56
CA PRO D 164 23.25 -21.60 -8.57
C PRO D 164 21.84 -21.80 -8.07
N ILE D 165 21.65 -22.52 -6.96
CA ILE D 165 20.30 -22.87 -6.54
C ILE D 165 19.60 -21.69 -5.90
N GLN D 166 20.35 -20.84 -5.18
CA GLN D 166 19.75 -19.65 -4.58
C GLN D 166 19.17 -18.74 -5.65
N ILE D 167 19.92 -18.51 -6.73
CA ILE D 167 19.43 -17.69 -7.83
C ILE D 167 18.20 -18.34 -8.46
N ALA D 168 18.23 -19.66 -8.68
CA ALA D 168 17.06 -20.34 -9.19
C ALA D 168 15.84 -20.13 -8.30
N LEU D 169 16.04 -20.15 -6.98
CA LEU D 169 14.92 -19.94 -6.08
C LEU D 169 14.49 -18.48 -6.03
N TRP D 170 15.45 -17.55 -6.04
CA TRP D 170 15.10 -16.14 -5.96
C TRP D 170 14.37 -15.67 -7.22
N LYS D 171 14.65 -16.29 -8.37
CA LYS D 171 13.94 -15.94 -9.58
C LYS D 171 12.62 -16.69 -9.70
N SER D 172 12.62 -18.00 -9.40
CA SER D 172 11.43 -18.80 -9.61
C SER D 172 10.36 -18.54 -8.55
N ALA D 173 10.78 -18.18 -7.34
CA ALA D 173 9.79 -17.99 -6.27
C ALA D 173 8.83 -16.86 -6.56
N PRO D 174 9.29 -15.63 -6.85
CA PRO D 174 8.32 -14.57 -7.20
C PRO D 174 7.56 -14.87 -8.49
N ALA D 175 8.22 -15.48 -9.47
CA ALA D 175 7.57 -15.76 -10.73
C ALA D 175 6.41 -16.73 -10.55
N LEU D 176 6.66 -17.86 -9.89
CA LEU D 176 5.60 -18.81 -9.61
C LEU D 176 4.55 -18.23 -8.67
N ALA D 177 4.98 -17.47 -7.66
CA ALA D 177 4.01 -16.91 -6.73
C ALA D 177 3.06 -15.94 -7.43
N ALA D 178 3.53 -15.25 -8.47
CA ALA D 178 2.69 -14.34 -9.22
C ALA D 178 1.81 -15.06 -10.24
N GLY D 179 1.90 -16.38 -10.33
CA GLY D 179 1.07 -17.15 -11.23
C GLY D 179 1.67 -17.44 -12.58
N ASN D 180 2.96 -17.17 -12.77
CA ASN D 180 3.63 -17.46 -14.03
C ASN D 180 4.29 -18.84 -13.99
N ALA D 181 4.61 -19.34 -15.18
CA ALA D 181 5.59 -20.41 -15.33
C ALA D 181 6.95 -19.80 -15.66
N MET D 182 8.01 -20.41 -15.16
CA MET D 182 9.38 -19.96 -15.45
C MET D 182 10.14 -21.07 -16.16
N ILE D 183 10.87 -20.68 -17.20
CA ILE D 183 11.91 -21.52 -17.80
C ILE D 183 13.24 -20.99 -17.31
N PHE D 184 13.98 -21.81 -16.58
CA PHE D 184 15.24 -21.41 -15.99
C PHE D 184 16.39 -22.04 -16.76
N LYS D 185 17.35 -21.20 -17.14
CA LYS D 185 18.58 -21.68 -17.81
C LYS D 185 19.72 -21.48 -16.84
N PRO D 186 20.22 -22.53 -16.17
CA PRO D 186 21.37 -22.36 -15.29
C PRO D 186 22.66 -22.11 -16.07
N SER D 187 23.65 -21.59 -15.35
CA SER D 187 24.97 -21.40 -15.93
C SER D 187 25.56 -22.75 -16.31
N GLU D 188 26.25 -22.79 -17.45
CA GLU D 188 26.90 -24.03 -17.88
C GLU D 188 27.96 -24.48 -16.87
N VAL D 189 28.52 -23.54 -16.10
CA VAL D 189 29.49 -23.93 -15.08
C VAL D 189 28.84 -24.77 -13.99
N THR D 190 27.59 -24.48 -13.65
CA THR D 190 26.96 -25.06 -12.46
C THR D 190 25.48 -25.35 -12.74
N PRO D 191 25.21 -26.36 -13.56
CA PRO D 191 23.82 -26.65 -13.94
C PRO D 191 23.07 -27.64 -13.05
N LEU D 192 23.75 -28.28 -12.11
CA LEU D 192 23.22 -29.51 -11.52
C LEU D 192 22.10 -29.27 -10.52
N THR D 193 22.23 -28.26 -9.64
CA THR D 193 21.23 -28.11 -8.59
C THR D 193 19.91 -27.62 -9.15
N ALA D 194 19.93 -26.91 -10.28
CA ALA D 194 18.68 -26.45 -10.88
C ALA D 194 17.80 -27.63 -11.25
N LEU D 195 18.39 -28.75 -11.65
CA LEU D 195 17.60 -29.92 -12.05
C LEU D 195 17.01 -30.63 -10.84
N LYS D 196 17.73 -30.68 -9.71
CA LYS D 196 17.14 -31.20 -8.48
C LYS D 196 15.94 -30.36 -8.06
N LEU D 197 16.05 -29.04 -8.17
CA LEU D 197 14.96 -28.17 -7.75
C LEU D 197 13.71 -28.44 -8.57
N ALA D 198 13.87 -28.62 -9.88
CA ALA D 198 12.72 -28.92 -10.72
C ALA D 198 12.03 -30.19 -10.24
N GLU D 199 12.82 -31.20 -9.85
CA GLU D 199 12.24 -32.43 -9.29
C GLU D 199 11.51 -32.15 -7.99
N ILE D 200 12.09 -31.31 -7.14
CA ILE D 200 11.46 -30.98 -5.86
C ILE D 200 10.14 -30.28 -6.06
N TYR D 201 10.08 -29.33 -7.00
CA TYR D 201 8.83 -28.65 -7.29
C TYR D 201 7.76 -29.63 -7.74
N ARG D 202 8.11 -30.55 -8.62
CA ARG D 202 7.10 -31.51 -9.07
C ARG D 202 6.58 -32.37 -7.92
N GLU D 203 7.50 -32.85 -7.08
CA GLU D 203 7.11 -33.63 -5.91
C GLU D 203 6.19 -32.84 -5.00
N ALA D 204 6.40 -31.54 -4.89
CA ALA D 204 5.56 -30.70 -4.04
C ALA D 204 4.18 -30.47 -4.64
N GLY D 205 3.95 -30.83 -5.89
CA GLY D 205 2.67 -30.65 -6.52
C GLY D 205 2.60 -29.53 -7.53
N LEU D 206 3.73 -28.90 -7.86
CA LEU D 206 3.73 -27.88 -8.90
C LEU D 206 3.24 -28.50 -10.21
N PRO D 207 2.28 -27.88 -10.90
CA PRO D 207 1.82 -28.47 -12.16
C PRO D 207 2.95 -28.57 -13.17
N ASP D 208 2.88 -29.61 -14.00
CA ASP D 208 3.90 -29.84 -15.01
C ASP D 208 3.99 -28.64 -15.95
N GLY D 209 5.22 -28.27 -16.29
CA GLY D 209 5.45 -27.13 -17.14
C GLY D 209 5.67 -25.81 -16.43
N VAL D 210 5.34 -25.72 -15.15
CA VAL D 210 5.42 -24.43 -14.49
C VAL D 210 6.88 -24.05 -14.19
N PHE D 211 7.76 -25.03 -13.97
CA PHE D 211 9.18 -24.76 -13.82
C PHE D 211 9.95 -25.78 -14.64
N ASN D 212 10.38 -25.36 -15.84
CA ASN D 212 11.18 -26.16 -16.75
C ASN D 212 12.62 -25.68 -16.70
N VAL D 213 13.56 -26.61 -16.76
CA VAL D 213 14.98 -26.30 -16.68
C VAL D 213 15.66 -26.77 -17.96
N LEU D 214 16.38 -25.85 -18.61
CA LEU D 214 17.05 -26.08 -19.88
C LEU D 214 18.52 -25.72 -19.72
N PRO D 215 19.35 -26.66 -19.25
CA PRO D 215 20.79 -26.40 -19.24
C PRO D 215 21.32 -26.17 -20.65
N GLY D 216 22.41 -25.41 -20.72
CA GLY D 216 23.05 -25.18 -22.00
C GLY D 216 24.12 -24.10 -21.90
N ILE D 217 24.52 -23.62 -23.07
CA ILE D 217 25.49 -22.53 -23.22
C ILE D 217 24.73 -21.23 -23.46
N GLY D 218 25.22 -20.15 -22.88
CA GLY D 218 24.55 -18.87 -23.04
C GLY D 218 24.54 -18.37 -24.47
N ALA D 219 25.60 -18.63 -25.22
CA ALA D 219 25.62 -18.24 -26.62
C ALA D 219 24.50 -18.91 -27.42
N GLU D 220 24.12 -20.13 -27.04
CA GLU D 220 23.03 -20.79 -27.74
C GLU D 220 21.74 -20.76 -26.93
N THR D 221 21.73 -21.49 -25.80
CA THR D 221 20.47 -21.72 -25.10
C THR D 221 19.89 -20.41 -24.58
N GLY D 222 20.74 -19.57 -23.99
CA GLY D 222 20.27 -18.29 -23.50
C GLY D 222 19.70 -17.42 -24.60
N GLN D 223 20.39 -17.35 -25.73
CA GLN D 223 19.89 -16.58 -26.86
C GLN D 223 18.53 -17.07 -27.34
N TYR D 224 18.33 -18.39 -27.40
CA TYR D 224 17.06 -18.87 -27.90
C TYR D 224 15.92 -18.49 -26.96
N LEU D 225 16.19 -18.37 -25.67
CA LEU D 225 15.18 -17.91 -24.72
C LEU D 225 14.89 -16.42 -24.92
N THR D 226 15.94 -15.61 -25.03
CA THR D 226 15.75 -14.16 -25.18
C THR D 226 15.06 -13.80 -26.49
N GLU D 227 15.15 -14.66 -27.51
CA GLU D 227 14.58 -14.37 -28.81
C GLU D 227 13.17 -14.92 -28.98
N HIS D 228 12.71 -15.78 -28.06
CA HIS D 228 11.44 -16.46 -28.27
C HIS D 228 10.29 -15.46 -28.11
N PRO D 229 9.35 -15.42 -29.06
CA PRO D 229 8.32 -14.36 -29.03
C PRO D 229 7.28 -14.53 -27.92
N ASP D 230 7.17 -15.70 -27.31
CA ASP D 230 6.14 -15.99 -26.33
C ASP D 230 6.64 -15.91 -24.89
N ILE D 231 7.86 -15.44 -24.67
CA ILE D 231 8.38 -15.20 -23.32
C ILE D 231 8.19 -13.73 -23.02
N ALA D 232 7.54 -13.43 -21.89
CA ALA D 232 7.13 -12.06 -21.61
C ALA D 232 8.13 -11.28 -20.79
N LYS D 233 9.06 -11.94 -20.10
CA LYS D 233 10.00 -11.23 -19.26
C LYS D 233 11.24 -12.08 -19.11
N ILE D 234 12.39 -11.44 -19.03
CA ILE D 234 13.66 -12.10 -18.77
C ILE D 234 14.25 -11.53 -17.49
N SER D 235 14.65 -12.41 -16.58
CA SER D 235 15.40 -12.00 -15.40
C SER D 235 16.78 -12.65 -15.46
N PHE D 236 17.82 -11.81 -15.49
CA PHE D 236 19.18 -12.24 -15.72
C PHE D 236 20.12 -11.81 -14.60
N THR D 237 20.98 -12.74 -14.17
CA THR D 237 22.04 -12.44 -13.23
C THR D 237 23.35 -12.95 -13.83
N GLY D 238 24.35 -12.08 -13.88
CA GLY D 238 25.62 -12.46 -14.49
C GLY D 238 26.53 -11.26 -14.62
N GLY D 239 27.47 -11.36 -15.58
CA GLY D 239 28.42 -10.30 -15.80
C GLY D 239 27.88 -9.25 -16.77
N VAL D 240 28.46 -8.06 -16.69
CA VAL D 240 27.96 -6.93 -17.47
C VAL D 240 27.95 -7.26 -18.96
N ALA D 241 29.05 -7.85 -19.45
CA ALA D 241 29.14 -8.14 -20.88
C ALA D 241 28.05 -9.10 -21.31
N SER D 242 27.85 -10.19 -20.58
CA SER D 242 26.80 -11.13 -20.97
C SER D 242 25.43 -10.47 -20.90
N GLY D 243 25.22 -9.59 -19.90
CA GLY D 243 23.93 -8.92 -19.81
C GLY D 243 23.65 -8.05 -21.02
N LYS D 244 24.68 -7.33 -21.50
CA LYS D 244 24.48 -6.43 -22.65
C LYS D 244 24.10 -7.25 -23.87
N LYS D 245 24.68 -8.44 -24.01
CA LYS D 245 24.29 -9.33 -25.10
C LYS D 245 22.84 -9.76 -24.92
N VAL D 246 22.46 -10.10 -23.69
CA VAL D 246 21.07 -10.52 -23.48
C VAL D 246 20.14 -9.38 -23.88
N MET D 247 20.46 -8.16 -23.42
CA MET D 247 19.54 -7.05 -23.65
C MET D 247 19.45 -6.73 -25.14
N ALA D 248 20.56 -6.84 -25.86
CA ALA D 248 20.54 -6.60 -27.31
C ALA D 248 19.63 -7.61 -27.99
N ASN D 249 19.85 -8.90 -27.72
CA ASN D 249 19.06 -9.92 -28.39
C ASN D 249 17.59 -9.80 -28.03
N SER D 250 17.30 -9.40 -26.78
CA SER D 250 15.93 -9.17 -26.36
C SER D 250 15.35 -7.92 -27.01
N ALA D 251 16.18 -6.89 -27.22
CA ALA D 251 15.75 -5.75 -28.02
C ALA D 251 15.44 -6.16 -29.45
N ALA D 252 16.38 -6.84 -30.11
CA ALA D 252 16.17 -7.13 -31.52
C ALA D 252 14.95 -8.04 -31.71
N SER D 253 14.57 -8.76 -30.66
CA SER D 253 13.48 -9.71 -30.66
C SER D 253 12.22 -9.10 -30.04
N SER D 254 11.27 -9.97 -29.74
CA SER D 254 10.00 -9.60 -29.10
C SER D 254 10.21 -8.73 -27.87
N LEU D 255 9.25 -7.82 -27.66
CA LEU D 255 9.35 -6.75 -26.66
C LEU D 255 9.11 -7.34 -25.27
N LYS D 256 10.20 -7.59 -24.56
CA LYS D 256 10.18 -8.21 -23.24
C LYS D 256 10.54 -7.24 -22.13
N GLU D 257 9.88 -7.41 -20.98
CA GLU D 257 10.41 -6.85 -19.74
C GLU D 257 11.71 -7.58 -19.41
N VAL D 258 12.79 -6.84 -19.22
CA VAL D 258 14.07 -7.40 -18.81
C VAL D 258 14.35 -6.95 -17.39
N THR D 259 14.92 -7.85 -16.59
CA THR D 259 15.52 -7.54 -15.29
C THR D 259 16.93 -8.08 -15.25
N MET D 260 17.83 -7.27 -14.69
CA MET D 260 19.27 -7.65 -14.66
C MET D 260 19.90 -7.36 -13.30
N GLU D 261 20.69 -8.30 -12.79
CA GLU D 261 21.42 -8.16 -11.53
C GLU D 261 22.90 -8.41 -11.86
N LEU D 262 23.65 -7.34 -12.09
CA LEU D 262 25.01 -7.44 -12.59
C LEU D 262 26.02 -7.26 -11.47
N GLY D 263 27.29 -7.10 -11.85
CA GLY D 263 28.37 -6.96 -10.90
C GLY D 263 28.44 -5.57 -10.30
N GLY D 264 29.47 -5.38 -9.47
CA GLY D 264 29.73 -4.08 -8.89
C GLY D 264 31.17 -3.95 -8.44
N LYS D 265 31.52 -2.75 -8.02
CA LYS D 265 32.78 -2.47 -7.33
C LYS D 265 32.37 -1.70 -6.08
N SER D 266 31.70 -2.41 -5.18
CA SER D 266 31.05 -1.81 -4.03
C SER D 266 32.08 -1.23 -3.06
N PRO D 267 31.84 -0.01 -2.55
CA PRO D 267 32.76 0.55 -1.55
C PRO D 267 32.36 0.20 -0.13
N LEU D 268 33.37 -0.09 0.69
CA LEU D 268 33.21 -0.26 2.14
C LEU D 268 33.94 0.90 2.78
N ILE D 269 33.21 1.81 3.41
CA ILE D 269 33.79 3.04 3.95
C ILE D 269 33.95 2.89 5.45
N ILE D 270 35.21 2.90 5.91
N ILE D 270 35.20 2.91 5.90
CA ILE D 270 35.53 2.82 7.32
CA ILE D 270 35.55 2.83 7.31
C ILE D 270 35.73 4.24 7.84
C ILE D 270 35.72 4.25 7.82
N ALA D 271 34.90 4.64 8.80
CA ALA D 271 34.92 6.00 9.32
C ALA D 271 36.01 6.18 10.37
N GLU D 272 36.26 7.45 10.75
CA GLU D 272 37.30 7.72 11.72
C GLU D 272 36.96 7.13 13.09
N ASP D 273 35.72 7.12 13.49
CA ASP D 273 35.35 6.60 14.80
C ASP D 273 35.06 5.11 14.79
N ALA D 274 35.41 4.41 13.72
CA ALA D 274 35.10 2.98 13.62
C ALA D 274 36.09 2.17 14.45
N ASN D 275 35.59 1.12 15.09
CA ASN D 275 36.47 0.10 15.65
C ASN D 275 37.07 -0.72 14.51
N LEU D 276 38.39 -0.87 14.51
CA LEU D 276 39.04 -1.49 13.36
C LEU D 276 38.95 -3.02 13.40
N ASP D 277 38.69 -3.60 14.57
CA ASP D 277 38.37 -5.02 14.62
C ASP D 277 37.05 -5.29 13.93
N LEU D 278 36.04 -4.45 14.21
CA LEU D 278 34.77 -4.58 13.51
C LEU D 278 34.95 -4.33 12.01
N ALA D 279 35.66 -3.26 11.66
CA ALA D 279 35.87 -2.94 10.26
C ALA D 279 36.61 -4.06 9.53
N ALA D 280 37.63 -4.63 10.16
CA ALA D 280 38.38 -5.72 9.54
C ALA D 280 37.51 -6.96 9.35
N ASP D 281 36.66 -7.28 10.34
CA ASP D 281 35.75 -8.41 10.18
C ASP D 281 34.79 -8.16 9.01
N ILE D 282 34.21 -6.96 8.96
CA ILE D 282 33.29 -6.64 7.87
C ILE D 282 34.02 -6.73 6.53
N ALA D 283 35.24 -6.21 6.47
CA ALA D 283 36.00 -6.24 5.23
C ALA D 283 36.35 -7.67 4.82
N MET D 284 36.65 -8.54 5.79
CA MET D 284 36.93 -9.93 5.45
C MET D 284 35.71 -10.60 4.84
N MET D 285 34.54 -10.41 5.45
CA MET D 285 33.33 -11.05 4.92
C MET D 285 32.90 -10.40 3.61
N ALA D 286 33.24 -9.13 3.40
CA ALA D 286 32.87 -8.44 2.18
C ALA D 286 33.79 -8.76 1.01
N ASN D 287 34.87 -9.50 1.24
CA ASN D 287 35.86 -9.72 0.19
C ASN D 287 36.18 -11.19 -0.05
N PHE D 288 36.13 -12.00 1.00
CA PHE D 288 36.69 -13.35 0.93
C PHE D 288 35.67 -14.46 1.12
N TYR D 289 34.40 -14.13 1.38
CA TYR D 289 33.36 -15.15 1.39
C TYR D 289 33.17 -15.70 -0.01
N SER D 290 32.89 -17.01 -0.10
CA SER D 290 32.76 -17.68 -1.39
C SER D 290 33.98 -17.41 -2.26
N SER D 291 35.14 -17.31 -1.63
CA SER D 291 36.41 -17.01 -2.28
C SER D 291 36.36 -15.72 -3.11
N GLY D 292 35.58 -14.75 -2.64
CA GLY D 292 35.44 -13.44 -3.24
C GLY D 292 34.65 -13.35 -4.53
N GLN D 293 34.01 -14.45 -4.91
CA GLN D 293 33.17 -14.50 -6.13
C GLN D 293 31.71 -14.16 -5.77
N VAL D 294 31.45 -12.93 -5.36
CA VAL D 294 30.13 -12.47 -4.94
C VAL D 294 29.96 -11.05 -5.44
N CYS D 295 28.85 -10.78 -6.14
CA CYS D 295 28.69 -9.48 -6.78
C CYS D 295 28.60 -8.34 -5.78
N THR D 296 28.10 -8.59 -4.57
CA THR D 296 27.93 -7.51 -3.61
C THR D 296 29.18 -7.27 -2.77
N ASN D 297 30.26 -7.97 -3.07
CA ASN D 297 31.47 -7.87 -2.25
C ASN D 297 32.01 -6.44 -2.24
N GLY D 298 32.45 -6.02 -1.07
CA GLY D 298 33.02 -4.70 -0.86
C GLY D 298 34.49 -4.71 -1.20
N THR D 299 34.78 -4.80 -2.51
CA THR D 299 36.15 -5.00 -2.97
C THR D 299 37.00 -3.76 -2.81
N ARG D 300 36.39 -2.58 -2.71
CA ARG D 300 37.10 -1.34 -2.40
C ARG D 300 36.86 -1.00 -0.94
N VAL D 301 37.88 -1.20 -0.11
CA VAL D 301 37.80 -0.94 1.33
C VAL D 301 38.53 0.39 1.52
N PHE D 302 37.77 1.44 1.83
CA PHE D 302 38.33 2.76 2.02
C PHE D 302 38.66 2.90 3.50
N VAL D 303 39.92 3.17 3.82
CA VAL D 303 40.29 3.24 5.23
C VAL D 303 40.99 4.58 5.49
N PRO D 304 40.74 5.22 6.63
CA PRO D 304 41.46 6.45 6.95
C PRO D 304 42.96 6.23 7.00
N ALA D 305 43.72 7.18 6.44
CA ALA D 305 45.18 7.04 6.45
C ALA D 305 45.67 6.84 7.87
N LYS D 306 45.09 7.59 8.80
CA LYS D 306 45.55 7.55 10.21
C LYS D 306 45.38 6.16 10.81
N PHE D 307 44.70 5.26 10.11
CA PHE D 307 44.43 3.94 10.73
C PHE D 307 44.88 2.85 9.79
N LYS D 308 45.24 3.23 8.57
CA LYS D 308 45.58 2.19 7.57
C LYS D 308 46.54 1.16 8.17
N ALA D 309 47.59 1.61 8.85
CA ALA D 309 48.59 0.64 9.30
C ALA D 309 48.00 -0.33 10.30
N GLU D 310 47.18 0.20 11.21
CA GLU D 310 46.53 -0.65 12.20
C GLU D 310 45.55 -1.61 11.54
N PHE D 311 44.74 -1.09 10.61
CA PHE D 311 43.80 -1.95 9.89
C PHE D 311 44.53 -3.02 9.10
N GLU D 312 45.65 -2.65 8.46
CA GLU D 312 46.45 -3.63 7.75
C GLU D 312 46.91 -4.75 8.67
N HIS D 313 47.46 -4.40 9.83
CA HIS D 313 47.82 -5.43 10.80
C HIS D 313 46.61 -6.32 11.08
N LYS D 314 45.49 -5.68 11.36
CA LYS D 314 44.29 -6.42 11.66
C LYS D 314 43.83 -7.26 10.48
N ILE D 315 44.01 -6.80 9.27
CA ILE D 315 43.66 -7.65 8.12
C ILE D 315 44.57 -8.86 8.07
N LEU D 316 45.87 -8.66 8.30
CA LEU D 316 46.82 -9.76 8.25
C LEU D 316 46.52 -10.78 9.33
N GLU D 317 46.12 -10.29 10.51
CA GLU D 317 45.69 -11.17 11.58
C GLU D 317 44.50 -11.98 11.12
N ARG D 318 43.55 -11.32 10.46
CA ARG D 318 42.33 -12.05 10.07
C ARG D 318 42.67 -13.01 8.93
N VAL D 319 43.36 -12.51 7.91
CA VAL D 319 43.68 -13.37 6.77
C VAL D 319 44.40 -14.65 7.21
N GLY D 320 45.17 -14.59 8.29
CA GLY D 320 45.88 -15.77 8.77
C GLY D 320 45.01 -16.86 9.33
N ARG D 321 43.80 -16.53 9.78
CA ARG D 321 42.93 -17.58 10.27
C ARG D 321 42.22 -18.32 9.13
N ILE D 322 42.33 -17.85 7.89
CA ILE D 322 41.57 -18.50 6.82
C ILE D 322 42.07 -19.92 6.67
N ARG D 323 41.13 -20.85 6.56
CA ARG D 323 41.41 -22.29 6.60
C ARG D 323 40.93 -22.84 5.25
N ALA D 324 41.86 -22.98 4.32
CA ALA D 324 41.61 -23.69 3.07
C ALA D 324 41.86 -25.17 3.27
N GLY D 325 41.10 -25.98 2.53
CA GLY D 325 41.29 -27.42 2.62
C GLY D 325 40.12 -28.17 2.02
N ASP D 326 39.92 -29.38 2.54
CA ASP D 326 38.82 -30.25 2.12
C ASP D 326 37.49 -29.54 2.21
N LEU D 327 36.79 -29.46 1.07
CA LEU D 327 35.58 -28.65 1.02
C LEU D 327 34.45 -29.25 1.83
N PHE D 328 34.57 -30.51 2.22
CA PHE D 328 33.59 -31.18 3.07
C PHE D 328 34.02 -31.17 4.53
N ALA D 329 35.18 -30.60 4.84
CA ALA D 329 35.62 -30.46 6.22
C ALA D 329 34.90 -29.32 6.93
N ASP D 330 34.65 -29.54 8.22
CA ASP D 330 33.85 -28.59 9.01
C ASP D 330 34.54 -27.24 9.19
N ASP D 331 35.86 -27.25 9.38
CA ASP D 331 36.60 -26.03 9.67
C ASP D 331 37.03 -25.26 8.43
N THR D 332 36.92 -25.86 7.25
CA THR D 332 37.24 -25.16 6.01
C THR D 332 36.31 -23.98 5.79
N ASN D 333 36.88 -22.81 5.49
CA ASN D 333 36.09 -21.62 5.21
C ASN D 333 36.55 -20.89 3.96
N PHE D 334 37.39 -21.51 3.13
CA PHE D 334 37.83 -20.91 1.88
C PHE D 334 37.90 -22.02 0.86
N GLY D 335 37.38 -21.77 -0.33
CA GLY D 335 37.34 -22.79 -1.36
C GLY D 335 38.03 -22.34 -2.62
N PRO D 336 38.15 -23.25 -3.60
CA PRO D 336 38.68 -22.85 -4.91
C PRO D 336 37.66 -22.01 -5.67
N LEU D 337 38.15 -21.38 -6.73
CA LEU D 337 37.26 -20.67 -7.65
C LEU D 337 36.48 -21.66 -8.50
N VAL D 338 35.46 -21.13 -9.18
CA VAL D 338 34.47 -21.98 -9.83
C VAL D 338 35.06 -22.77 -10.98
N SER D 339 36.21 -22.36 -11.50
CA SER D 339 36.80 -23.03 -12.66
C SER D 339 38.24 -22.56 -12.79
N PHE D 340 39.06 -23.40 -13.42
CA PHE D 340 40.45 -23.03 -13.66
C PHE D 340 40.56 -21.87 -14.64
N PRO D 341 39.73 -21.84 -15.70
CA PRO D 341 39.70 -20.65 -16.57
C PRO D 341 39.40 -19.37 -15.81
N HIS D 342 38.48 -19.42 -14.85
CA HIS D 342 38.17 -18.24 -14.04
C HIS D 342 39.37 -17.83 -13.21
N ARG D 343 40.08 -18.80 -12.65
CA ARG D 343 41.30 -18.52 -11.90
C ARG D 343 42.29 -17.69 -12.71
N GLN D 344 42.44 -17.97 -14.01
CA GLN D 344 43.39 -17.18 -14.77
C GLN D 344 43.03 -15.70 -14.79
N ASN D 345 41.75 -15.37 -14.95
CA ASN D 345 41.34 -13.97 -14.90
C ASN D 345 41.61 -13.34 -13.54
N VAL D 346 41.41 -14.08 -12.45
CA VAL D 346 41.68 -13.47 -11.15
C VAL D 346 43.17 -13.22 -11.01
N LEU D 347 43.99 -14.17 -11.48
CA LEU D 347 45.44 -14.01 -11.42
C LEU D 347 45.90 -12.90 -12.35
N ARG D 348 45.17 -12.68 -13.46
CA ARG D 348 45.54 -11.63 -14.38
C ARG D 348 45.34 -10.25 -13.74
N TYR D 349 44.29 -10.11 -12.94
CA TYR D 349 44.07 -8.89 -12.17
C TYR D 349 45.12 -8.70 -11.08
N ILE D 350 45.51 -9.80 -10.43
CA ILE D 350 46.50 -9.74 -9.35
C ILE D 350 47.85 -9.28 -9.88
N GLU D 351 48.21 -9.69 -11.09
CA GLU D 351 49.47 -9.29 -11.69
C GLU D 351 49.46 -7.81 -12.05
N SER D 352 48.28 -7.29 -12.42
CA SER D 352 48.12 -5.88 -12.76
C SER D 352 48.32 -4.94 -11.57
N GLY D 353 48.01 -5.37 -10.34
CA GLY D 353 48.29 -4.50 -9.20
C GLY D 353 49.76 -4.28 -9.00
N LYS D 354 50.56 -5.34 -9.14
CA LYS D 354 52.02 -5.18 -9.08
C LYS D 354 52.48 -4.27 -10.20
N SER D 355 51.99 -4.50 -11.41
CA SER D 355 52.50 -3.70 -12.52
C SER D 355 52.06 -2.27 -12.35
N GLU D 356 50.90 -2.06 -11.71
CA GLU D 356 50.35 -0.74 -11.48
C GLU D 356 50.85 -0.13 -10.15
N GLY D 357 51.72 -0.82 -9.42
CA GLY D 357 52.41 -0.25 -8.27
C GLY D 357 51.83 -0.55 -6.89
N ALA D 358 50.71 -1.24 -6.80
CA ALA D 358 50.14 -1.63 -5.50
C ALA D 358 51.04 -2.54 -4.66
N ARG D 359 50.99 -2.33 -3.34
CA ARG D 359 51.77 -3.12 -2.38
C ARG D 359 50.97 -4.37 -2.02
N LEU D 360 51.58 -5.53 -2.24
CA LEU D 360 50.93 -6.82 -1.95
C LEU D 360 51.05 -7.16 -0.48
N LEU D 361 49.96 -6.99 0.28
CA LEU D 361 50.00 -7.31 1.71
C LEU D 361 49.90 -8.82 1.95
N CYS D 362 49.27 -9.59 1.05
CA CYS D 362 49.27 -11.04 1.21
C CYS D 362 48.65 -11.70 -0.02
N GLY D 363 48.85 -13.02 -0.10
CA GLY D 363 48.28 -13.81 -1.18
C GLY D 363 48.95 -13.50 -2.51
N GLY D 364 48.15 -13.54 -3.58
CA GLY D 364 48.57 -13.17 -4.91
C GLY D 364 49.11 -14.27 -5.80
N ASP D 365 49.08 -15.52 -5.35
CA ASP D 365 49.54 -16.65 -6.15
C ASP D 365 48.52 -17.78 -5.99
N VAL D 366 48.65 -18.83 -6.80
CA VAL D 366 47.85 -20.01 -6.53
C VAL D 366 48.39 -20.73 -5.29
N LEU D 367 47.55 -21.58 -4.72
CA LEU D 367 47.96 -22.42 -3.61
C LEU D 367 48.47 -23.78 -4.07
N LYS D 368 49.45 -24.31 -3.33
CA LYS D 368 50.20 -25.52 -3.71
C LYS D 368 50.25 -26.47 -2.53
N GLY D 369 50.53 -27.73 -2.85
CA GLY D 369 50.74 -28.80 -1.90
C GLY D 369 49.64 -29.84 -1.98
N GLU D 370 49.69 -30.79 -1.05
CA GLU D 370 48.71 -31.87 -1.06
C GLU D 370 47.31 -31.33 -0.88
N GLY D 371 46.44 -31.64 -1.84
CA GLY D 371 45.05 -31.25 -1.80
C GLY D 371 44.75 -29.91 -2.46
N PHE D 372 45.77 -29.14 -2.82
CA PHE D 372 45.56 -27.86 -3.48
C PHE D 372 46.08 -27.82 -4.91
N ASP D 373 47.05 -28.66 -5.27
CA ASP D 373 47.61 -28.62 -6.62
C ASP D 373 46.57 -29.01 -7.67
N ASN D 374 45.58 -29.81 -7.28
CA ASN D 374 44.56 -30.28 -8.20
C ASN D 374 43.30 -29.41 -8.20
N GLY D 375 43.25 -28.38 -7.35
CA GLY D 375 42.11 -27.49 -7.29
C GLY D 375 42.42 -26.15 -7.92
N ALA D 376 41.35 -25.38 -8.12
CA ALA D 376 41.44 -24.05 -8.73
C ALA D 376 41.58 -22.97 -7.66
N TRP D 377 42.57 -23.13 -6.79
CA TRP D 377 42.74 -22.25 -5.65
C TRP D 377 43.48 -20.99 -6.08
N VAL D 378 43.04 -19.85 -5.54
CA VAL D 378 43.79 -18.60 -5.57
C VAL D 378 43.88 -18.11 -4.15
N ALA D 379 45.07 -17.70 -3.72
CA ALA D 379 45.22 -17.24 -2.36
C ALA D 379 44.44 -15.95 -2.10
N PRO D 380 43.92 -15.80 -0.88
CA PRO D 380 43.29 -14.53 -0.49
C PRO D 380 44.28 -13.38 -0.64
N THR D 381 43.87 -12.34 -1.36
CA THR D 381 44.80 -11.30 -1.77
C THR D 381 44.29 -9.94 -1.28
N VAL D 382 45.22 -9.15 -0.74
CA VAL D 382 44.93 -7.79 -0.29
C VAL D 382 46.01 -6.90 -0.89
N PHE D 383 45.58 -5.84 -1.57
CA PHE D 383 46.46 -4.77 -1.99
C PHE D 383 46.19 -3.54 -1.14
N THR D 384 47.24 -2.78 -0.89
CA THR D 384 47.12 -1.49 -0.21
C THR D 384 47.97 -0.51 -1.01
N ASP D 385 48.03 0.74 -0.57
CA ASP D 385 48.66 1.76 -1.39
C ASP D 385 47.98 1.81 -2.75
N CYS D 386 46.69 1.51 -2.78
CA CYS D 386 45.93 1.43 -4.02
C CYS D 386 45.49 2.82 -4.42
N THR D 387 45.39 3.04 -5.72
CA THR D 387 44.92 4.31 -6.23
C THR D 387 43.69 4.15 -7.11
N ASP D 388 42.96 5.25 -7.26
CA ASP D 388 41.64 5.19 -7.87
C ASP D 388 41.73 4.83 -9.34
N ASP D 389 42.94 4.88 -9.91
CA ASP D 389 43.17 4.66 -11.34
C ASP D 389 43.60 3.24 -11.67
N MET D 390 44.07 2.48 -10.69
CA MET D 390 44.49 1.11 -11.00
C MET D 390 43.30 0.30 -11.49
N THR D 391 43.59 -0.63 -12.42
CA THR D 391 42.54 -1.47 -12.98
C THR D 391 41.85 -2.26 -11.88
N ILE D 392 42.62 -2.80 -10.94
CA ILE D 392 42.08 -3.65 -9.88
C ILE D 392 41.13 -2.88 -8.99
N VAL D 393 41.14 -1.55 -9.04
CA VAL D 393 40.31 -0.76 -8.15
C VAL D 393 39.04 -0.37 -8.88
N ARG D 394 39.10 -0.27 -10.21
CA ARG D 394 37.94 0.20 -10.97
C ARG D 394 37.07 -0.91 -11.54
N GLU D 395 37.61 -2.11 -11.76
CA GLU D 395 36.89 -3.15 -12.47
C GLU D 395 36.67 -4.33 -11.53
N GLU D 396 35.57 -5.03 -11.77
CA GLU D 396 35.24 -6.20 -10.95
C GLU D 396 36.12 -7.37 -11.31
N ILE D 397 36.79 -7.90 -10.30
CA ILE D 397 37.67 -9.05 -10.43
C ILE D 397 36.89 -10.34 -10.21
N PHE D 398 35.97 -10.32 -9.25
CA PHE D 398 35.17 -11.49 -8.90
C PHE D 398 36.04 -12.61 -8.35
N GLY D 399 37.04 -12.22 -7.56
CA GLY D 399 37.92 -13.17 -6.90
C GLY D 399 38.34 -12.62 -5.55
N PRO D 400 39.14 -13.40 -4.82
CA PRO D 400 39.49 -13.00 -3.44
C PRO D 400 40.62 -11.98 -3.43
N VAL D 401 40.26 -10.75 -3.81
CA VAL D 401 41.21 -9.66 -3.95
C VAL D 401 40.62 -8.41 -3.32
N MET D 402 41.10 -8.07 -2.13
CA MET D 402 40.68 -6.84 -1.46
C MET D 402 41.63 -5.72 -1.87
N SER D 403 41.06 -4.56 -2.19
CA SER D 403 41.82 -3.36 -2.46
C SER D 403 41.57 -2.39 -1.30
N ILE D 404 42.64 -1.97 -0.65
CA ILE D 404 42.56 -1.00 0.44
C ILE D 404 42.95 0.35 -0.13
N LEU D 405 42.11 1.35 0.11
CA LEU D 405 42.30 2.70 -0.39
C LEU D 405 42.20 3.67 0.76
N SER D 406 43.07 4.68 0.76
CA SER D 406 43.15 5.64 1.84
C SER D 406 42.43 6.92 1.45
N TYR D 407 41.90 7.61 2.46
CA TYR D 407 41.18 8.85 2.22
C TYR D 407 41.42 9.79 3.38
N ASP D 408 41.07 11.06 3.15
CA ASP D 408 41.37 12.14 4.09
C ASP D 408 40.12 12.84 4.61
N ASP D 409 39.08 12.99 3.79
CA ASP D 409 37.86 13.66 4.22
C ASP D 409 36.63 12.95 3.66
N GLU D 410 35.48 13.21 4.32
CA GLU D 410 34.25 12.49 4.04
C GLU D 410 33.71 12.77 2.64
N ALA D 411 33.78 14.03 2.19
CA ALA D 411 33.29 14.33 0.84
C ALA D 411 34.09 13.55 -0.20
N GLU D 412 35.41 13.48 -0.02
CA GLU D 412 36.24 12.74 -0.96
C GLU D 412 35.80 11.29 -1.06
N VAL D 413 35.61 10.61 0.08
CA VAL D 413 35.31 9.20 0.04
C VAL D 413 33.96 8.96 -0.60
N ILE D 414 33.00 9.86 -0.38
CA ILE D 414 31.69 9.74 -1.01
C ILE D 414 31.82 9.89 -2.53
N ARG D 415 32.48 10.97 -2.98
CA ARG D 415 32.63 11.17 -4.43
C ARG D 415 33.42 10.02 -5.05
N ARG D 416 34.50 9.60 -4.40
CA ARG D 416 35.27 8.47 -4.91
C ARG D 416 34.43 7.20 -4.86
N ALA D 417 33.66 7.00 -3.78
CA ALA D 417 32.80 5.84 -3.71
C ALA D 417 31.81 5.85 -4.88
N ASN D 418 31.28 7.04 -5.19
CA ASN D 418 30.29 7.23 -6.24
C ASN D 418 30.91 7.35 -7.62
N ALA D 419 32.23 7.52 -7.71
CA ALA D 419 32.88 7.79 -9.00
C ALA D 419 33.10 6.48 -9.74
N THR D 420 31.99 5.88 -10.15
CA THR D 420 31.99 4.59 -10.81
C THR D 420 30.72 4.48 -11.64
N GLU D 421 30.78 3.61 -12.67
CA GLU D 421 29.52 3.31 -13.39
C GLU D 421 28.72 2.22 -12.65
N TYR D 422 29.39 1.44 -11.80
CA TYR D 422 28.69 0.45 -10.99
C TYR D 422 27.90 1.11 -9.85
N GLY D 423 26.88 0.38 -9.38
CA GLY D 423 25.99 0.90 -8.37
C GLY D 423 25.33 -0.16 -7.49
N LEU D 424 25.98 -1.29 -7.25
CA LEU D 424 25.25 -2.43 -6.70
C LEU D 424 25.09 -2.31 -5.18
N ALA D 425 26.20 -2.32 -4.44
CA ALA D 425 26.14 -2.32 -2.98
C ALA D 425 27.08 -1.27 -2.43
N ALA D 426 27.00 -1.06 -1.12
CA ALA D 426 27.83 -0.10 -0.43
C ALA D 426 27.66 -0.31 1.07
N GLY D 427 28.62 0.17 1.83
CA GLY D 427 28.56 0.04 3.27
C GLY D 427 29.39 1.08 3.97
N VAL D 428 29.04 1.33 5.23
CA VAL D 428 29.76 2.28 6.08
C VAL D 428 29.92 1.65 7.45
N VAL D 429 31.07 1.86 8.08
CA VAL D 429 31.33 1.39 9.43
C VAL D 429 31.51 2.64 10.29
N THR D 430 30.54 2.89 11.18
CA THR D 430 30.64 4.03 12.09
C THR D 430 29.65 3.85 13.22
N PRO D 431 30.00 4.23 14.46
CA PRO D 431 29.02 4.24 15.54
C PRO D 431 28.19 5.51 15.60
N ASP D 432 28.46 6.48 14.73
CA ASP D 432 27.82 7.78 14.79
C ASP D 432 26.52 7.75 14.03
N LEU D 433 25.46 8.25 14.66
CA LEU D 433 24.13 8.23 14.06
C LEU D 433 24.12 8.98 12.73
N ASN D 434 24.62 10.23 12.72
CA ASN D 434 24.49 11.10 11.54
C ASN D 434 25.31 10.61 10.35
N ARG D 435 26.51 10.13 10.64
CA ARG D 435 27.43 9.70 9.55
C ARG D 435 26.86 8.50 8.80
N ALA D 436 26.23 7.54 9.48
CA ALA D 436 25.75 6.36 8.83
C ALA D 436 24.65 6.75 7.88
N HIS D 437 23.62 7.41 8.40
CA HIS D 437 22.53 7.81 7.53
C HIS D 437 22.98 8.86 6.50
N ARG D 438 23.77 9.85 6.94
CA ARG D 438 24.19 10.91 6.04
C ARG D 438 25.03 10.38 4.89
N ILE D 439 26.02 9.53 5.20
CA ILE D 439 26.84 8.98 4.14
C ILE D 439 26.03 8.05 3.24
N ILE D 440 25.21 7.19 3.84
CA ILE D 440 24.49 6.20 3.05
C ILE D 440 23.51 6.89 2.11
N HIS D 441 22.86 7.96 2.57
CA HIS D 441 21.89 8.63 1.72
C HIS D 441 22.53 9.27 0.49
N GLN D 442 23.83 9.56 0.51
CA GLN D 442 24.49 10.14 -0.64
C GLN D 442 25.20 9.12 -1.52
N LEU D 443 25.27 7.85 -1.11
CA LEU D 443 25.93 6.84 -1.92
C LEU D 443 24.96 6.35 -2.98
N GLU D 444 25.47 6.14 -4.20
CA GLU D 444 24.64 5.73 -5.33
C GLU D 444 24.70 4.21 -5.46
N ALA D 445 23.95 3.54 -4.58
CA ALA D 445 23.90 2.09 -4.57
C ALA D 445 22.55 1.64 -4.04
N GLY D 446 22.09 0.49 -4.53
CA GLY D 446 20.79 -0.02 -4.15
C GLY D 446 20.77 -0.81 -2.87
N ILE D 447 21.93 -1.32 -2.45
CA ILE D 447 22.05 -2.20 -1.29
C ILE D 447 23.09 -1.60 -0.37
N CYS D 448 22.65 -1.07 0.77
CA CYS D 448 23.53 -0.37 1.70
C CYS D 448 23.48 -1.03 3.07
N TRP D 449 24.65 -1.35 3.62
CA TRP D 449 24.78 -1.97 4.93
C TRP D 449 25.49 -1.01 5.86
N ILE D 450 24.95 -0.84 7.07
CA ILE D 450 25.58 -0.04 8.11
C ILE D 450 26.08 -0.99 9.19
N ASN D 451 27.40 -0.99 9.40
CA ASN D 451 28.05 -1.80 10.44
C ASN D 451 27.79 -3.29 10.22
N SER D 452 27.76 -3.70 8.96
CA SER D 452 27.60 -5.12 8.62
CA SER D 452 27.61 -5.12 8.62
C SER D 452 27.83 -5.26 7.11
N TRP D 453 27.64 -6.47 6.61
CA TRP D 453 27.77 -6.72 5.18
C TRP D 453 27.10 -8.05 4.84
N GLY D 454 26.47 -8.09 3.67
CA GLY D 454 26.10 -9.34 3.03
C GLY D 454 24.72 -9.87 3.35
N GLU D 455 24.09 -9.43 4.44
CA GLU D 455 22.78 -9.99 4.77
C GLU D 455 21.75 -9.48 3.79
N SER D 456 20.91 -10.37 3.26
CA SER D 456 20.00 -10.06 2.16
C SER D 456 18.64 -10.68 2.47
N PRO D 457 17.90 -10.10 3.41
CA PRO D 457 16.63 -10.71 3.81
C PRO D 457 15.64 -10.77 2.66
N ALA D 458 14.78 -11.79 2.69
CA ALA D 458 13.74 -11.94 1.67
C ALA D 458 12.89 -10.69 1.56
N GLU D 459 12.70 -9.98 2.67
CA GLU D 459 11.88 -8.78 2.72
C GLU D 459 12.51 -7.58 2.05
N MET D 460 13.81 -7.63 1.76
CA MET D 460 14.57 -6.45 1.40
C MET D 460 14.80 -6.42 -0.10
N PRO D 461 14.22 -5.46 -0.83
CA PRO D 461 14.52 -5.37 -2.28
C PRO D 461 16.01 -5.14 -2.50
N VAL D 462 16.57 -5.84 -3.49
CA VAL D 462 17.99 -5.75 -3.78
C VAL D 462 18.21 -5.63 -5.29
N GLY D 463 19.15 -4.78 -5.66
CA GLY D 463 19.48 -4.55 -7.06
C GLY D 463 20.33 -3.30 -7.17
N GLY D 464 20.76 -3.04 -8.40
CA GLY D 464 21.84 -2.09 -8.65
C GLY D 464 21.37 -0.75 -9.16
N TYR D 465 22.09 0.30 -8.76
CA TYR D 465 22.05 1.56 -9.46
C TYR D 465 22.89 1.52 -10.73
N LYS D 466 22.59 2.43 -11.66
CA LYS D 466 23.44 2.74 -12.82
C LYS D 466 23.70 1.45 -13.59
N HIS D 467 24.96 1.13 -13.89
CA HIS D 467 25.29 -0.02 -14.74
C HIS D 467 25.25 -1.36 -14.01
N SER D 468 24.94 -1.38 -12.71
CA SER D 468 25.00 -2.62 -11.97
C SER D 468 23.71 -3.43 -12.00
N GLY D 469 22.64 -2.91 -12.57
CA GLY D 469 21.45 -3.72 -12.74
C GLY D 469 20.27 -2.87 -13.16
N ILE D 470 19.21 -3.58 -13.58
CA ILE D 470 17.92 -2.99 -13.87
CA ILE D 470 17.92 -3.00 -13.88
C ILE D 470 16.86 -3.76 -13.08
N GLY D 471 16.05 -3.03 -12.32
CA GLY D 471 15.03 -3.65 -11.51
C GLY D 471 15.58 -4.18 -10.20
N ARG D 472 14.75 -4.98 -9.53
CA ARG D 472 15.02 -5.42 -8.16
C ARG D 472 14.59 -6.86 -8.01
N GLU D 473 15.18 -7.52 -7.01
CA GLU D 473 14.75 -8.83 -6.55
C GLU D 473 14.40 -8.80 -5.07
N ASN D 474 13.57 -9.76 -4.65
CA ASN D 474 13.11 -9.86 -3.27
C ASN D 474 12.21 -8.68 -2.90
N GLY D 475 11.58 -8.77 -1.73
CA GLY D 475 10.61 -7.78 -1.31
C GLY D 475 9.28 -7.98 -2.02
N VAL D 476 8.27 -7.27 -1.50
CA VAL D 476 6.93 -7.38 -2.07
CA VAL D 476 6.92 -7.39 -2.07
C VAL D 476 6.89 -6.82 -3.48
N MET D 477 7.68 -5.76 -3.74
CA MET D 477 7.64 -5.14 -5.06
C MET D 477 8.02 -6.12 -6.15
N THR D 478 8.91 -7.07 -5.86
CA THR D 478 9.32 -8.01 -6.90
C THR D 478 8.20 -8.98 -7.25
N LEU D 479 7.36 -9.36 -6.28
CA LEU D 479 6.18 -10.13 -6.61
C LEU D 479 5.30 -9.39 -7.61
N GLN D 480 5.09 -8.07 -7.39
CA GLN D 480 4.28 -7.31 -8.33
C GLN D 480 4.93 -7.18 -9.70
N SER D 481 6.26 -7.13 -9.75
CA SER D 481 6.93 -6.95 -11.02
C SER D 481 6.88 -8.19 -11.88
N TYR D 482 6.44 -9.32 -11.33
CA TYR D 482 6.16 -10.52 -12.11
C TYR D 482 4.68 -10.62 -12.45
N THR D 483 3.92 -9.55 -12.23
CA THR D 483 2.56 -9.41 -12.74
C THR D 483 2.49 -8.21 -13.69
N GLN D 484 1.41 -8.16 -14.48
CA GLN D 484 1.12 -7.01 -15.32
C GLN D 484 -0.25 -6.47 -14.93
N VAL D 485 -0.38 -5.15 -14.94
CA VAL D 485 -1.63 -4.50 -14.53
C VAL D 485 -2.59 -4.47 -15.72
N LYS D 486 -3.83 -4.89 -15.49
CA LYS D 486 -4.93 -4.65 -16.41
C LYS D 486 -5.89 -3.68 -15.75
N SER D 487 -6.15 -2.55 -16.41
CA SER D 487 -7.12 -1.57 -15.93
C SER D 487 -8.44 -1.77 -16.65
N ILE D 488 -9.53 -1.80 -15.90
CA ILE D 488 -10.87 -2.06 -16.42
C ILE D 488 -11.78 -0.93 -15.97
N GLN D 489 -12.38 -0.22 -16.92
CA GLN D 489 -13.35 0.81 -16.62
C GLN D 489 -14.76 0.27 -16.87
N VAL D 490 -15.60 0.34 -15.84
CA VAL D 490 -17.01 0.00 -15.93
C VAL D 490 -17.78 1.30 -16.08
N GLU D 491 -18.28 1.55 -17.28
CA GLU D 491 -19.06 2.77 -17.56
C GLU D 491 -20.55 2.42 -17.47
N MET D 492 -21.21 2.88 -16.42
CA MET D 492 -22.62 2.62 -16.21
C MET D 492 -23.50 3.77 -16.65
N GLY D 493 -22.91 4.90 -17.03
CA GLY D 493 -23.65 6.00 -17.58
C GLY D 493 -23.84 5.85 -19.07
N PRO D 494 -24.62 6.74 -19.68
CA PRO D 494 -24.81 6.68 -21.13
C PRO D 494 -23.55 7.15 -21.85
N PHE D 495 -23.12 6.38 -22.84
CA PHE D 495 -21.92 6.76 -23.58
C PHE D 495 -22.31 7.76 -24.65
N GLN D 496 -21.54 8.84 -24.74
CA GLN D 496 -21.81 9.93 -25.68
C GLN D 496 -20.78 9.89 -26.79
N SER D 497 -21.25 9.82 -28.02
CA SER D 497 -20.40 9.96 -29.19
C SER D 497 -20.55 11.37 -29.75
N ILE D 498 -19.45 11.90 -30.28
CA ILE D 498 -19.48 13.20 -30.94
C ILE D 498 -19.70 13.09 -32.44
N PHE D 499 -19.89 11.88 -32.95
CA PHE D 499 -20.14 11.67 -34.37
C PHE D 499 -21.62 11.38 -34.62
#